data_8W9W
#
_entry.id   8W9W
#
_cell.length_a   1.00
_cell.length_b   1.00
_cell.length_c   1.00
_cell.angle_alpha   90.00
_cell.angle_beta   90.00
_cell.angle_gamma   90.00
#
_symmetry.space_group_name_H-M   'P 1'
#
loop_
_entity.id
_entity.type
_entity.pdbx_description
1 polymer 'Sphingomyelin synthase-related protein 1'
2 non-polymer ~{N}-[(~{Z},2~{S},3~{R})-1,3-bis(oxidanyl)heptadec-4-en-2-yl]dodecanamide
3 non-polymer 'PHOSPHORIC ACID MONO-(2-AMINO-ETHYL) ESTER'
#
_entity_poly.entity_id   1
_entity_poly.type   'polypeptide(L)'
_entity_poly.pdbx_seq_one_letter_code
;RLDPEYWKTILSCIYVFIVFGFTSFIMVIVHERVPDMQTYPPLPDIFLDSVPRIPWAFAMTEVCGMILCYIWLLVLLLHK
HRSILLRRLCSLMGTVFLLRCFTMFVTSLSVPGQHLQCTGKIYGSVWEKLHRAFAIWSGFGMTLTGVHTCGDYMFSGHTV
VLTMLNFFVTEYTPRSWNFLHTLSWVLNLFGIFFILAAHEHYSIDVFIAFYITTRLFLYYHTLANTRAYQQSRRARIWFP
MFSFFECNVNGTVPNEYCWPFSKP
;
_entity_poly.pdbx_strand_id   A,B,C,D,E,F
#
# COMPACT_ATOMS: atom_id res chain seq x y z
N ARG A 1 -3.36 -26.02 21.89
CA ARG A 1 -4.32 -25.54 22.88
C ARG A 1 -4.15 -24.06 23.15
N LEU A 2 -5.28 -23.35 23.25
CA LEU A 2 -5.28 -21.92 23.52
C LEU A 2 -5.00 -21.69 24.99
N ASP A 3 -3.84 -21.11 25.30
CA ASP A 3 -3.45 -20.84 26.68
C ASP A 3 -3.58 -19.34 26.92
N PRO A 4 -4.57 -18.88 27.68
CA PRO A 4 -4.67 -17.45 27.97
C PRO A 4 -3.59 -16.99 28.93
N GLU A 5 -2.59 -16.26 28.41
CA GLU A 5 -1.48 -15.79 29.22
C GLU A 5 -1.75 -14.36 29.65
N TYR A 6 -1.81 -14.14 30.96
CA TYR A 6 -2.15 -12.84 31.51
C TYR A 6 -0.95 -11.94 31.72
N TRP A 7 0.27 -12.44 31.53
CA TRP A 7 1.47 -11.66 31.75
C TRP A 7 2.01 -11.02 30.48
N LYS A 8 1.36 -11.25 29.34
CA LYS A 8 1.74 -10.57 28.09
C LYS A 8 0.85 -9.40 27.76
N THR A 9 -0.42 -9.43 28.19
CA THR A 9 -1.33 -8.33 27.89
C THR A 9 -0.86 -7.02 28.53
N ILE A 10 -0.31 -7.10 29.75
CA ILE A 10 0.22 -5.91 30.39
C ILE A 10 1.38 -5.34 29.58
N LEU A 11 2.23 -6.21 29.05
CA LEU A 11 3.32 -5.75 28.19
C LEU A 11 2.78 -5.04 26.95
N SER A 12 1.73 -5.60 26.35
CA SER A 12 1.14 -4.97 25.16
C SER A 12 0.55 -3.60 25.49
N CYS A 13 -0.13 -3.49 26.63
CA CYS A 13 -0.69 -2.20 27.03
C CYS A 13 0.41 -1.18 27.29
N ILE A 14 1.50 -1.60 27.93
CA ILE A 14 2.62 -0.70 28.16
C ILE A 14 3.23 -0.25 26.83
N TYR A 15 3.35 -1.19 25.88
CA TYR A 15 3.89 -0.86 24.57
C TYR A 15 3.01 0.17 23.86
N VAL A 16 1.69 0.00 23.93
CA VAL A 16 0.79 0.97 23.30
C VAL A 16 0.89 2.33 23.98
N PHE A 17 0.98 2.34 25.30
CA PHE A 17 1.10 3.63 26.01
C PHE A 17 2.39 4.35 25.61
N ILE A 18 3.49 3.61 25.52
CA ILE A 18 4.76 4.22 25.11
C ILE A 18 4.64 4.76 23.69
N VAL A 19 4.03 4.00 22.78
CA VAL A 19 3.88 4.46 21.41
C VAL A 19 3.05 5.73 21.35
N PHE A 20 1.96 5.78 22.12
CA PHE A 20 1.11 6.98 22.12
C PHE A 20 1.84 8.18 22.66
N GLY A 21 2.62 8.01 23.73
CA GLY A 21 3.41 9.12 24.24
C GLY A 21 4.44 9.61 23.23
N PHE A 22 5.10 8.67 22.55
CA PHE A 22 6.07 9.05 21.53
C PHE A 22 5.39 9.81 20.39
N THR A 23 4.21 9.37 19.99
CA THR A 23 3.48 10.06 18.92
C THR A 23 3.12 11.48 19.34
N SER A 24 2.66 11.65 20.58
CA SER A 24 2.33 12.99 21.06
C SER A 24 3.55 13.90 21.06
N PHE A 25 4.68 13.39 21.55
CA PHE A 25 5.89 14.21 21.58
C PHE A 25 6.35 14.56 20.17
N ILE A 26 6.27 13.61 19.24
CA ILE A 26 6.68 13.87 17.86
C ILE A 26 5.78 14.91 17.22
N MET A 27 4.47 14.85 17.47
CA MET A 27 3.58 15.87 16.95
C MET A 27 3.91 17.24 17.52
N VAL A 28 4.20 17.29 18.83
CA VAL A 28 4.56 18.57 19.45
C VAL A 28 5.82 19.14 18.81
N ILE A 29 6.82 18.29 18.56
CA ILE A 29 8.05 18.76 17.93
C ILE A 29 7.78 19.23 16.51
N VAL A 30 6.95 18.48 15.76
CA VAL A 30 6.71 18.79 14.36
C VAL A 30 5.98 20.12 14.21
N HIS A 31 5.11 20.44 15.18
CA HIS A 31 4.34 21.68 15.08
C HIS A 31 5.22 22.92 15.06
N GLU A 32 6.49 22.81 15.49
CA GLU A 32 7.39 23.95 15.50
C GLU A 32 8.11 24.19 14.17
N ARG A 33 8.23 23.17 13.32
CA ARG A 33 9.07 23.29 12.14
C ARG A 33 8.58 24.34 11.16
N VAL A 34 7.32 24.73 11.23
CA VAL A 34 6.74 25.74 10.35
C VAL A 34 6.26 26.91 11.20
N PRO A 35 6.64 28.15 10.88
CA PRO A 35 6.25 29.28 11.73
C PRO A 35 4.75 29.53 11.79
N ASP A 36 4.12 29.79 10.64
CA ASP A 36 2.72 30.17 10.64
C ASP A 36 1.81 28.97 10.41
N MET A 37 1.92 28.33 9.25
CA MET A 37 1.06 27.23 8.83
C MET A 37 -0.42 27.62 8.84
N GLN A 38 -0.73 28.91 8.96
CA GLN A 38 -2.10 29.39 9.04
C GLN A 38 -2.36 30.59 8.13
N THR A 39 -1.38 30.98 7.32
CA THR A 39 -1.55 32.08 6.38
C THR A 39 -1.57 31.65 4.94
N TYR A 40 -1.14 30.42 4.63
CA TYR A 40 -1.11 29.93 3.28
C TYR A 40 -2.54 29.74 2.77
N PRO A 41 -2.75 29.78 1.45
CA PRO A 41 -4.05 29.39 0.90
C PRO A 41 -4.14 27.89 0.73
N PRO A 42 -5.30 27.30 0.99
CA PRO A 42 -5.42 25.85 0.95
C PRO A 42 -5.18 25.29 -0.44
N LEU A 43 -4.61 24.08 -0.49
CA LEU A 43 -4.38 23.41 -1.75
C LEU A 43 -5.70 22.97 -2.37
N PRO A 44 -5.81 22.99 -3.70
CA PRO A 44 -7.09 22.67 -4.33
C PRO A 44 -7.44 21.19 -4.25
N ASP A 45 -8.45 20.86 -3.45
CA ASP A 45 -8.97 19.51 -3.33
C ASP A 45 -10.35 19.45 -3.98
N ILE A 46 -10.80 18.22 -4.25
CA ILE A 46 -12.10 18.04 -4.89
C ILE A 46 -13.24 17.86 -3.88
N PHE A 47 -12.94 17.54 -2.63
CA PHE A 47 -13.94 17.45 -1.58
C PHE A 47 -13.98 18.71 -0.71
N LEU A 48 -12.82 19.31 -0.45
CA LEU A 48 -12.77 20.52 0.36
C LEU A 48 -13.29 21.75 -0.38
N ASP A 49 -13.50 21.66 -1.69
CA ASP A 49 -13.96 22.80 -2.49
C ASP A 49 -15.42 22.72 -2.89
N SER A 50 -16.06 21.56 -2.76
CA SER A 50 -17.46 21.42 -3.11
C SER A 50 -18.38 21.66 -1.91
N VAL A 51 -18.01 21.15 -0.74
CA VAL A 51 -18.85 21.21 0.45
C VAL A 51 -18.25 22.25 1.40
N PRO A 52 -18.87 23.41 1.56
CA PRO A 52 -18.48 24.33 2.61
C PRO A 52 -18.32 23.68 3.98
N ARG A 53 -17.61 24.39 4.86
CA ARG A 53 -17.32 23.88 6.19
C ARG A 53 -18.60 23.74 7.01
N ILE A 54 -18.68 22.63 7.74
CA ILE A 54 -19.77 22.38 8.68
C ILE A 54 -19.18 22.45 10.09
N PRO A 55 -19.55 23.46 10.88
CA PRO A 55 -18.88 23.64 12.18
C PRO A 55 -19.03 22.48 13.14
N TRP A 56 -20.16 21.76 13.09
CA TRP A 56 -20.45 20.71 14.07
C TRP A 56 -20.15 19.31 13.54
N ALA A 57 -19.45 19.20 12.41
CA ALA A 57 -19.26 17.91 11.77
C ALA A 57 -18.10 17.10 12.36
N PHE A 58 -17.38 17.63 13.34
CA PHE A 58 -16.26 16.91 13.91
C PHE A 58 -16.62 16.10 15.15
N ALA A 59 -17.65 16.49 15.88
CA ALA A 59 -18.03 15.75 17.07
C ALA A 59 -18.73 14.45 16.74
N MET A 60 -19.39 14.38 15.59
CA MET A 60 -20.06 13.14 15.18
C MET A 60 -19.06 12.02 14.95
N THR A 61 -17.85 12.35 14.47
CA THR A 61 -16.82 11.33 14.31
C THR A 61 -16.46 10.71 15.66
N GLU A 62 -16.28 11.53 16.68
CA GLU A 62 -15.96 11.00 18.00
C GLU A 62 -17.15 10.28 18.62
N VAL A 63 -18.38 10.69 18.28
CA VAL A 63 -19.55 9.96 18.74
C VAL A 63 -19.57 8.56 18.14
N CYS A 64 -19.29 8.46 16.84
CA CYS A 64 -19.22 7.15 16.19
C CYS A 64 -18.10 6.31 16.80
N GLY A 65 -16.97 6.94 17.07
CA GLY A 65 -15.88 6.22 17.73
C GLY A 65 -16.28 5.70 19.10
N MET A 66 -17.01 6.51 19.87
CA MET A 66 -17.46 6.08 21.19
C MET A 66 -18.44 4.91 21.07
N ILE A 67 -19.34 4.97 20.10
CA ILE A 67 -20.30 3.87 19.90
C ILE A 67 -19.55 2.58 19.53
N LEU A 68 -18.58 2.68 18.62
CA LEU A 68 -17.82 1.51 18.23
C LEU A 68 -17.01 0.96 19.40
N CYS A 69 -16.44 1.85 20.23
CA CYS A 69 -15.71 1.39 21.40
C CYS A 69 -16.61 0.68 22.38
N TYR A 70 -17.83 1.19 22.59
CA TYR A 70 -18.78 0.53 23.47
C TYR A 70 -19.14 -0.85 22.95
N ILE A 71 -19.39 -0.97 21.65
CA ILE A 71 -19.71 -2.28 21.07
C ILE A 71 -18.53 -3.23 21.21
N TRP A 72 -17.31 -2.73 20.99
CA TRP A 72 -16.13 -3.58 21.11
C TRP A 72 -15.92 -4.03 22.54
N LEU A 73 -16.17 -3.15 23.52
CA LEU A 73 -16.08 -3.56 24.91
C LEU A 73 -17.12 -4.62 25.24
N LEU A 74 -18.33 -4.48 24.71
CA LEU A 74 -19.34 -5.49 24.92
C LEU A 74 -18.91 -6.83 24.34
N VAL A 75 -18.33 -6.81 23.15
CA VAL A 75 -17.85 -8.04 22.52
C VAL A 75 -16.74 -8.67 23.36
N LEU A 76 -15.81 -7.85 23.86
CA LEU A 76 -14.71 -8.36 24.66
C LEU A 76 -15.19 -8.94 25.97
N LEU A 77 -16.28 -8.40 26.53
CA LEU A 77 -16.78 -8.90 27.81
C LEU A 77 -17.29 -10.33 27.69
N LEU A 78 -17.95 -10.65 26.57
CA LEU A 78 -18.66 -11.92 26.40
C LEU A 78 -17.92 -12.88 25.49
N HIS A 79 -16.59 -12.92 25.58
CA HIS A 79 -15.79 -13.80 24.75
C HIS A 79 -14.94 -14.73 25.62
N LYS A 80 -14.78 -15.97 25.15
CA LYS A 80 -13.91 -16.91 25.86
C LYS A 80 -12.46 -16.44 25.85
N HIS A 81 -11.93 -16.13 24.67
CA HIS A 81 -10.53 -15.76 24.51
C HIS A 81 -10.39 -14.24 24.40
N ARG A 82 -10.67 -13.57 25.52
CA ARG A 82 -10.57 -12.11 25.54
C ARG A 82 -9.11 -11.66 25.53
N SER A 83 -8.23 -12.41 26.18
CA SER A 83 -6.84 -11.98 26.31
C SER A 83 -6.16 -11.90 24.95
N ILE A 84 -6.41 -12.87 24.07
CA ILE A 84 -5.78 -12.86 22.76
C ILE A 84 -6.27 -11.67 21.95
N LEU A 85 -7.56 -11.35 22.04
CA LEU A 85 -8.09 -10.20 21.32
C LEU A 85 -7.44 -8.91 21.81
N LEU A 86 -7.32 -8.76 23.13
CA LEU A 86 -6.72 -7.54 23.68
C LEU A 86 -5.23 -7.47 23.34
N ARG A 87 -4.57 -8.60 23.19
CA ARG A 87 -3.16 -8.58 22.83
C ARG A 87 -2.98 -8.23 21.35
N ARG A 88 -3.87 -8.70 20.49
CA ARG A 88 -3.80 -8.40 19.07
C ARG A 88 -4.14 -6.95 18.76
N LEU A 89 -5.19 -6.40 19.39
CA LEU A 89 -5.57 -5.03 19.09
C LEU A 89 -4.43 -4.06 19.39
N CYS A 90 -3.83 -4.19 20.57
CA CYS A 90 -2.71 -3.33 20.93
C CYS A 90 -1.51 -3.57 20.03
N SER A 91 -1.20 -4.84 19.71
CA SER A 91 -0.05 -5.09 18.86
C SER A 91 -0.24 -4.49 17.47
N LEU A 92 -1.49 -4.32 17.01
CA LEU A 92 -1.70 -3.69 15.71
C LEU A 92 -1.66 -2.16 15.80
N MET A 93 -2.31 -1.60 16.82
CA MET A 93 -2.38 -0.15 16.95
C MET A 93 -1.01 0.47 17.16
N GLY A 94 -0.14 -0.21 17.93
CA GLY A 94 1.20 0.31 18.12
C GLY A 94 1.95 0.47 16.81
N THR A 95 1.91 -0.56 15.96
CA THR A 95 2.61 -0.50 14.68
C THR A 95 2.02 0.59 13.79
N VAL A 96 0.69 0.68 13.74
CA VAL A 96 0.09 1.69 12.87
C VAL A 96 0.46 3.09 13.32
N PHE A 97 0.48 3.33 14.63
CA PHE A 97 0.83 4.67 15.11
C PHE A 97 2.32 4.95 14.93
N LEU A 98 3.18 3.93 14.98
CA LEU A 98 4.58 4.14 14.64
C LEU A 98 4.73 4.56 13.18
N LEU A 99 3.98 3.92 12.28
CA LEU A 99 4.00 4.36 10.89
C LEU A 99 3.51 5.79 10.76
N ARG A 100 2.49 6.15 11.54
CA ARG A 100 2.00 7.54 11.53
C ARG A 100 3.09 8.50 11.96
N CYS A 101 3.85 8.16 13.00
CA CYS A 101 4.95 9.01 13.44
C CYS A 101 5.98 9.19 12.34
N PHE A 102 6.34 8.09 11.67
CA PHE A 102 7.35 8.16 10.62
C PHE A 102 6.90 9.05 9.47
N THR A 103 5.65 8.86 9.01
CA THR A 103 5.17 9.66 7.88
C THR A 103 4.79 11.08 8.27
N MET A 104 4.63 11.36 9.57
CA MET A 104 4.49 12.74 10.02
C MET A 104 5.84 13.44 10.05
N PHE A 105 6.89 12.73 10.45
CA PHE A 105 8.20 13.36 10.50
C PHE A 105 8.80 13.54 9.12
N VAL A 106 8.47 12.65 8.17
CA VAL A 106 9.01 12.77 6.82
C VAL A 106 8.54 14.07 6.16
N THR A 107 7.23 14.32 6.19
CA THR A 107 6.68 15.55 5.62
C THR A 107 5.45 15.97 6.42
N SER A 108 5.25 17.29 6.50
CA SER A 108 4.14 17.88 7.24
C SER A 108 3.16 18.48 6.26
N LEU A 109 1.91 18.02 6.30
CA LEU A 109 0.87 18.45 5.38
C LEU A 109 -0.37 18.79 6.20
N SER A 110 -0.55 20.08 6.48
CA SER A 110 -1.64 20.56 7.32
C SER A 110 -2.68 21.29 6.47
N VAL A 111 -3.75 21.74 7.12
CA VAL A 111 -4.83 22.47 6.47
C VAL A 111 -4.67 23.94 6.81
N PRO A 112 -4.40 24.80 5.83
CA PRO A 112 -4.08 26.21 6.15
C PRO A 112 -5.29 27.09 6.39
N GLY A 113 -5.76 27.16 7.64
CA GLY A 113 -6.81 28.11 7.96
C GLY A 113 -7.82 27.69 9.00
N GLN A 114 -7.87 26.41 9.34
CA GLN A 114 -8.77 25.94 10.38
C GLN A 114 -8.09 26.00 11.74
N HIS A 115 -8.89 26.26 12.78
CA HIS A 115 -8.40 26.50 14.14
C HIS A 115 -7.32 27.58 14.16
N LEU A 116 -7.54 28.64 13.38
CA LEU A 116 -6.57 29.72 13.28
C LEU A 116 -6.51 30.57 14.54
N GLN A 117 -7.43 30.39 15.48
CA GLN A 117 -7.47 31.18 16.70
C GLN A 117 -6.63 30.60 17.83
N CYS A 118 -6.15 29.37 17.69
CA CYS A 118 -5.46 28.70 18.80
C CYS A 118 -4.22 29.48 19.20
N THR A 119 -4.06 29.69 20.51
CA THR A 119 -3.00 30.50 21.06
C THR A 119 -1.84 29.60 21.51
N GLY A 120 -0.88 30.20 22.21
CA GLY A 120 0.29 29.47 22.68
C GLY A 120 1.49 29.70 21.79
N LYS A 121 1.99 28.62 21.18
CA LYS A 121 3.06 28.68 20.18
C LYS A 121 4.38 29.14 20.80
N ILE A 122 5.49 28.91 20.08
CA ILE A 122 6.86 29.23 20.45
C ILE A 122 7.09 29.00 21.95
N TYR A 123 6.89 27.76 22.38
CA TYR A 123 7.28 27.32 23.71
C TYR A 123 8.66 26.67 23.68
N GLY A 124 9.64 27.39 23.13
CA GLY A 124 10.93 26.79 22.89
C GLY A 124 11.78 26.56 24.12
N SER A 125 11.85 25.28 24.54
CA SER A 125 12.79 24.80 25.54
C SER A 125 12.58 23.30 25.68
N VAL A 126 13.30 22.67 26.61
CA VAL A 126 13.06 21.27 26.90
C VAL A 126 12.03 21.08 28.02
N TRP A 127 11.84 22.09 28.87
CA TRP A 127 11.05 21.94 30.09
C TRP A 127 9.55 21.93 29.83
N GLU A 128 9.04 22.79 28.94
CA GLU A 128 7.59 22.90 28.76
C GLU A 128 7.05 22.25 27.49
N LYS A 129 7.91 21.79 26.57
CA LYS A 129 7.40 20.97 25.48
C LYS A 129 6.82 19.68 26.01
N LEU A 130 7.46 19.09 27.02
CA LEU A 130 6.92 17.90 27.65
C LEU A 130 5.57 18.17 28.30
N HIS A 131 5.32 19.41 28.73
CA HIS A 131 4.01 19.74 29.26
C HIS A 131 2.93 19.65 28.18
N ARG A 132 3.21 20.19 27.00
CA ARG A 132 2.26 20.07 25.90
C ARG A 132 2.07 18.61 25.49
N ALA A 133 3.16 17.84 25.46
CA ALA A 133 3.05 16.42 25.14
C ALA A 133 2.19 15.69 26.16
N PHE A 134 2.38 16.00 27.45
CA PHE A 134 1.59 15.36 28.49
C PHE A 134 0.12 15.76 28.39
N ALA A 135 -0.16 17.02 28.05
CA ALA A 135 -1.54 17.44 27.86
C ALA A 135 -2.20 16.68 26.72
N ILE A 136 -1.53 16.61 25.58
CA ILE A 136 -2.10 15.89 24.43
C ILE A 136 -2.26 14.41 24.75
N TRP A 137 -1.33 13.84 25.51
CA TRP A 137 -1.43 12.43 25.89
C TRP A 137 -2.61 12.20 26.81
N SER A 138 -2.61 12.84 27.98
CA SER A 138 -3.72 12.71 28.92
C SER A 138 -4.80 13.76 28.65
N GLY A 139 -5.16 13.88 27.38
CA GLY A 139 -6.39 14.52 26.97
C GLY A 139 -7.07 13.65 25.93
N PHE A 140 -6.37 12.58 25.55
CA PHE A 140 -6.81 11.58 24.58
C PHE A 140 -6.97 12.14 23.17
N GLY A 141 -6.60 13.39 22.94
CA GLY A 141 -6.62 13.95 21.61
C GLY A 141 -7.98 14.33 21.07
N MET A 142 -9.05 14.08 21.82
CA MET A 142 -10.39 14.40 21.37
C MET A 142 -10.68 15.89 21.53
N THR A 143 -11.57 16.40 20.68
CA THR A 143 -11.96 17.80 20.77
C THR A 143 -13.03 18.05 21.81
N LEU A 144 -13.71 17.02 22.30
CA LEU A 144 -14.71 17.21 23.35
C LEU A 144 -14.07 17.71 24.63
N THR A 145 -13.04 17.01 25.09
CA THR A 145 -12.16 17.52 26.13
C THR A 145 -11.07 18.31 25.43
N GLY A 146 -11.22 19.64 25.39
CA GLY A 146 -10.42 20.44 24.49
C GLY A 146 -8.93 20.37 24.74
N VAL A 147 -8.24 19.61 23.88
CA VAL A 147 -6.79 19.59 23.79
C VAL A 147 -6.41 19.89 22.34
N HIS A 148 -7.17 19.33 21.40
CA HIS A 148 -6.94 19.52 19.97
C HIS A 148 -7.38 20.93 19.61
N THR A 149 -6.50 21.89 19.92
CA THR A 149 -6.79 23.30 19.72
C THR A 149 -6.27 23.84 18.40
N CYS A 150 -5.11 23.37 17.95
CA CYS A 150 -4.55 23.76 16.66
C CYS A 150 -4.80 22.64 15.64
N GLY A 151 -4.20 22.77 14.46
CA GLY A 151 -4.48 21.86 13.38
C GLY A 151 -3.81 20.50 13.56
N ASP A 152 -4.15 19.59 12.65
CA ASP A 152 -3.62 18.23 12.64
C ASP A 152 -2.85 18.00 11.35
N TYR A 153 -1.96 17.01 11.37
CA TYR A 153 -1.02 16.76 10.28
C TYR A 153 -1.40 15.47 9.54
N MET A 154 -0.52 15.07 8.61
CA MET A 154 -0.79 13.97 7.70
C MET A 154 -1.01 12.66 8.47
N PHE A 155 -1.67 11.71 7.80
CA PHE A 155 -1.97 10.39 8.35
C PHE A 155 -2.81 10.52 9.63
N SER A 156 -4.03 10.97 9.43
CA SER A 156 -4.95 11.22 10.54
C SER A 156 -5.18 9.95 11.34
N GLY A 157 -5.31 10.10 12.66
CA GLY A 157 -5.49 8.97 13.54
C GLY A 157 -6.94 8.59 13.80
N HIS A 158 -7.86 9.54 13.60
CA HIS A 158 -9.27 9.23 13.80
C HIS A 158 -9.73 8.13 12.85
N THR A 159 -9.36 8.24 11.58
CA THR A 159 -9.71 7.22 10.61
C THR A 159 -9.07 5.88 10.96
N VAL A 160 -7.82 5.92 11.44
CA VAL A 160 -7.13 4.69 11.83
C VAL A 160 -7.91 3.99 12.93
N VAL A 161 -8.27 4.72 13.99
CA VAL A 161 -8.97 4.11 15.11
C VAL A 161 -10.33 3.59 14.67
N LEU A 162 -11.07 4.38 13.88
CA LEU A 162 -12.38 3.97 13.45
C LEU A 162 -12.31 2.69 12.62
N THR A 163 -11.38 2.65 11.66
CA THR A 163 -11.27 1.47 10.80
C THR A 163 -10.82 0.24 11.58
N MET A 164 -9.87 0.41 12.51
CA MET A 164 -9.40 -0.74 13.27
C MET A 164 -10.51 -1.30 14.15
N LEU A 165 -11.23 -0.43 14.85
CA LEU A 165 -12.31 -0.90 15.70
C LEU A 165 -13.43 -1.55 14.87
N ASN A 166 -13.75 -0.96 13.72
CA ASN A 166 -14.77 -1.54 12.87
C ASN A 166 -14.36 -2.90 12.36
N PHE A 167 -13.10 -3.07 11.95
CA PHE A 167 -12.65 -4.37 11.47
C PHE A 167 -12.63 -5.40 12.58
N PHE A 168 -12.22 -5.01 13.79
CA PHE A 168 -12.20 -5.95 14.90
C PHE A 168 -13.62 -6.36 15.29
N VAL A 169 -14.57 -5.42 15.27
CA VAL A 169 -15.95 -5.76 15.58
C VAL A 169 -16.53 -6.68 14.51
N THR A 170 -16.27 -6.36 13.24
CA THR A 170 -16.82 -7.17 12.15
C THR A 170 -16.25 -8.58 12.18
N GLU A 171 -14.95 -8.74 12.40
CA GLU A 171 -14.38 -10.06 12.16
C GLU A 171 -14.65 -11.00 13.33
N TYR A 172 -14.67 -10.50 14.58
CA TYR A 172 -14.77 -11.33 15.79
C TYR A 172 -16.20 -11.47 16.28
N THR A 173 -17.17 -11.54 15.38
CA THR A 173 -18.54 -11.88 15.71
C THR A 173 -18.99 -13.03 14.82
N PRO A 174 -19.97 -13.82 15.27
CA PRO A 174 -20.39 -14.99 14.48
C PRO A 174 -20.86 -14.57 13.09
N ARG A 175 -20.58 -15.41 12.11
CA ARG A 175 -20.86 -15.07 10.72
C ARG A 175 -22.32 -15.34 10.37
N SER A 176 -23.24 -14.84 11.22
CA SER A 176 -24.66 -14.89 10.93
C SER A 176 -25.38 -13.63 11.40
N TRP A 177 -24.64 -12.63 11.89
CA TRP A 177 -25.20 -11.41 12.44
C TRP A 177 -25.14 -10.26 11.45
N ASN A 178 -25.41 -10.52 10.17
CA ASN A 178 -25.07 -9.54 9.14
C ASN A 178 -26.04 -8.37 9.05
N PHE A 179 -26.38 -7.83 10.21
CA PHE A 179 -26.92 -6.49 10.35
C PHE A 179 -26.07 -5.62 11.26
N LEU A 180 -25.41 -6.22 12.26
CA LEU A 180 -24.40 -5.51 13.02
C LEU A 180 -23.23 -5.11 12.14
N HIS A 181 -22.83 -5.99 11.21
CA HIS A 181 -21.74 -5.66 10.29
C HIS A 181 -22.09 -4.45 9.43
N THR A 182 -23.32 -4.42 8.89
CA THR A 182 -23.75 -3.30 8.09
C THR A 182 -23.82 -2.02 8.92
N LEU A 183 -24.29 -2.12 10.16
CA LEU A 183 -24.33 -0.94 11.03
C LEU A 183 -22.93 -0.40 11.29
N SER A 184 -21.97 -1.28 11.56
CA SER A 184 -20.60 -0.84 11.81
C SER A 184 -19.99 -0.22 10.56
N TRP A 185 -20.26 -0.81 9.39
CA TRP A 185 -19.75 -0.24 8.14
C TRP A 185 -20.33 1.15 7.91
N VAL A 186 -21.63 1.31 8.16
CA VAL A 186 -22.26 2.61 7.98
C VAL A 186 -21.67 3.64 8.95
N LEU A 187 -21.45 3.23 10.20
CA LEU A 187 -20.86 4.15 11.17
C LEU A 187 -19.46 4.59 10.75
N ASN A 188 -18.64 3.63 10.31
CA ASN A 188 -17.29 3.98 9.88
C ASN A 188 -17.30 4.91 8.68
N LEU A 189 -18.17 4.61 7.69
CA LEU A 189 -18.24 5.45 6.50
C LEU A 189 -18.72 6.86 6.84
N PHE A 190 -19.70 6.97 7.73
CA PHE A 190 -20.18 8.29 8.13
C PHE A 190 -19.11 9.05 8.89
N GLY A 191 -18.35 8.37 9.75
CA GLY A 191 -17.25 9.04 10.42
C GLY A 191 -16.20 9.57 9.47
N ILE A 192 -15.83 8.76 8.47
CA ILE A 192 -14.86 9.22 7.48
C ILE A 192 -15.42 10.39 6.68
N PHE A 193 -16.68 10.31 6.28
CA PHE A 193 -17.28 11.40 5.52
C PHE A 193 -17.32 12.69 6.33
N PHE A 194 -17.62 12.58 7.62
CA PHE A 194 -17.69 13.79 8.45
C PHE A 194 -16.31 14.37 8.70
N ILE A 195 -15.29 13.52 8.91
CA ILE A 195 -13.95 14.07 9.09
C ILE A 195 -13.45 14.71 7.81
N LEU A 196 -13.90 14.21 6.64
CA LEU A 196 -13.51 14.86 5.38
C LEU A 196 -14.26 16.15 5.15
N ALA A 197 -15.54 16.20 5.51
CA ALA A 197 -16.38 17.38 5.29
C ALA A 197 -16.26 18.42 6.39
N ALA A 198 -15.51 18.13 7.46
CA ALA A 198 -15.26 19.12 8.50
C ALA A 198 -14.04 19.98 8.20
N HIS A 199 -13.46 19.84 7.01
CA HIS A 199 -12.26 20.58 6.61
C HIS A 199 -11.12 20.34 7.59
N GLU A 200 -10.83 19.08 7.85
CA GLU A 200 -9.78 18.70 8.79
C GLU A 200 -8.62 17.99 8.15
N HIS A 201 -8.82 17.29 7.04
CA HIS A 201 -7.76 16.55 6.39
C HIS A 201 -8.03 16.51 4.90
N TYR A 202 -6.95 16.41 4.12
CA TYR A 202 -7.09 16.26 2.68
C TYR A 202 -7.59 14.86 2.34
N SER A 203 -8.10 14.71 1.12
CA SER A 203 -8.67 13.43 0.71
C SER A 203 -7.61 12.34 0.67
N ILE A 204 -6.41 12.68 0.21
CA ILE A 204 -5.36 11.67 0.08
C ILE A 204 -4.95 11.16 1.46
N ASP A 205 -4.94 12.03 2.47
CA ASP A 205 -4.60 11.58 3.82
C ASP A 205 -5.54 10.50 4.30
N VAL A 206 -6.85 10.76 4.19
CA VAL A 206 -7.84 9.80 4.63
C VAL A 206 -7.76 8.51 3.82
N PHE A 207 -7.60 8.63 2.50
CA PHE A 207 -7.55 7.44 1.66
C PHE A 207 -6.36 6.56 2.02
N ILE A 208 -5.16 7.15 2.16
CA ILE A 208 -4.00 6.34 2.47
C ILE A 208 -4.08 5.78 3.88
N ALA A 209 -4.65 6.53 4.83
CA ALA A 209 -4.81 5.98 6.17
C ALA A 209 -5.74 4.77 6.17
N PHE A 210 -6.86 4.87 5.46
CA PHE A 210 -7.78 3.74 5.37
C PHE A 210 -7.11 2.54 4.72
N TYR A 211 -6.39 2.77 3.61
CA TYR A 211 -5.75 1.66 2.92
C TYR A 211 -4.68 1.01 3.79
N ILE A 212 -3.89 1.81 4.49
CA ILE A 212 -2.81 1.25 5.31
C ILE A 212 -3.38 0.44 6.46
N THR A 213 -4.42 0.96 7.14
CA THR A 213 -5.02 0.19 8.22
C THR A 213 -5.62 -1.12 7.72
N THR A 214 -6.34 -1.07 6.60
CA THR A 214 -6.94 -2.29 6.07
C THR A 214 -5.88 -3.31 5.70
N ARG A 215 -4.83 -2.87 4.99
CA ARG A 215 -3.79 -3.80 4.56
C ARG A 215 -3.05 -4.40 5.74
N LEU A 216 -2.70 -3.59 6.74
CA LEU A 216 -1.99 -4.11 7.90
C LEU A 216 -2.85 -5.12 8.65
N PHE A 217 -4.14 -4.81 8.84
CA PHE A 217 -5.01 -5.73 9.55
C PHE A 217 -5.13 -7.06 8.82
N LEU A 218 -5.40 -7.00 7.51
CA LEU A 218 -5.57 -8.23 6.75
C LEU A 218 -4.28 -9.05 6.71
N TYR A 219 -3.14 -8.39 6.52
CA TYR A 219 -1.86 -9.11 6.48
C TYR A 219 -1.56 -9.78 7.82
N TYR A 220 -1.76 -9.06 8.92
CA TYR A 220 -1.48 -9.64 10.23
C TYR A 220 -2.39 -10.83 10.51
N HIS A 221 -3.68 -10.71 10.17
CA HIS A 221 -4.58 -11.82 10.46
C HIS A 221 -4.31 -13.01 9.55
N THR A 222 -3.94 -12.77 8.28
CA THR A 222 -3.57 -13.88 7.41
C THR A 222 -2.34 -14.60 7.94
N LEU A 223 -1.33 -13.84 8.38
CA LEU A 223 -0.13 -14.47 8.94
C LEU A 223 -0.46 -15.26 10.19
N ALA A 224 -1.33 -14.72 11.06
CA ALA A 224 -1.71 -15.44 12.27
C ALA A 224 -2.47 -16.72 11.94
N ASN A 225 -3.36 -16.67 10.95
CA ASN A 225 -4.17 -17.84 10.62
C ASN A 225 -3.35 -18.92 9.91
N THR A 226 -2.34 -18.53 9.12
CA THR A 226 -1.53 -19.50 8.39
C THR A 226 -0.39 -20.05 9.23
N ARG A 227 -0.32 -19.70 10.52
CA ARG A 227 0.69 -20.23 11.46
C ARG A 227 2.11 -20.08 10.92
N ALA A 228 2.31 -19.11 10.03
CA ALA A 228 3.61 -18.86 9.38
C ALA A 228 4.65 -18.28 10.33
N TYR A 229 4.36 -18.15 11.62
CA TYR A 229 5.36 -17.67 12.56
C TYR A 229 6.39 -18.73 12.91
N GLN A 230 6.08 -20.02 12.66
CA GLN A 230 7.02 -21.09 12.96
C GLN A 230 7.08 -22.15 11.87
N GLN A 231 6.31 -22.03 10.79
CA GLN A 231 6.30 -23.05 9.75
C GLN A 231 7.67 -23.16 9.08
N SER A 232 8.28 -22.04 8.75
CA SER A 232 9.58 -22.01 8.09
C SER A 232 10.09 -20.57 8.12
N ARG A 233 11.29 -20.37 7.59
CA ARG A 233 11.88 -19.03 7.47
C ARG A 233 11.40 -18.40 6.16
N ARG A 234 10.12 -18.02 6.15
CA ARG A 234 9.50 -17.51 4.93
C ARG A 234 9.99 -16.10 4.61
N ALA A 235 9.69 -15.14 5.50
CA ALA A 235 10.00 -13.75 5.20
C ALA A 235 10.55 -12.96 6.37
N ARG A 236 10.78 -13.58 7.54
CA ARG A 236 11.28 -12.88 8.72
C ARG A 236 10.38 -11.69 9.08
N ILE A 237 9.18 -12.04 9.52
CA ILE A 237 8.07 -11.11 9.76
C ILE A 237 8.55 -9.84 10.43
N TRP A 238 8.18 -8.70 9.86
CA TRP A 238 8.65 -7.39 10.30
C TRP A 238 7.75 -6.74 11.32
N PHE A 239 6.69 -7.41 11.74
CA PHE A 239 5.81 -6.84 12.76
C PHE A 239 6.55 -6.75 14.09
N PRO A 240 6.59 -5.59 14.72
CA PRO A 240 7.28 -5.46 16.02
C PRO A 240 6.61 -6.34 17.07
N MET A 241 7.40 -7.23 17.67
CA MET A 241 6.94 -8.13 18.73
C MET A 241 5.76 -8.98 18.25
N PHE A 242 5.98 -9.69 17.14
CA PHE A 242 4.95 -10.56 16.57
C PHE A 242 5.09 -11.99 17.04
N SER A 243 6.24 -12.62 16.80
CA SER A 243 6.43 -14.01 17.16
C SER A 243 6.34 -14.22 18.66
N PHE A 244 6.71 -13.22 19.45
CA PHE A 244 6.65 -13.34 20.90
C PHE A 244 5.20 -13.47 21.37
N PHE A 245 4.27 -12.76 20.71
CA PHE A 245 2.90 -12.70 21.19
C PHE A 245 2.06 -13.89 20.74
N GLU A 246 2.38 -14.48 19.59
CA GLU A 246 1.55 -15.54 19.01
C GLU A 246 2.25 -16.89 18.96
N CYS A 247 3.35 -17.07 19.69
CA CYS A 247 4.04 -18.36 19.67
C CYS A 247 3.23 -19.43 20.37
N ASN A 248 2.55 -19.08 21.46
CA ASN A 248 1.81 -20.06 22.25
C ASN A 248 0.44 -20.41 21.66
N VAL A 249 -0.02 -19.66 20.67
CA VAL A 249 -1.33 -19.89 20.07
C VAL A 249 -1.14 -20.61 18.74
N ASN A 250 -1.83 -21.73 18.56
CA ASN A 250 -1.77 -22.50 17.33
C ASN A 250 -3.12 -22.47 16.62
N GLY A 251 -3.08 -22.45 15.30
CA GLY A 251 -4.31 -22.44 14.53
C GLY A 251 -5.04 -21.11 14.63
N THR A 252 -6.35 -21.18 14.48
CA THR A 252 -7.22 -20.00 14.52
C THR A 252 -8.00 -19.98 15.83
N VAL A 253 -8.33 -18.78 16.28
CA VAL A 253 -9.08 -18.58 17.51
C VAL A 253 -10.57 -18.83 17.25
N PRO A 254 -11.22 -19.74 17.97
CA PRO A 254 -12.65 -19.97 17.74
C PRO A 254 -13.52 -18.85 18.26
N ASN A 255 -14.84 -19.02 18.19
CA ASN A 255 -15.77 -17.95 18.54
C ASN A 255 -16.72 -18.39 19.65
N GLU A 256 -16.20 -19.02 20.70
CA GLU A 256 -17.04 -19.47 21.80
C GLU A 256 -17.36 -18.31 22.73
N TYR A 257 -18.64 -18.18 23.08
CA TYR A 257 -19.11 -17.12 23.97
C TYR A 257 -19.50 -17.72 25.31
N CYS A 258 -19.31 -16.95 26.38
CA CYS A 258 -19.67 -17.39 27.72
C CYS A 258 -20.01 -16.15 28.56
N TRP A 259 -20.06 -16.34 29.87
CA TRP A 259 -20.27 -15.24 30.81
C TRP A 259 -19.23 -15.39 31.92
N PRO A 260 -18.26 -14.49 32.03
CA PRO A 260 -17.23 -14.63 33.07
C PRO A 260 -17.77 -14.53 34.48
N PHE A 261 -18.93 -13.92 34.68
CA PHE A 261 -19.52 -13.82 36.01
C PHE A 261 -20.14 -15.16 36.39
N SER A 262 -19.86 -15.62 37.60
CA SER A 262 -20.34 -16.91 38.09
C SER A 262 -21.54 -16.76 39.02
N LYS A 263 -22.32 -15.68 38.87
CA LYS A 263 -23.49 -15.42 39.69
C LYS A 263 -24.67 -15.14 38.77
N PRO A 264 -25.31 -16.19 38.22
CA PRO A 264 -26.45 -16.03 37.33
C PRO A 264 -27.67 -15.42 38.02
N ARG B 1 1.05 -25.12 -23.33
CA ARG B 1 2.10 -24.68 -24.25
C ARG B 1 2.08 -23.17 -24.41
N LEU B 2 3.27 -22.58 -24.44
CA LEU B 2 3.42 -21.13 -24.58
C LEU B 2 3.19 -20.75 -26.05
N ASP B 3 2.05 -20.14 -26.34
CA ASP B 3 1.72 -19.74 -27.69
C ASP B 3 1.92 -18.24 -27.81
N PRO B 4 2.92 -17.76 -28.55
CA PRO B 4 3.11 -16.32 -28.70
C PRO B 4 2.02 -15.68 -29.56
N GLU B 5 1.11 -14.94 -28.93
CA GLU B 5 0.01 -14.29 -29.63
C GLU B 5 0.51 -12.95 -30.18
N TYR B 6 0.68 -12.87 -31.49
CA TYR B 6 1.19 -11.67 -32.12
C TYR B 6 0.12 -10.61 -32.35
N TRP B 7 -1.16 -10.93 -32.13
CA TRP B 7 -2.23 -9.98 -32.34
C TRP B 7 -2.73 -9.35 -31.05
N LYS B 8 -2.18 -9.73 -29.90
CA LYS B 8 -2.53 -9.09 -28.63
C LYS B 8 -1.55 -8.01 -28.23
N THR B 9 -0.28 -8.12 -28.64
CA THR B 9 0.72 -7.12 -28.29
C THR B 9 0.36 -5.76 -28.88
N ILE B 10 -0.18 -5.74 -30.10
CA ILE B 10 -0.61 -4.49 -30.70
C ILE B 10 -1.71 -3.85 -29.87
N LEU B 11 -2.64 -4.67 -29.37
CA LEU B 11 -3.69 -4.16 -28.51
C LEU B 11 -3.12 -3.56 -27.23
N SER B 12 -2.11 -4.22 -26.65
CA SER B 12 -1.49 -3.69 -25.43
C SER B 12 -0.78 -2.37 -25.70
N CYS B 13 -0.08 -2.27 -26.83
CA CYS B 13 0.59 -1.02 -27.18
C CYS B 13 -0.42 0.11 -27.38
N ILE B 14 -1.53 -0.19 -28.07
CA ILE B 14 -2.57 0.81 -28.26
C ILE B 14 -3.16 1.24 -26.92
N TYR B 15 -3.38 0.29 -26.02
CA TYR B 15 -3.91 0.61 -24.70
C TYR B 15 -2.97 1.52 -23.94
N VAL B 16 -1.66 1.23 -23.99
CA VAL B 16 -0.69 2.09 -23.30
C VAL B 16 -0.67 3.48 -23.91
N PHE B 17 -0.72 3.57 -25.24
CA PHE B 17 -0.70 4.89 -25.87
C PHE B 17 -1.93 5.70 -25.47
N ILE B 18 -3.09 5.06 -25.44
CA ILE B 18 -4.32 5.75 -25.02
C ILE B 18 -4.20 6.22 -23.57
N VAL B 19 -3.67 5.36 -22.70
CA VAL B 19 -3.52 5.74 -21.29
C VAL B 19 -2.57 6.93 -21.16
N PHE B 20 -1.47 6.92 -21.90
CA PHE B 20 -0.52 8.02 -21.83
C PHE B 20 -1.14 9.32 -22.32
N GLY B 21 -1.90 9.27 -23.42
CA GLY B 21 -2.58 10.47 -23.89
C GLY B 21 -3.58 11.00 -22.87
N PHE B 22 -4.34 10.09 -22.25
CA PHE B 22 -5.29 10.51 -21.23
C PHE B 22 -4.57 11.15 -20.04
N THR B 23 -3.44 10.59 -19.62
CA THR B 23 -2.67 11.17 -18.53
C THR B 23 -2.18 12.57 -18.88
N SER B 24 -1.69 12.75 -20.10
CA SER B 24 -1.22 14.07 -20.51
C SER B 24 -2.36 15.09 -20.49
N PHE B 25 -3.52 14.71 -21.03
CA PHE B 25 -4.65 15.63 -21.03
C PHE B 25 -5.10 15.97 -19.62
N ILE B 26 -5.14 14.98 -18.74
CA ILE B 26 -5.60 15.23 -17.38
C ILE B 26 -4.61 16.11 -16.63
N MET B 27 -3.31 15.93 -16.87
CA MET B 27 -2.32 16.83 -16.29
C MET B 27 -2.52 18.27 -16.80
N VAL B 28 -2.78 18.40 -18.10
CA VAL B 28 -2.99 19.74 -18.67
C VAL B 28 -4.19 20.41 -18.01
N ILE B 29 -5.29 19.67 -17.86
CA ILE B 29 -6.50 20.29 -17.29
C ILE B 29 -6.31 20.55 -15.80
N VAL B 30 -5.54 19.71 -15.09
CA VAL B 30 -5.30 19.91 -13.67
C VAL B 30 -4.46 21.15 -13.44
N HIS B 31 -3.53 21.44 -14.35
CA HIS B 31 -2.63 22.59 -14.18
C HIS B 31 -3.39 23.91 -14.07
N GLU B 32 -4.62 23.98 -14.58
CA GLU B 32 -5.39 25.22 -14.55
C GLU B 32 -6.11 25.47 -13.23
N ARG B 33 -6.24 24.47 -12.36
CA ARG B 33 -7.08 24.64 -11.18
C ARG B 33 -6.50 25.62 -10.17
N VAL B 34 -5.20 25.91 -10.22
CA VAL B 34 -4.55 26.84 -9.32
C VAL B 34 -3.87 27.93 -10.16
N PRO B 35 -4.15 29.21 -9.91
CA PRO B 35 -3.62 30.26 -10.79
C PRO B 35 -2.10 30.38 -10.77
N ASP B 36 -1.52 30.60 -9.59
CA ASP B 36 -0.08 30.84 -9.49
C ASP B 36 0.69 29.55 -9.26
N MET B 37 0.47 28.88 -8.13
CA MET B 37 1.19 27.68 -7.73
C MET B 37 2.71 27.93 -7.74
N GLN B 38 3.13 29.19 -7.66
CA GLN B 38 4.55 29.53 -7.70
C GLN B 38 4.93 30.61 -6.70
N THR B 39 4.04 30.98 -5.79
CA THR B 39 4.32 32.02 -4.81
C THR B 39 4.29 31.51 -3.37
N TYR B 40 3.66 30.37 -3.11
CA TYR B 40 3.53 29.86 -1.75
C TYR B 40 4.91 29.45 -1.23
N PRO B 41 5.18 29.66 0.05
CA PRO B 41 6.37 29.04 0.66
C PRO B 41 6.30 27.54 0.57
N PRO B 42 7.41 26.87 0.32
CA PRO B 42 7.40 25.40 0.21
C PRO B 42 7.10 24.74 1.54
N LEU B 43 6.48 23.57 1.47
CA LEU B 43 6.18 22.81 2.68
C LEU B 43 7.48 22.29 3.30
N PRO B 44 7.56 22.25 4.63
CA PRO B 44 8.81 21.81 5.27
C PRO B 44 9.06 20.32 5.14
N ASP B 45 10.03 19.94 4.32
CA ASP B 45 10.44 18.57 4.16
C ASP B 45 11.80 18.35 4.81
N ILE B 46 12.14 17.09 5.05
CA ILE B 46 13.42 16.76 5.67
C ILE B 46 14.54 16.55 4.66
N PHE B 47 14.21 16.32 3.39
CA PHE B 47 15.22 16.20 2.34
C PHE B 47 15.37 17.47 1.53
N LEU B 48 14.27 18.17 1.27
CA LEU B 48 14.32 19.43 0.54
C LEU B 48 14.94 20.57 1.35
N ASP B 49 15.12 20.40 2.66
CA ASP B 49 15.67 21.45 3.50
C ASP B 49 17.11 21.21 3.92
N SER B 50 17.63 19.99 3.79
CA SER B 50 19.01 19.71 4.14
C SER B 50 19.95 19.91 2.96
N VAL B 51 19.56 19.48 1.77
CA VAL B 51 20.40 19.52 0.57
C VAL B 51 19.89 20.65 -0.32
N PRO B 52 20.59 21.77 -0.42
CA PRO B 52 20.26 22.76 -1.43
C PRO B 52 20.06 22.21 -2.83
N ARG B 53 19.45 23.02 -3.68
CA ARG B 53 19.15 22.62 -5.04
C ARG B 53 20.41 22.44 -5.86
N ILE B 54 20.46 21.38 -6.65
CA ILE B 54 21.54 21.13 -7.60
C ILE B 54 20.95 21.30 -9.00
N PRO B 55 21.42 22.27 -9.78
CA PRO B 55 20.76 22.57 -11.07
C PRO B 55 20.78 21.41 -12.06
N TRP B 56 21.82 20.58 -12.05
CA TRP B 56 21.99 19.54 -13.07
C TRP B 56 21.54 18.17 -12.59
N ALA B 57 20.83 18.08 -11.48
CA ALA B 57 20.47 16.79 -10.90
C ALA B 57 19.31 16.10 -11.61
N PHE B 58 18.67 16.75 -12.57
CA PHE B 58 17.51 16.16 -13.21
C PHE B 58 17.85 15.34 -14.45
N ALA B 59 18.91 15.70 -15.17
CA ALA B 59 19.26 14.95 -16.38
C ALA B 59 19.84 13.58 -16.05
N MET B 60 20.42 13.42 -14.85
CA MET B 60 20.98 12.13 -14.48
C MET B 60 19.90 11.07 -14.37
N THR B 61 18.70 11.44 -13.89
CA THR B 61 17.60 10.50 -13.81
C THR B 61 17.23 9.97 -15.19
N GLU B 62 17.16 10.87 -16.19
CA GLU B 62 16.83 10.43 -17.53
C GLU B 62 17.96 9.64 -18.17
N VAL B 63 19.21 9.95 -17.82
CA VAL B 63 20.34 9.14 -18.30
C VAL B 63 20.22 7.72 -17.77
N CYS B 64 19.93 7.59 -16.47
CA CYS B 64 19.75 6.26 -15.88
C CYS B 64 18.56 5.54 -16.51
N GLY B 65 17.48 6.27 -16.77
CA GLY B 65 16.35 5.67 -17.44
C GLY B 65 16.68 5.16 -18.82
N MET B 66 17.47 5.93 -19.58
CA MET B 66 17.87 5.48 -20.90
C MET B 66 18.79 4.26 -20.83
N ILE B 67 19.69 4.22 -19.85
CA ILE B 67 20.55 3.05 -19.68
C ILE B 67 19.71 1.82 -19.37
N LEU B 68 18.74 1.96 -18.47
CA LEU B 68 17.87 0.84 -18.13
C LEU B 68 17.03 0.41 -19.33
N CYS B 69 16.57 1.38 -20.12
CA CYS B 69 15.80 1.05 -21.31
C CYS B 69 16.64 0.29 -22.32
N TYR B 70 17.90 0.69 -22.49
CA TYR B 70 18.79 -0.03 -23.40
C TYR B 70 19.02 -1.46 -22.92
N ILE B 71 19.25 -1.63 -21.62
CA ILE B 71 19.46 -2.98 -21.09
C ILE B 71 18.21 -3.83 -21.28
N TRP B 72 17.03 -3.25 -21.02
CA TRP B 72 15.79 -3.99 -21.19
C TRP B 72 15.54 -4.35 -22.64
N LEU B 73 15.86 -3.44 -23.56
CA LEU B 73 15.74 -3.75 -24.99
C LEU B 73 16.67 -4.89 -25.38
N LEU B 74 17.90 -4.87 -24.87
CA LEU B 74 18.83 -5.98 -25.14
C LEU B 74 18.27 -7.29 -24.60
N VAL B 75 17.69 -7.27 -23.41
CA VAL B 75 17.11 -8.49 -22.84
C VAL B 75 15.95 -8.98 -23.72
N LEU B 76 15.11 -8.05 -24.18
CA LEU B 76 13.97 -8.42 -25.01
C LEU B 76 14.43 -9.00 -26.35
N LEU B 77 15.53 -8.49 -26.90
CA LEU B 77 15.99 -8.96 -28.20
C LEU B 77 16.41 -10.43 -28.15
N LEU B 78 17.09 -10.83 -27.08
CA LEU B 78 17.68 -12.17 -26.98
C LEU B 78 16.83 -13.10 -26.14
N HIS B 79 15.51 -12.98 -26.19
CA HIS B 79 14.62 -13.83 -25.42
C HIS B 79 13.68 -14.58 -26.35
N LYS B 80 13.42 -15.85 -26.01
CA LYS B 80 12.50 -16.65 -26.82
C LYS B 80 11.08 -16.12 -26.74
N HIS B 81 10.58 -15.87 -25.53
CA HIS B 81 9.22 -15.40 -25.33
C HIS B 81 9.21 -13.88 -25.14
N ARG B 82 9.54 -13.18 -26.22
CA ARG B 82 9.53 -11.72 -26.18
C ARG B 82 8.12 -11.17 -26.11
N SER B 83 7.18 -11.82 -26.80
CA SER B 83 5.83 -11.28 -26.91
C SER B 83 5.16 -11.22 -25.55
N ILE B 84 5.32 -12.24 -24.72
CA ILE B 84 4.69 -12.24 -23.40
C ILE B 84 5.27 -11.13 -22.53
N LEU B 85 6.58 -10.92 -22.60
CA LEU B 85 7.20 -9.84 -21.83
C LEU B 85 6.67 -8.49 -22.25
N LEU B 86 6.58 -8.25 -23.57
CA LEU B 86 6.08 -6.98 -24.05
C LEU B 86 4.60 -6.80 -23.72
N ARG B 87 3.85 -7.90 -23.64
CA ARG B 87 2.44 -7.83 -23.29
C ARG B 87 2.23 -7.61 -21.79
N ARG B 88 3.19 -8.03 -20.95
CA ARG B 88 3.08 -7.82 -19.52
C ARG B 88 3.51 -6.42 -19.11
N LEU B 89 4.60 -5.92 -19.71
CA LEU B 89 5.11 -4.61 -19.32
C LEU B 89 4.07 -3.52 -19.57
N CYS B 90 3.47 -3.54 -20.75
CA CYS B 90 2.46 -2.54 -21.09
C CYS B 90 1.24 -2.67 -20.20
N SER B 91 0.79 -3.90 -19.94
CA SER B 91 -0.39 -4.11 -19.12
C SER B 91 -0.16 -3.66 -17.69
N LEU B 92 1.09 -3.64 -17.23
CA LEU B 92 1.35 -3.10 -15.89
C LEU B 92 1.46 -1.58 -15.91
N MET B 93 2.18 -1.02 -16.89
CA MET B 93 2.38 0.43 -16.90
C MET B 93 1.07 1.18 -17.13
N GLY B 94 0.17 0.62 -17.94
CA GLY B 94 -1.12 1.27 -18.14
C GLY B 94 -1.89 1.42 -16.84
N THR B 95 -1.97 0.35 -16.06
CA THR B 95 -2.67 0.41 -14.78
C THR B 95 -2.01 1.39 -13.82
N VAL B 96 -0.68 1.37 -13.75
CA VAL B 96 0.00 2.28 -12.83
C VAL B 96 -0.25 3.73 -13.22
N PHE B 97 -0.23 4.04 -14.52
CA PHE B 97 -0.47 5.42 -14.92
C PHE B 97 -1.94 5.81 -14.75
N LEU B 98 -2.87 4.87 -14.86
CA LEU B 98 -4.26 5.18 -14.52
C LEU B 98 -4.39 5.54 -13.04
N LEU B 99 -3.70 4.79 -12.18
CA LEU B 99 -3.68 5.13 -10.75
C LEU B 99 -3.10 6.52 -10.54
N ARG B 100 -2.03 6.85 -11.28
CA ARG B 100 -1.44 8.18 -11.19
C ARG B 100 -2.44 9.26 -11.57
N CYS B 101 -3.20 9.04 -12.64
CA CYS B 101 -4.22 10.00 -13.05
C CYS B 101 -5.23 10.21 -11.94
N PHE B 102 -5.71 9.11 -11.35
CA PHE B 102 -6.71 9.22 -10.30
C PHE B 102 -6.17 10.00 -9.10
N THR B 103 -4.98 9.64 -8.62
CA THR B 103 -4.46 10.27 -7.41
C THR B 103 -3.93 11.67 -7.63
N MET B 104 -3.69 12.08 -8.88
CA MET B 104 -3.34 13.47 -9.11
C MET B 104 -4.55 14.33 -9.44
N PHE B 105 -5.65 13.73 -9.90
CA PHE B 105 -6.89 14.49 -9.99
C PHE B 105 -7.53 14.68 -8.61
N VAL B 106 -7.38 13.71 -7.71
CA VAL B 106 -7.99 13.83 -6.39
C VAL B 106 -7.41 15.02 -5.63
N THR B 107 -6.08 15.15 -5.61
CA THR B 107 -5.43 16.27 -4.96
C THR B 107 -4.16 16.63 -5.72
N SER B 108 -3.80 17.91 -5.66
CA SER B 108 -2.63 18.44 -6.36
C SER B 108 -1.56 18.81 -5.36
N LEU B 109 -0.35 18.29 -5.54
CA LEU B 109 0.78 18.54 -4.65
C LEU B 109 1.99 18.92 -5.50
N SER B 110 2.23 20.21 -5.64
CA SER B 110 3.31 20.73 -6.47
C SER B 110 4.40 21.34 -5.59
N VAL B 111 5.53 21.65 -6.21
CA VAL B 111 6.66 22.27 -5.52
C VAL B 111 6.61 23.77 -5.81
N PRO B 112 6.35 24.62 -4.83
CA PRO B 112 6.12 26.04 -5.10
C PRO B 112 7.39 26.86 -5.26
N GLY B 113 7.94 26.94 -6.48
CA GLY B 113 9.07 27.81 -6.72
C GLY B 113 10.08 27.33 -7.74
N GLN B 114 10.01 26.06 -8.12
CA GLN B 114 10.90 25.53 -9.15
C GLN B 114 10.25 25.66 -10.52
N HIS B 115 11.07 25.95 -11.53
CA HIS B 115 10.61 26.27 -12.88
C HIS B 115 9.61 27.43 -12.85
N LEU B 116 9.90 28.42 -11.99
CA LEU B 116 9.04 29.58 -11.87
C LEU B 116 9.13 30.52 -13.07
N GLN B 117 10.11 30.31 -13.95
CA GLN B 117 10.29 31.17 -15.11
C GLN B 117 9.52 30.68 -16.33
N CYS B 118 8.87 29.52 -16.25
CA CYS B 118 8.16 28.98 -17.39
C CYS B 118 7.02 29.91 -17.81
N THR B 119 6.90 30.15 -19.11
CA THR B 119 5.93 31.08 -19.66
C THR B 119 4.69 30.31 -20.12
N GLY B 120 3.78 31.00 -20.80
CA GLY B 120 2.55 30.40 -21.26
C GLY B 120 1.38 30.74 -20.38
N LYS B 121 0.77 29.71 -19.77
CA LYS B 121 -0.29 29.85 -18.78
C LYS B 121 -1.57 30.40 -19.41
N ILE B 122 -2.71 30.22 -18.71
CA ILE B 122 -4.05 30.66 -19.10
C ILE B 122 -4.28 30.49 -20.60
N TYR B 123 -4.21 29.24 -21.06
CA TYR B 123 -4.60 28.89 -22.43
C TYR B 123 -6.04 28.41 -22.46
N GLY B 124 -6.96 29.18 -21.89
CA GLY B 124 -8.31 28.68 -21.71
C GLY B 124 -9.15 28.58 -22.97
N SER B 125 -9.32 27.34 -23.44
CA SER B 125 -10.34 26.99 -24.43
C SER B 125 -10.22 25.49 -24.69
N VAL B 126 -10.96 25.00 -25.68
CA VAL B 126 -10.82 23.60 -26.09
C VAL B 126 -9.86 23.42 -27.26
N TRP B 127 -9.63 24.47 -28.06
CA TRP B 127 -8.87 24.34 -29.29
C TRP B 127 -7.37 24.15 -29.06
N GLU B 128 -6.78 24.91 -28.13
CA GLU B 128 -5.34 24.85 -27.90
C GLU B 128 -4.94 24.09 -26.64
N LYS B 129 -5.90 23.71 -25.79
CA LYS B 129 -5.57 22.79 -24.71
C LYS B 129 -5.08 21.46 -25.28
N LEU B 130 -5.75 20.97 -26.32
CA LEU B 130 -5.30 19.76 -26.98
C LEU B 130 -3.92 19.94 -27.60
N HIS B 131 -3.54 21.17 -27.97
CA HIS B 131 -2.19 21.41 -28.45
C HIS B 131 -1.17 21.18 -27.34
N ARG B 132 -1.45 21.66 -26.13
CA ARG B 132 -0.56 21.40 -25.00
C ARG B 132 -0.50 19.92 -24.69
N ALA B 133 -1.64 19.24 -24.74
CA ALA B 133 -1.66 17.80 -24.50
C ALA B 133 -0.82 17.07 -25.55
N PHE B 134 -0.94 17.48 -26.81
CA PHE B 134 -0.17 16.85 -27.87
C PHE B 134 1.32 17.10 -27.68
N ALA B 135 1.70 18.31 -27.25
CA ALA B 135 3.11 18.57 -27.00
C ALA B 135 3.66 17.68 -25.90
N ILE B 136 2.93 17.61 -24.78
CA ILE B 136 3.39 16.78 -23.65
C ILE B 136 3.44 15.31 -24.06
N TRP B 137 2.49 14.87 -24.88
CA TRP B 137 2.48 13.48 -25.32
C TRP B 137 3.66 13.20 -26.25
N SER B 138 3.74 13.90 -27.37
CA SER B 138 4.85 13.72 -28.30
C SER B 138 6.01 14.65 -27.95
N GLY B 139 6.35 14.67 -26.67
CA GLY B 139 7.63 15.17 -26.21
C GLY B 139 8.20 14.18 -25.21
N PHE B 140 7.40 13.17 -24.88
CA PHE B 140 7.71 12.08 -23.97
C PHE B 140 7.94 12.55 -22.54
N GLY B 141 7.73 13.83 -22.24
CA GLY B 141 7.85 14.33 -20.89
C GLY B 141 9.27 14.48 -20.38
N MET B 142 10.27 14.01 -21.11
CA MET B 142 11.65 14.24 -20.72
C MET B 142 12.07 15.69 -20.84
N THR B 143 12.97 16.09 -19.94
CA THR B 143 13.43 17.46 -19.94
C THR B 143 14.54 17.73 -20.93
N LEU B 144 15.16 16.69 -21.50
CA LEU B 144 16.22 16.90 -22.49
C LEU B 144 15.67 17.61 -23.72
N THR B 145 14.57 17.09 -24.27
CA THR B 145 13.78 17.83 -25.26
C THR B 145 12.73 18.61 -24.51
N GLY B 146 12.89 19.94 -24.47
CA GLY B 146 12.11 20.75 -23.55
C GLY B 146 10.62 20.74 -23.82
N VAL B 147 9.89 19.98 -22.98
CA VAL B 147 8.45 20.03 -22.92
C VAL B 147 8.04 20.27 -21.47
N HIS B 148 8.75 19.59 -20.55
CA HIS B 148 8.51 19.73 -19.11
C HIS B 148 9.09 21.07 -18.67
N THR B 149 8.33 22.12 -18.93
CA THR B 149 8.77 23.48 -18.67
C THR B 149 8.30 24.01 -17.31
N CYS B 150 7.09 23.68 -16.90
CA CYS B 150 6.58 24.07 -15.59
C CYS B 150 6.65 22.89 -14.63
N GLY B 151 6.06 23.03 -13.45
CA GLY B 151 6.21 22.05 -12.40
C GLY B 151 5.42 20.78 -12.65
N ASP B 152 5.68 19.79 -11.80
CA ASP B 152 5.03 18.49 -11.87
C ASP B 152 4.22 18.26 -10.59
N TYR B 153 3.28 17.32 -10.65
CA TYR B 153 2.32 17.10 -9.59
C TYR B 153 2.57 15.75 -8.90
N MET B 154 1.66 15.38 -7.99
CA MET B 154 1.85 14.23 -7.13
C MET B 154 1.94 12.94 -7.94
N PHE B 155 2.53 11.92 -7.32
CA PHE B 155 2.71 10.59 -7.90
C PHE B 155 3.55 10.69 -9.18
N SER B 156 4.82 11.04 -8.98
CA SER B 156 5.75 11.24 -10.08
C SER B 156 5.86 9.99 -10.94
N GLY B 157 6.07 10.19 -12.23
CA GLY B 157 6.15 9.09 -13.17
C GLY B 157 7.56 8.61 -13.45
N HIS B 158 8.55 9.46 -13.21
CA HIS B 158 9.94 9.05 -13.42
C HIS B 158 10.30 7.87 -12.52
N THR B 159 9.93 7.96 -11.24
CA THR B 159 10.21 6.87 -10.33
C THR B 159 9.45 5.62 -10.73
N VAL B 160 8.21 5.78 -11.20
CA VAL B 160 7.42 4.63 -11.64
C VAL B 160 8.13 3.90 -12.78
N VAL B 161 8.54 4.65 -13.81
CA VAL B 161 9.19 4.03 -14.96
C VAL B 161 10.50 3.38 -14.54
N LEU B 162 11.30 4.09 -13.74
CA LEU B 162 12.59 3.53 -13.32
C LEU B 162 12.40 2.23 -12.56
N THR B 163 11.48 2.22 -11.60
CA THR B 163 11.28 1.03 -10.79
C THR B 163 10.72 -0.12 -11.61
N MET B 164 9.79 0.17 -12.52
CA MET B 164 9.23 -0.91 -13.34
C MET B 164 10.29 -1.53 -14.25
N LEU B 165 11.08 -0.68 -14.91
CA LEU B 165 12.12 -1.21 -15.79
C LEU B 165 13.18 -1.97 -14.99
N ASN B 166 13.55 -1.46 -13.81
CA ASN B 166 14.53 -2.16 -12.99
C ASN B 166 14.01 -3.51 -12.55
N PHE B 167 12.74 -3.59 -12.14
CA PHE B 167 12.19 -4.87 -11.70
C PHE B 167 12.07 -5.85 -12.86
N PHE B 168 11.69 -5.36 -14.05
CA PHE B 168 11.61 -6.26 -15.20
C PHE B 168 12.98 -6.77 -15.61
N VAL B 169 14.01 -5.91 -15.56
CA VAL B 169 15.36 -6.35 -15.88
C VAL B 169 15.86 -7.35 -14.86
N THR B 170 15.63 -7.08 -13.57
CA THR B 170 16.10 -7.97 -12.52
C THR B 170 15.42 -9.33 -12.61
N GLU B 171 14.11 -9.35 -12.83
CA GLU B 171 13.42 -10.63 -12.65
C GLU B 171 13.63 -11.54 -13.86
N TYR B 172 13.69 -10.98 -15.08
CA TYR B 172 13.73 -11.77 -16.32
C TYR B 172 15.16 -12.00 -16.83
N THR B 173 16.11 -12.19 -15.91
CA THR B 173 17.45 -12.64 -16.24
C THR B 173 17.78 -13.87 -15.42
N PRO B 174 18.69 -14.72 -15.90
CA PRO B 174 19.00 -15.95 -15.15
C PRO B 174 19.47 -15.65 -13.74
N ARG B 175 19.08 -16.51 -12.80
CA ARG B 175 19.37 -16.26 -11.40
C ARG B 175 20.79 -16.67 -11.05
N SER B 176 21.75 -16.21 -11.84
CA SER B 176 23.16 -16.41 -11.55
C SER B 176 24.00 -15.20 -11.89
N TRP B 177 23.37 -14.08 -12.27
CA TRP B 177 24.05 -12.90 -12.77
C TRP B 177 24.08 -11.78 -11.74
N ASN B 178 24.34 -12.09 -10.47
CA ASN B 178 24.08 -11.09 -9.43
C ASN B 178 25.17 -10.02 -9.32
N PHE B 179 25.55 -9.49 -10.47
CA PHE B 179 26.23 -8.21 -10.59
C PHE B 179 25.48 -7.25 -11.48
N LEU B 180 24.78 -7.75 -12.51
CA LEU B 180 23.84 -6.92 -13.27
C LEU B 180 22.70 -6.46 -12.38
N HIS B 181 22.20 -7.34 -11.50
CA HIS B 181 21.13 -6.97 -10.59
C HIS B 181 21.57 -5.85 -9.66
N THR B 182 22.79 -5.95 -9.13
CA THR B 182 23.31 -4.90 -8.26
C THR B 182 23.48 -3.60 -9.01
N LEU B 183 23.96 -3.67 -10.25
CA LEU B 183 24.10 -2.45 -11.06
C LEU B 183 22.76 -1.79 -11.31
N SER B 184 21.74 -2.58 -11.64
CA SER B 184 20.42 -2.02 -11.87
C SER B 184 19.85 -1.41 -10.59
N TRP B 185 20.03 -2.07 -9.45
CA TRP B 185 19.56 -1.52 -8.19
C TRP B 185 20.25 -0.20 -7.89
N VAL B 186 21.56 -0.13 -8.11
CA VAL B 186 22.30 1.10 -7.86
C VAL B 186 21.81 2.21 -8.78
N LEU B 187 21.57 1.89 -10.05
CA LEU B 187 21.08 2.90 -10.98
C LEU B 187 19.70 3.42 -10.56
N ASN B 188 18.80 2.53 -10.18
CA ASN B 188 17.48 2.95 -9.74
C ASN B 188 17.55 3.82 -8.49
N LEU B 189 18.38 3.42 -7.52
CA LEU B 189 18.50 4.21 -6.29
C LEU B 189 19.09 5.58 -6.56
N PHE B 190 20.11 5.65 -7.44
CA PHE B 190 20.69 6.94 -7.78
C PHE B 190 19.68 7.82 -8.52
N GLY B 191 18.88 7.23 -9.40
CA GLY B 191 17.85 8.01 -10.07
C GLY B 191 16.84 8.58 -9.10
N ILE B 192 16.38 7.77 -8.15
CA ILE B 192 15.44 8.25 -7.15
C ILE B 192 16.07 9.35 -6.30
N PHE B 193 17.33 9.16 -5.89
CA PHE B 193 18.00 10.15 -5.06
C PHE B 193 18.16 11.47 -5.81
N PHE B 194 18.50 11.41 -7.10
CA PHE B 194 18.62 12.64 -7.88
C PHE B 194 17.27 13.30 -8.10
N ILE B 195 16.20 12.50 -8.24
CA ILE B 195 14.86 13.08 -8.32
C ILE B 195 14.55 13.86 -7.05
N LEU B 196 14.87 13.28 -5.89
CA LEU B 196 14.59 13.97 -4.63
C LEU B 196 15.49 15.19 -4.43
N ALA B 197 16.75 15.10 -4.84
CA ALA B 197 17.71 16.18 -4.62
C ALA B 197 17.66 17.25 -5.68
N ALA B 198 16.87 17.07 -6.75
CA ALA B 198 16.69 18.10 -7.75
C ALA B 198 15.57 19.07 -7.42
N HIS B 199 14.96 18.92 -6.24
CA HIS B 199 13.85 19.77 -5.79
C HIS B 199 12.70 19.71 -6.78
N GLU B 200 12.23 18.49 -7.03
CA GLU B 200 11.13 18.26 -7.97
C GLU B 200 9.93 17.58 -7.35
N HIS B 201 10.09 16.83 -6.27
CA HIS B 201 8.98 16.12 -5.66
C HIS B 201 9.24 15.99 -4.17
N TYR B 202 8.16 15.98 -3.39
CA TYR B 202 8.26 15.75 -1.96
C TYR B 202 8.63 14.29 -1.70
N SER B 203 9.17 14.05 -0.49
CA SER B 203 9.64 12.70 -0.17
C SER B 203 8.49 11.70 -0.15
N ILE B 204 7.32 12.11 0.32
CA ILE B 204 6.19 11.19 0.40
C ILE B 204 5.74 10.78 -1.00
N ASP B 205 5.81 11.69 -1.97
CA ASP B 205 5.43 11.34 -3.33
C ASP B 205 6.29 10.21 -3.87
N VAL B 206 7.61 10.34 -3.75
CA VAL B 206 8.53 9.32 -4.24
C VAL B 206 8.34 8.02 -3.48
N PHE B 207 8.19 8.09 -2.15
CA PHE B 207 8.04 6.87 -1.37
C PHE B 207 6.77 6.11 -1.77
N ILE B 208 5.64 6.81 -1.88
CA ILE B 208 4.40 6.10 -2.23
C ILE B 208 4.45 5.60 -3.66
N ALA B 209 5.08 6.35 -4.58
CA ALA B 209 5.21 5.85 -5.95
C ALA B 209 6.02 4.57 -5.99
N PHE B 210 7.15 4.54 -5.29
CA PHE B 210 7.98 3.34 -5.24
C PHE B 210 7.20 2.17 -4.65
N TYR B 211 6.51 2.40 -3.54
CA TYR B 211 5.77 1.33 -2.90
C TYR B 211 4.66 0.80 -3.79
N ILE B 212 3.92 1.70 -4.45
CA ILE B 212 2.82 1.26 -5.29
C ILE B 212 3.33 0.46 -6.48
N THR B 213 4.40 0.92 -7.14
CA THR B 213 4.94 0.16 -8.26
C THR B 213 5.43 -1.22 -7.81
N THR B 214 6.15 -1.28 -6.70
CA THR B 214 6.65 -2.57 -6.21
C THR B 214 5.50 -3.51 -5.88
N ARG B 215 4.49 -3.01 -5.17
CA ARG B 215 3.37 -3.88 -4.77
C ARG B 215 2.59 -4.36 -5.98
N LEU B 216 2.31 -3.48 -6.94
CA LEU B 216 1.57 -3.89 -8.12
C LEU B 216 2.35 -4.92 -8.92
N PHE B 217 3.65 -4.71 -9.10
CA PHE B 217 4.46 -5.67 -9.85
C PHE B 217 4.46 -7.04 -9.17
N LEU B 218 4.72 -7.06 -7.86
CA LEU B 218 4.79 -8.33 -7.15
C LEU B 218 3.44 -9.04 -7.15
N TYR B 219 2.35 -8.29 -6.94
CA TYR B 219 1.03 -8.91 -6.92
C TYR B 219 0.67 -9.50 -8.29
N TYR B 220 0.93 -8.75 -9.37
CA TYR B 220 0.62 -9.25 -10.70
C TYR B 220 1.43 -10.50 -11.02
N HIS B 221 2.72 -10.50 -10.69
CA HIS B 221 3.53 -11.65 -11.02
C HIS B 221 3.18 -12.86 -10.15
N THR B 222 2.83 -12.64 -8.89
CA THR B 222 2.37 -13.75 -8.05
C THR B 222 1.09 -14.35 -8.60
N LEU B 223 0.14 -13.51 -9.01
CA LEU B 223 -1.10 -14.03 -9.58
C LEU B 223 -0.84 -14.78 -10.88
N ALA B 224 0.08 -14.27 -11.71
CA ALA B 224 0.39 -14.96 -12.96
C ALA B 224 1.06 -16.30 -12.71
N ASN B 225 1.95 -16.38 -11.73
CA ASN B 225 2.66 -17.62 -11.46
C ASN B 225 1.75 -18.65 -10.81
N THR B 226 0.88 -18.23 -9.89
CA THR B 226 -0.02 -19.18 -9.23
C THR B 226 -1.18 -19.62 -10.10
N ARG B 227 -1.36 -19.01 -11.27
CA ARG B 227 -2.40 -19.39 -12.23
C ARG B 227 -3.79 -19.32 -11.58
N ALA B 228 -4.16 -18.10 -11.19
CA ALA B 228 -5.45 -17.85 -10.55
C ALA B 228 -6.47 -17.23 -11.49
N TYR B 229 -6.14 -17.09 -12.77
CA TYR B 229 -7.09 -16.52 -13.72
C TYR B 229 -8.19 -17.49 -14.13
N GLN B 230 -7.98 -18.81 -13.94
CA GLN B 230 -8.97 -19.80 -14.31
C GLN B 230 -9.18 -20.87 -13.25
N GLN B 231 -8.42 -20.86 -12.16
CA GLN B 231 -8.56 -21.91 -11.15
C GLN B 231 -9.95 -21.88 -10.53
N SER B 232 -10.44 -20.70 -10.16
CA SER B 232 -11.75 -20.53 -9.55
C SER B 232 -12.05 -19.04 -9.52
N ARG B 233 -13.22 -18.70 -8.97
CA ARG B 233 -13.60 -17.30 -8.77
C ARG B 233 -13.11 -16.85 -7.39
N ARG B 234 -11.79 -16.75 -7.28
CA ARG B 234 -11.16 -16.45 -6.00
C ARG B 234 -11.47 -15.03 -5.55
N ALA B 235 -11.02 -14.03 -6.31
CA ALA B 235 -11.19 -12.64 -5.92
C ALA B 235 -11.57 -11.70 -7.05
N ARG B 236 -11.77 -12.21 -8.27
CA ARG B 236 -12.15 -11.39 -9.41
C ARG B 236 -11.13 -10.27 -9.65
N ILE B 237 -9.95 -10.70 -10.09
CA ILE B 237 -8.80 -9.84 -10.31
C ILE B 237 -9.20 -8.52 -10.94
N TRP B 238 -8.78 -7.42 -10.33
CA TRP B 238 -9.19 -6.08 -10.74
C TRP B 238 -8.24 -5.46 -11.75
N PHE B 239 -7.23 -6.18 -12.21
CA PHE B 239 -6.33 -5.65 -13.22
C PHE B 239 -7.09 -5.47 -14.53
N PRO B 240 -7.09 -4.28 -15.13
CA PRO B 240 -7.79 -4.09 -16.39
C PRO B 240 -7.18 -4.95 -17.50
N MET B 241 -8.05 -5.72 -18.16
CA MET B 241 -7.65 -6.61 -19.25
C MET B 241 -6.57 -7.59 -18.79
N PHE B 242 -6.88 -8.32 -17.72
CA PHE B 242 -5.93 -9.29 -17.15
C PHE B 242 -6.15 -10.69 -17.70
N SER B 243 -7.35 -11.23 -17.51
CA SER B 243 -7.62 -12.60 -17.93
C SER B 243 -7.50 -12.78 -19.44
N PHE B 244 -7.83 -11.72 -20.20
CA PHE B 244 -7.72 -11.81 -21.65
C PHE B 244 -6.27 -11.99 -22.09
N PHE B 245 -5.33 -11.31 -21.43
CA PHE B 245 -3.95 -11.31 -21.88
C PHE B 245 -3.19 -12.58 -21.49
N GLU B 246 -3.59 -13.24 -20.40
CA GLU B 246 -2.88 -14.41 -19.89
C GLU B 246 -3.69 -15.69 -20.01
N CYS B 247 -4.75 -15.70 -20.81
CA CYS B 247 -5.57 -16.90 -20.93
C CYS B 247 -4.81 -18.03 -21.58
N ASN B 248 -4.05 -17.74 -22.64
CA ASN B 248 -3.38 -18.78 -23.41
C ASN B 248 -2.09 -19.27 -22.77
N VAL B 249 -1.58 -18.57 -21.76
CA VAL B 249 -0.31 -18.93 -21.11
C VAL B 249 -0.62 -19.67 -19.83
N ASN B 250 -0.02 -20.85 -19.66
CA ASN B 250 -0.16 -21.65 -18.47
C ASN B 250 1.17 -21.77 -17.74
N GLY B 251 1.09 -21.97 -16.42
CA GLY B 251 2.31 -22.10 -15.64
C GLY B 251 3.11 -20.81 -15.59
N THR B 252 4.43 -20.97 -15.54
CA THR B 252 5.36 -19.86 -15.50
C THR B 252 6.21 -19.83 -16.76
N VAL B 253 6.63 -18.64 -17.15
CA VAL B 253 7.43 -18.45 -18.36
C VAL B 253 8.88 -18.83 -18.08
N PRO B 254 9.46 -19.76 -18.85
CA PRO B 254 10.86 -20.14 -18.62
C PRO B 254 11.82 -19.06 -19.09
N ASN B 255 13.13 -19.33 -19.02
CA ASN B 255 14.16 -18.32 -19.30
C ASN B 255 15.19 -18.84 -20.29
N GLU B 256 14.72 -19.42 -21.39
CA GLU B 256 15.62 -19.90 -22.43
C GLU B 256 15.95 -18.77 -23.40
N TYR B 257 17.23 -18.60 -23.70
CA TYR B 257 17.70 -17.55 -24.57
C TYR B 257 18.05 -18.11 -25.94
N CYS B 258 17.83 -17.30 -26.97
CA CYS B 258 18.14 -17.71 -28.34
C CYS B 258 18.54 -16.47 -29.14
N TRP B 259 18.58 -16.61 -30.46
CA TRP B 259 18.90 -15.51 -31.36
C TRP B 259 17.91 -15.52 -32.52
N PRO B 260 17.05 -14.51 -32.64
CA PRO B 260 16.08 -14.50 -33.75
C PRO B 260 16.72 -14.39 -35.12
N PHE B 261 17.93 -13.84 -35.22
CA PHE B 261 18.61 -13.75 -36.51
C PHE B 261 19.12 -15.12 -36.93
N SER B 262 18.88 -15.47 -38.19
CA SER B 262 19.26 -16.76 -38.74
C SER B 262 20.50 -16.68 -39.62
N LYS B 263 21.37 -15.69 -39.38
CA LYS B 263 22.60 -15.51 -40.15
C LYS B 263 23.77 -15.40 -39.18
N PRO B 264 24.29 -16.53 -38.68
CA PRO B 264 25.41 -16.55 -37.74
C PRO B 264 26.70 -16.02 -38.35
N ARG C 1 33.43 -33.39 24.59
CA ARG C 1 32.49 -32.70 25.47
C ARG C 1 33.03 -31.34 25.89
N LEU C 2 32.13 -30.36 26.06
CA LEU C 2 32.52 -29.00 26.42
C LEU C 2 32.81 -28.96 27.92
N ASP C 3 34.09 -28.88 28.27
CA ASP C 3 34.49 -28.78 29.67
C ASP C 3 34.90 -27.34 29.96
N PRO C 4 34.15 -26.59 30.75
CA PRO C 4 34.51 -25.19 31.02
C PRO C 4 35.78 -25.09 31.86
N GLU C 5 36.84 -24.53 31.27
CA GLU C 5 38.11 -24.34 31.96
C GLU C 5 38.15 -22.92 32.51
N TYR C 6 38.05 -22.81 33.84
CA TYR C 6 38.04 -21.51 34.50
C TYR C 6 39.44 -21.03 34.87
N TRP C 7 40.47 -21.85 34.66
CA TRP C 7 41.84 -21.45 34.92
C TRP C 7 42.56 -20.92 33.68
N LYS C 8 41.88 -20.85 32.54
CA LYS C 8 42.44 -20.29 31.32
C LYS C 8 41.89 -18.91 30.99
N THR C 9 40.68 -18.58 31.45
CA THR C 9 40.12 -17.26 31.22
C THR C 9 40.97 -16.18 31.89
N ILE C 10 41.45 -16.45 33.11
CA ILE C 10 42.27 -15.47 33.82
C ILE C 10 43.54 -15.18 33.05
N LEU C 11 44.18 -16.21 32.50
CA LEU C 11 45.39 -16.02 31.71
C LEU C 11 45.11 -15.15 30.50
N SER C 12 43.99 -15.39 29.81
CA SER C 12 43.64 -14.61 28.63
C SER C 12 43.38 -13.15 28.99
N CYS C 13 42.66 -12.91 30.08
CA CYS C 13 42.40 -11.54 30.52
C CYS C 13 43.69 -10.83 30.90
N ILE C 14 44.60 -11.52 31.59
CA ILE C 14 45.88 -10.93 31.95
C ILE C 14 46.67 -10.60 30.68
N TYR C 15 46.67 -11.51 29.71
CA TYR C 15 47.36 -11.26 28.45
C TYR C 15 46.79 -10.03 27.75
N VAL C 16 45.47 -9.89 27.75
CA VAL C 16 44.83 -8.72 27.15
C VAL C 16 45.24 -7.44 27.88
N PHE C 17 45.33 -7.51 29.21
CA PHE C 17 45.72 -6.32 29.97
C PHE C 17 47.16 -5.90 29.66
N ILE C 18 48.08 -6.88 29.57
CA ILE C 18 49.44 -6.52 29.18
C ILE C 18 49.47 -6.01 27.75
N VAL C 19 48.62 -6.55 26.87
CA VAL C 19 48.54 -6.04 25.50
C VAL C 19 48.13 -4.58 25.50
N PHE C 20 47.12 -4.23 26.32
CA PHE C 20 46.67 -2.84 26.38
C PHE C 20 47.75 -1.93 26.94
N GLY C 21 48.46 -2.40 27.97
CA GLY C 21 49.57 -1.62 28.50
C GLY C 21 50.66 -1.40 27.47
N PHE C 22 50.98 -2.44 26.69
CA PHE C 22 51.97 -2.30 25.64
C PHE C 22 51.48 -1.37 24.54
N THR C 23 50.18 -1.35 24.28
CA THR C 23 49.62 -0.41 23.31
C THR C 23 49.78 1.02 23.77
N SER C 24 49.49 1.28 25.05
CA SER C 24 49.74 2.62 25.59
C SER C 24 51.22 2.98 25.53
N PHE C 25 52.09 2.01 25.85
CA PHE C 25 53.53 2.22 25.76
C PHE C 25 53.94 2.64 24.36
N ILE C 26 53.47 1.90 23.35
CA ILE C 26 53.84 2.18 21.97
C ILE C 26 53.31 3.53 21.52
N MET C 27 52.07 3.85 21.88
CA MET C 27 51.53 5.15 21.51
C MET C 27 52.32 6.29 22.13
N VAL C 28 52.68 6.16 23.41
CA VAL C 28 53.45 7.20 24.09
C VAL C 28 54.81 7.36 23.44
N ILE C 29 55.49 6.24 23.14
CA ILE C 29 56.81 6.32 22.52
C ILE C 29 56.72 6.95 21.14
N VAL C 30 55.74 6.54 20.34
CA VAL C 30 55.60 7.05 18.98
C VAL C 30 55.26 8.53 18.98
N HIS C 31 54.51 9.00 19.98
CA HIS C 31 54.10 10.40 20.02
C HIS C 31 55.29 11.35 20.10
N GLU C 32 56.46 10.86 20.48
CA GLU C 32 57.63 11.72 20.63
C GLU C 32 58.44 11.89 19.34
N ARG C 33 58.12 11.11 18.29
CA ARG C 33 58.94 11.19 17.08
C ARG C 33 58.72 12.49 16.32
N VAL C 34 57.54 13.09 16.41
CA VAL C 34 57.23 14.34 15.73
C VAL C 34 56.86 15.38 16.78
N PRO C 35 57.62 16.48 16.91
CA PRO C 35 57.35 17.46 17.97
C PRO C 35 56.02 18.17 17.83
N ASP C 36 55.82 18.78 16.67
CA ASP C 36 54.63 19.61 16.46
C ASP C 36 53.40 18.78 16.12
N MET C 37 53.43 18.13 14.96
CA MET C 37 52.35 17.26 14.47
C MET C 37 50.99 17.96 14.37
N GLN C 38 50.94 19.30 14.45
CA GLN C 38 49.67 20.02 14.40
C GLN C 38 49.66 21.17 13.39
N THR C 39 50.81 21.51 12.79
CA THR C 39 50.90 22.62 11.84
C THR C 39 50.72 22.17 10.40
N TYR C 40 50.67 20.87 10.15
CA TYR C 40 50.57 20.38 8.79
C TYR C 40 49.20 20.74 8.19
N PRO C 41 49.11 20.88 6.87
CA PRO C 41 47.80 21.02 6.23
C PRO C 41 47.16 19.65 6.04
N PRO C 42 45.82 19.58 6.07
CA PRO C 42 45.16 18.28 6.00
C PRO C 42 45.35 17.62 4.63
N LEU C 43 45.45 16.29 4.65
CA LEU C 43 45.53 15.54 3.41
C LEU C 43 44.16 15.53 2.73
N PRO C 44 44.12 15.62 1.40
CA PRO C 44 42.84 15.75 0.69
C PRO C 44 42.10 14.42 0.64
N ASP C 45 40.87 14.42 1.14
CA ASP C 45 39.98 13.26 1.04
C ASP C 45 38.69 13.66 0.32
N ILE C 46 37.77 12.70 0.25
CA ILE C 46 36.45 12.94 -0.31
C ILE C 46 35.41 13.16 0.79
N PHE C 47 35.66 12.67 2.00
CA PHE C 47 34.68 12.80 3.06
C PHE C 47 35.10 13.76 4.17
N LEU C 48 36.36 14.17 4.21
CA LEU C 48 36.82 15.17 5.17
C LEU C 48 36.73 16.59 4.63
N ASP C 49 36.24 16.77 3.40
CA ASP C 49 36.07 18.09 2.82
C ASP C 49 34.62 18.49 2.63
N SER C 50 33.72 17.53 2.41
CA SER C 50 32.31 17.87 2.18
C SER C 50 31.60 18.23 3.47
N VAL C 51 31.54 17.29 4.42
CA VAL C 51 30.81 17.52 5.67
C VAL C 51 31.69 18.28 6.63
N PRO C 52 31.21 19.40 7.19
CA PRO C 52 32.01 20.14 8.18
C PRO C 52 32.08 19.39 9.51
N ARG C 53 33.01 19.84 10.35
CA ARG C 53 33.22 19.20 11.64
C ARG C 53 32.01 19.40 12.55
N ILE C 54 31.72 18.39 13.36
CA ILE C 54 30.67 18.43 14.36
C ILE C 54 31.30 18.19 15.71
N PRO C 55 31.10 19.07 16.70
CA PRO C 55 31.82 18.91 17.97
C PRO C 55 31.28 17.83 18.87
N TRP C 56 30.04 17.40 18.70
CA TRP C 56 29.41 16.39 19.54
C TRP C 56 29.34 15.02 18.86
N ALA C 57 30.07 14.83 17.76
CA ALA C 57 30.04 13.56 17.04
C ALA C 57 31.00 12.52 17.58
N PHE C 58 31.84 12.88 18.55
CA PHE C 58 32.81 11.94 19.11
C PHE C 58 32.29 11.19 20.33
N ALA C 59 31.26 11.70 20.99
CA ALA C 59 30.72 11.03 22.16
C ALA C 59 29.60 10.05 21.82
N MET C 60 28.87 10.28 20.73
CA MET C 60 27.85 9.34 20.31
C MET C 60 28.47 8.00 19.93
N THR C 61 29.67 8.00 19.35
CA THR C 61 30.35 6.75 19.05
C THR C 61 30.59 5.95 20.33
N GLU C 62 31.00 6.62 21.39
CA GLU C 62 31.28 5.91 22.63
C GLU C 62 30.00 5.49 23.33
N VAL C 63 28.92 6.25 23.13
CA VAL C 63 27.62 5.85 23.63
C VAL C 63 27.18 4.55 22.94
N CYS C 64 27.38 4.48 21.63
CA CYS C 64 27.07 3.25 20.90
C CYS C 64 27.95 2.10 21.39
N GLY C 65 29.23 2.37 21.63
CA GLY C 65 30.09 1.35 22.19
C GLY C 65 29.61 0.85 23.54
N MET C 66 29.16 1.77 24.40
CA MET C 66 28.69 1.39 25.73
C MET C 66 27.42 0.54 25.64
N ILE C 67 26.46 0.93 24.79
CA ILE C 67 25.22 0.15 24.71
C ILE C 67 25.50 -1.21 24.09
N LEU C 68 26.39 -1.28 23.09
CA LEU C 68 26.76 -2.57 22.54
C LEU C 68 27.45 -3.45 23.59
N CYS C 69 28.32 -2.85 24.41
CA CYS C 69 28.96 -3.60 25.46
C CYS C 69 27.94 -4.13 26.46
N TYR C 70 26.97 -3.30 26.83
CA TYR C 70 25.93 -3.74 27.77
C TYR C 70 25.14 -4.91 27.20
N ILE C 71 24.78 -4.83 25.92
CA ILE C 71 24.11 -5.96 25.26
C ILE C 71 25.01 -7.19 25.29
N TRP C 72 26.32 -7.00 25.12
CA TRP C 72 27.24 -8.13 25.12
C TRP C 72 27.30 -8.81 26.47
N LEU C 73 27.37 -8.04 27.57
CA LEU C 73 27.35 -8.70 28.88
C LEU C 73 26.00 -9.32 29.17
N LEU C 74 24.91 -8.73 28.66
CA LEU C 74 23.60 -9.36 28.81
C LEU C 74 23.58 -10.73 28.14
N VAL C 75 24.18 -10.83 26.95
CA VAL C 75 24.29 -12.13 26.28
C VAL C 75 25.21 -13.05 27.06
N LEU C 76 26.27 -12.51 27.64
CA LEU C 76 27.24 -13.32 28.36
C LEU C 76 26.63 -13.96 29.60
N LEU C 77 25.74 -13.24 30.28
CA LEU C 77 25.19 -13.72 31.55
C LEU C 77 24.34 -14.97 31.34
N LEU C 78 23.53 -15.01 30.29
CA LEU C 78 22.52 -16.04 30.10
C LEU C 78 23.03 -17.23 29.28
N HIS C 79 24.35 -17.40 29.16
CA HIS C 79 24.94 -18.43 28.32
C HIS C 79 25.49 -19.56 29.17
N LYS C 80 25.26 -20.79 28.72
CA LYS C 80 25.84 -21.95 29.39
C LYS C 80 27.36 -21.91 29.33
N HIS C 81 27.92 -21.75 28.14
CA HIS C 81 29.36 -21.77 27.94
C HIS C 81 29.93 -20.35 27.87
N ARG C 82 29.81 -19.65 29.00
CA ARG C 82 30.29 -18.28 29.08
C ARG C 82 31.82 -18.21 29.00
N SER C 83 32.49 -19.18 29.61
CA SER C 83 33.96 -19.14 29.66
C SER C 83 34.56 -19.22 28.27
N ILE C 84 33.99 -20.05 27.39
CA ILE C 84 34.51 -20.16 26.03
C ILE C 84 34.38 -18.83 25.29
N LEU C 85 33.24 -18.17 25.43
CA LEU C 85 33.04 -16.88 24.77
C LEU C 85 34.03 -15.85 25.29
N LEU C 86 34.20 -15.78 26.62
CA LEU C 86 35.11 -14.80 27.19
C LEU C 86 36.56 -15.11 26.84
N ARG C 87 36.86 -16.38 26.60
CA ARG C 87 38.21 -16.77 26.19
C ARG C 87 38.47 -16.37 24.75
N ARG C 88 37.51 -16.63 23.87
CA ARG C 88 37.67 -16.30 22.45
C ARG C 88 37.74 -14.79 22.22
N LEU C 89 36.86 -14.03 22.88
CA LEU C 89 36.82 -12.59 22.61
C LEU C 89 38.15 -11.93 22.97
N CYS C 90 38.66 -12.23 24.16
CA CYS C 90 39.94 -11.66 24.57
C CYS C 90 41.08 -12.16 23.69
N SER C 91 41.05 -13.43 23.30
CA SER C 91 42.09 -13.91 22.40
C SER C 91 42.08 -13.15 21.08
N LEU C 92 40.89 -12.80 20.58
CA LEU C 92 40.82 -12.03 19.33
C LEU C 92 41.36 -10.61 19.53
N MET C 93 40.89 -9.93 20.58
CA MET C 93 41.30 -8.55 20.79
C MET C 93 42.80 -8.42 21.01
N GLY C 94 43.42 -9.42 21.64
CA GLY C 94 44.87 -9.37 21.82
C GLY C 94 45.61 -9.30 20.51
N THR C 95 45.27 -10.19 19.57
CA THR C 95 45.93 -10.18 18.26
C THR C 95 45.61 -8.91 17.50
N VAL C 96 44.35 -8.46 17.55
CA VAL C 96 43.98 -7.25 16.81
C VAL C 96 44.78 -6.05 17.30
N PHE C 97 44.90 -5.90 18.62
CA PHE C 97 45.65 -4.76 19.15
C PHE C 97 47.16 -4.93 19.00
N LEU C 98 47.66 -6.16 18.92
CA LEU C 98 49.06 -6.34 18.54
C LEU C 98 49.31 -5.84 17.13
N LEU C 99 48.41 -6.16 16.20
CA LEU C 99 48.55 -5.64 14.84
C LEU C 99 48.42 -4.12 14.81
N ARG C 100 47.56 -3.58 15.67
CA ARG C 100 47.43 -2.13 15.80
C ARG C 100 48.74 -1.50 16.29
N CYS C 101 49.38 -2.12 17.28
CA CYS C 101 50.68 -1.66 17.74
C CYS C 101 51.70 -1.69 16.60
N PHE C 102 51.71 -2.77 15.84
CA PHE C 102 52.66 -2.89 14.73
C PHE C 102 52.43 -1.78 13.71
N THR C 103 51.18 -1.54 13.34
CA THR C 103 50.91 -0.56 12.29
C THR C 103 51.12 0.87 12.76
N MET C 104 51.04 1.15 14.06
CA MET C 104 51.55 2.45 14.53
C MET C 104 53.06 2.48 14.56
N PHE C 105 53.72 1.37 14.87
CA PHE C 105 55.18 1.41 15.00
C PHE C 105 55.85 1.63 13.65
N VAL C 106 55.34 0.99 12.58
CA VAL C 106 55.96 1.16 11.27
C VAL C 106 55.79 2.59 10.76
N THR C 107 54.59 3.14 10.89
CA THR C 107 54.32 4.47 10.35
C THR C 107 53.29 5.17 11.22
N SER C 108 53.30 6.50 11.15
CA SER C 108 52.39 7.35 11.91
C SER C 108 51.62 8.24 10.96
N LEU C 109 50.30 8.20 11.04
CA LEU C 109 49.43 9.05 10.24
C LEU C 109 48.41 9.69 11.15
N SER C 110 48.29 11.01 11.09
CA SER C 110 47.47 11.76 12.03
C SER C 110 46.62 12.79 11.29
N VAL C 111 45.71 13.40 12.02
CA VAL C 111 44.85 14.46 11.50
C VAL C 111 45.46 15.80 11.91
N PRO C 112 45.92 16.61 10.97
CA PRO C 112 46.67 17.82 11.33
C PRO C 112 45.82 19.03 11.68
N GLY C 113 45.43 19.17 12.94
CA GLY C 113 44.74 20.38 13.36
C GLY C 113 43.72 20.22 14.46
N GLN C 114 43.26 18.99 14.69
CA GLN C 114 42.36 18.73 15.81
C GLN C 114 43.17 18.42 17.07
N HIS C 115 42.61 18.83 18.22
CA HIS C 115 43.28 18.70 19.51
C HIS C 115 44.64 19.38 19.52
N LEU C 116 44.73 20.52 18.85
CA LEU C 116 45.97 21.28 18.81
C LEU C 116 46.24 22.04 20.10
N GLN C 117 45.26 22.13 21.00
CA GLN C 117 45.42 22.87 22.24
C GLN C 117 45.86 21.99 23.40
N CYS C 118 46.07 20.70 23.18
CA CYS C 118 46.49 19.82 24.26
C CYS C 118 47.90 20.18 24.73
N THR C 119 48.08 20.17 26.05
CA THR C 119 49.33 20.61 26.66
C THR C 119 50.29 19.42 26.81
N GLY C 120 51.43 19.66 27.46
CA GLY C 120 52.43 18.64 27.67
C GLY C 120 53.60 18.73 26.71
N LYS C 121 53.76 17.70 25.87
CA LYS C 121 54.83 17.61 24.88
C LYS C 121 56.23 17.64 25.49
N ILE C 122 57.24 17.45 24.64
CA ILE C 122 58.67 17.42 24.97
C ILE C 122 58.91 16.83 26.36
N TYR C 123 58.36 15.63 26.59
CA TYR C 123 58.56 14.91 27.84
C TYR C 123 59.66 13.85 27.70
N GLY C 124 60.86 14.31 27.36
CA GLY C 124 61.93 13.38 27.05
C GLY C 124 62.69 12.88 28.26
N SER C 125 62.30 11.69 28.74
CA SER C 125 62.95 11.00 29.85
C SER C 125 62.28 9.65 30.06
N VAL C 126 62.79 8.85 30.99
CA VAL C 126 62.27 7.50 31.23
C VAL C 126 61.27 7.47 32.37
N TRP C 127 61.50 8.27 33.42
CA TRP C 127 60.79 8.09 34.68
C TRP C 127 59.28 8.30 34.54
N GLU C 128 58.86 9.44 33.97
CA GLU C 128 57.45 9.80 34.00
C GLU C 128 56.72 9.51 32.70
N LYS C 129 57.38 8.87 31.73
CA LYS C 129 56.64 8.30 30.61
C LYS C 129 55.73 7.19 31.10
N LEU C 130 56.19 6.42 32.09
CA LEU C 130 55.34 5.43 32.75
C LEU C 130 54.08 6.07 33.32
N HIS C 131 54.18 7.31 33.79
CA HIS C 131 53.02 7.97 34.37
C HIS C 131 51.92 8.21 33.33
N ARG C 132 52.29 8.79 32.18
CA ARG C 132 51.30 8.99 31.13
C ARG C 132 50.79 7.67 30.59
N ALA C 133 51.67 6.67 30.48
CA ALA C 133 51.23 5.36 30.02
C ALA C 133 50.20 4.77 30.97
N PHE C 134 50.44 4.87 32.27
CA PHE C 134 49.48 4.36 33.25
C PHE C 134 48.19 5.15 33.22
N ALA C 135 48.27 6.46 32.99
CA ALA C 135 47.06 7.27 32.88
C ALA C 135 46.21 6.81 31.70
N ILE C 136 46.84 6.61 30.54
CA ILE C 136 46.11 6.14 29.37
C ILE C 136 45.53 4.75 29.61
N TRP C 137 46.31 3.88 30.26
CA TRP C 137 45.83 2.53 30.55
C TRP C 137 44.61 2.57 31.47
N SER C 138 44.79 3.09 32.69
CA SER C 138 43.68 3.20 33.63
C SER C 138 42.94 4.54 33.46
N GLY C 139 42.65 4.87 32.22
CA GLY C 139 41.63 5.85 31.88
C GLY C 139 40.73 5.25 30.82
N PHE C 140 41.19 4.11 30.28
CA PHE C 140 40.51 3.32 29.26
C PHE C 140 40.31 4.07 27.95
N GLY C 141 40.84 5.28 27.84
CA GLY C 141 40.96 5.94 26.55
C GLY C 141 39.73 6.70 26.08
N MET C 142 38.65 6.74 26.86
CA MET C 142 37.51 7.54 26.43
C MET C 142 37.82 9.04 26.54
N THR C 143 37.09 9.82 25.73
CA THR C 143 37.19 11.27 25.80
C THR C 143 36.31 11.86 26.89
N LEU C 144 35.34 11.09 27.41
CA LEU C 144 34.52 11.58 28.51
C LEU C 144 35.35 11.70 29.79
N THR C 145 35.90 10.57 30.25
CA THR C 145 36.95 10.59 31.26
C THR C 145 38.23 11.02 30.56
N GLY C 146 38.50 12.32 30.62
CA GLY C 146 39.51 12.92 29.76
C GLY C 146 40.90 12.34 29.88
N VAL C 147 41.27 11.53 28.88
CA VAL C 147 42.65 11.09 28.69
C VAL C 147 43.04 11.45 27.26
N HIS C 148 42.13 11.20 26.32
CA HIS C 148 42.35 11.46 24.90
C HIS C 148 42.32 12.97 24.67
N THR C 149 43.43 13.63 25.00
CA THR C 149 43.52 15.08 24.91
C THR C 149 44.13 15.54 23.60
N CYS C 150 45.09 14.79 23.07
CA CYS C 150 45.73 15.10 21.80
C CYS C 150 45.11 14.23 20.69
N GLY C 151 45.73 14.27 19.51
CA GLY C 151 45.20 13.57 18.36
C GLY C 151 45.37 12.06 18.44
N ASP C 152 44.80 11.39 17.44
CA ASP C 152 44.84 9.94 17.35
C ASP C 152 45.61 9.52 16.10
N TYR C 153 45.86 8.22 15.98
CA TYR C 153 46.77 7.68 14.98
C TYR C 153 46.00 6.78 14.00
N MET C 154 46.77 6.17 13.10
CA MET C 154 46.23 5.29 12.08
C MET C 154 45.64 4.04 12.71
N PHE C 155 44.66 3.44 12.01
CA PHE C 155 44.01 2.20 12.44
C PHE C 155 43.31 2.41 13.79
N SER C 156 42.27 3.25 13.73
CA SER C 156 41.52 3.62 14.92
C SER C 156 40.97 2.39 15.64
N GLY C 157 41.09 2.39 16.98
CA GLY C 157 40.59 1.29 17.78
C GLY C 157 39.12 1.38 18.13
N HIS C 158 38.52 2.56 18.01
CA HIS C 158 37.09 2.70 18.28
C HIS C 158 36.29 1.85 17.31
N THR C 159 36.62 1.91 16.02
CA THR C 159 35.95 1.08 15.04
C THR C 159 36.23 -0.40 15.28
N VAL C 160 37.44 -0.72 15.74
CA VAL C 160 37.78 -2.10 16.06
C VAL C 160 36.85 -2.63 17.15
N VAL C 161 36.70 -1.88 18.24
CA VAL C 161 35.86 -2.33 19.34
C VAL C 161 34.41 -2.43 18.90
N LEU C 162 33.92 -1.42 18.19
CA LEU C 162 32.54 -1.43 17.74
C LEU C 162 32.26 -2.64 16.85
N THR C 163 33.13 -2.90 15.87
CA THR C 163 32.91 -4.00 14.94
C THR C 163 33.03 -5.35 15.64
N MET C 164 34.01 -5.50 16.53
CA MET C 164 34.17 -6.77 17.24
C MET C 164 32.96 -7.06 18.10
N LEU C 165 32.49 -6.07 18.86
CA LEU C 165 31.30 -6.29 19.69
C LEU C 165 30.07 -6.56 18.84
N ASN C 166 29.93 -5.86 17.72
CA ASN C 166 28.79 -6.09 16.84
C ASN C 166 28.79 -7.51 16.29
N PHE C 167 29.94 -7.98 15.81
CA PHE C 167 29.99 -9.31 15.23
C PHE C 167 29.81 -10.39 16.29
N PHE C 168 30.34 -10.16 17.49
CA PHE C 168 30.12 -11.12 18.58
C PHE C 168 28.66 -11.17 18.99
N VAL C 169 27.97 -10.02 18.97
CA VAL C 169 26.54 -10.01 19.29
C VAL C 169 25.75 -10.78 18.24
N THR C 170 26.02 -10.51 16.95
CA THR C 170 25.27 -11.20 15.92
C THR C 170 25.62 -12.68 15.81
N GLU C 171 26.84 -13.13 16.14
CA GLU C 171 27.15 -14.57 15.89
C GLU C 171 26.69 -15.45 17.03
N TYR C 172 27.05 -15.14 18.29
CA TYR C 172 26.69 -15.94 19.49
C TYR C 172 25.38 -15.54 20.16
N THR C 173 24.30 -15.17 19.45
CA THR C 173 22.93 -14.97 19.97
C THR C 173 22.21 -15.72 18.87
N PRO C 174 21.30 -16.69 19.10
CA PRO C 174 20.76 -17.60 18.07
C PRO C 174 20.37 -17.08 16.69
N ARG C 175 20.46 -17.94 15.69
CA ARG C 175 20.27 -17.47 14.28
C ARG C 175 18.81 -17.30 13.87
N SER C 176 18.05 -16.45 14.56
CA SER C 176 16.67 -16.18 14.11
C SER C 176 16.18 -14.95 14.85
N TRP C 177 17.04 -14.29 15.59
CA TRP C 177 16.60 -13.02 16.20
C TRP C 177 16.91 -11.93 15.19
N ASN C 178 16.41 -12.03 13.95
CA ASN C 178 16.86 -11.10 12.94
C ASN C 178 16.14 -9.77 13.06
N PHE C 179 16.15 -9.20 14.25
CA PHE C 179 15.83 -7.80 14.56
C PHE C 179 16.90 -7.17 15.42
N LEU C 180 17.48 -7.92 16.36
CA LEU C 180 18.62 -7.43 17.13
C LEU C 180 19.84 -7.27 16.25
N HIS C 181 20.02 -8.17 15.27
CA HIS C 181 21.15 -8.06 14.36
C HIS C 181 21.08 -6.77 13.55
N THR C 182 19.87 -6.41 13.10
CA THR C 182 19.70 -5.15 12.39
C THR C 182 20.05 -3.96 13.26
N LEU C 183 19.63 -3.99 14.53
CA LEU C 183 19.96 -2.90 15.45
C LEU C 183 21.47 -2.79 15.65
N SER C 184 22.14 -3.93 15.83
CA SER C 184 23.59 -3.90 16.04
C SER C 184 24.31 -3.39 14.79
N TRP C 185 23.87 -3.83 13.60
CA TRP C 185 24.48 -3.33 12.36
C TRP C 185 24.27 -1.84 12.22
N VAL C 186 23.07 -1.35 12.53
CA VAL C 186 22.81 0.08 12.46
C VAL C 186 23.69 0.84 13.44
N LEU C 187 23.86 0.30 14.65
CA LEU C 187 24.74 0.95 15.62
C LEU C 187 26.17 1.01 15.12
N ASN C 188 26.66 -0.08 14.53
CA ASN C 188 28.03 -0.08 14.02
C ASN C 188 28.19 0.92 12.88
N LEU C 189 27.22 0.97 11.97
CA LEU C 189 27.29 1.91 10.86
C LEU C 189 27.26 3.35 11.36
N PHE C 190 26.40 3.65 12.33
CA PHE C 190 26.34 5.00 12.88
C PHE C 190 27.65 5.37 13.58
N GLY C 191 28.23 4.43 14.32
CA GLY C 191 29.51 4.69 14.95
C GLY C 191 30.60 4.98 13.94
N ILE C 192 30.65 4.20 12.86
CA ILE C 192 31.65 4.43 11.82
C ILE C 192 31.42 5.80 11.17
N PHE C 193 30.17 6.12 10.85
CA PHE C 193 29.87 7.39 10.22
C PHE C 193 30.26 8.56 11.11
N PHE C 194 30.01 8.44 12.43
CA PHE C 194 30.31 9.54 13.33
C PHE C 194 31.81 9.69 13.55
N ILE C 195 32.53 8.58 13.70
CA ILE C 195 33.98 8.72 13.86
C ILE C 195 34.59 9.26 12.58
N LEU C 196 33.98 8.97 11.43
CA LEU C 196 34.51 9.51 10.19
C LEU C 196 34.22 11.01 10.11
N ALA C 197 33.01 11.43 10.46
CA ALA C 197 32.58 12.81 10.32
C ALA C 197 33.01 13.70 11.47
N ALA C 198 33.66 13.14 12.49
CA ALA C 198 34.18 13.92 13.60
C ALA C 198 35.56 14.49 13.32
N HIS C 199 36.06 14.34 12.10
CA HIS C 199 37.39 14.82 11.70
C HIS C 199 38.47 14.27 12.63
N GLU C 200 38.33 12.98 12.97
CA GLU C 200 39.27 12.31 13.86
C GLU C 200 40.16 11.30 13.16
N HIS C 201 39.72 10.76 12.03
CA HIS C 201 40.50 9.74 11.33
C HIS C 201 40.25 9.84 9.84
N TYR C 202 41.24 9.44 9.07
CA TYR C 202 41.12 9.41 7.61
C TYR C 202 40.25 8.22 7.20
N SER C 203 39.63 8.35 6.02
CA SER C 203 38.67 7.33 5.58
C SER C 203 39.34 5.97 5.39
N ILE C 204 40.55 5.97 4.85
CA ILE C 204 41.24 4.69 4.59
C ILE C 204 41.52 3.97 5.91
N ASP C 205 41.82 4.71 6.98
CA ASP C 205 42.05 4.07 8.26
C ASP C 205 40.80 3.34 8.74
N VAL C 206 39.64 3.99 8.64
CA VAL C 206 38.40 3.36 9.04
C VAL C 206 38.11 2.14 8.20
N PHE C 207 38.30 2.24 6.89
CA PHE C 207 38.00 1.11 6.01
C PHE C 207 38.90 -0.08 6.31
N ILE C 208 40.21 0.15 6.46
CA ILE C 208 41.09 -0.97 6.76
C ILE C 208 40.81 -1.54 8.14
N ALA C 209 40.42 -0.70 9.11
CA ALA C 209 40.07 -1.23 10.42
C ALA C 209 38.87 -2.16 10.34
N PHE C 210 37.82 -1.71 9.66
CA PHE C 210 36.64 -2.55 9.50
C PHE C 210 36.98 -3.86 8.80
N TYR C 211 37.79 -3.77 7.74
CA TYR C 211 38.13 -4.97 6.99
C TYR C 211 38.95 -5.95 7.82
N ILE C 212 39.95 -5.45 8.55
CA ILE C 212 40.80 -6.38 9.30
C ILE C 212 40.01 -7.02 10.44
N THR C 213 39.16 -6.25 11.12
CA THR C 213 38.36 -6.86 12.18
C THR C 213 37.44 -7.94 11.61
N THR C 214 36.73 -7.64 10.52
CA THR C 214 35.83 -8.63 9.94
C THR C 214 36.59 -9.87 9.50
N ARG C 215 37.72 -9.68 8.82
CA ARG C 215 38.48 -10.82 8.31
C ARG C 215 39.01 -11.69 9.44
N LEU C 216 39.61 -11.08 10.47
CA LEU C 216 40.15 -11.87 11.57
C LEU C 216 39.05 -12.59 12.33
N PHE C 217 37.92 -11.92 12.56
CA PHE C 217 36.81 -12.56 13.26
C PHE C 217 36.29 -13.77 12.49
N LEU C 218 36.00 -13.59 11.20
CA LEU C 218 35.45 -14.69 10.42
C LEU C 218 36.47 -15.82 10.26
N TYR C 219 37.75 -15.49 10.07
CA TYR C 219 38.77 -16.52 9.93
C TYR C 219 38.93 -17.32 11.21
N TYR C 220 38.93 -16.66 12.37
CA TYR C 220 39.02 -17.40 13.62
C TYR C 220 37.81 -18.29 13.84
N HIS C 221 36.61 -17.79 13.52
CA HIS C 221 35.43 -18.63 13.71
C HIS C 221 35.44 -19.84 12.78
N THR C 222 35.84 -19.65 11.52
CA THR C 222 35.94 -20.78 10.61
C THR C 222 36.98 -21.79 11.09
N LEU C 223 38.14 -21.30 11.54
CA LEU C 223 39.18 -22.20 12.05
C LEU C 223 38.68 -23.00 13.25
N ALA C 224 38.00 -22.34 14.17
CA ALA C 224 37.50 -23.04 15.36
C ALA C 224 36.42 -24.04 15.01
N ASN C 225 35.50 -23.68 14.11
CA ASN C 225 34.40 -24.57 13.77
C ASN C 225 34.89 -25.79 12.99
N THR C 226 35.83 -25.60 12.07
CA THR C 226 36.33 -26.72 11.29
C THR C 226 37.22 -27.67 12.09
N ARG C 227 37.67 -27.25 13.27
CA ARG C 227 38.54 -28.06 14.14
C ARG C 227 39.78 -28.51 13.35
N ALA C 228 40.59 -27.51 13.00
CA ALA C 228 41.82 -27.75 12.26
C ALA C 228 43.06 -27.67 13.13
N TYR C 229 42.89 -27.53 14.45
CA TYR C 229 44.05 -27.43 15.33
C TYR C 229 44.75 -28.76 15.52
N GLN C 230 44.07 -29.88 15.28
CA GLN C 230 44.70 -31.19 15.40
C GLN C 230 44.35 -32.13 14.25
N GLN C 231 43.56 -31.71 13.27
CA GLN C 231 43.24 -32.57 12.14
C GLN C 231 44.49 -32.95 11.36
N SER C 232 45.34 -31.97 11.07
CA SER C 232 46.58 -32.18 10.35
C SER C 232 47.43 -30.92 10.45
N ARG C 233 48.67 -31.02 10.01
CA ARG C 233 49.58 -29.88 9.97
C ARG C 233 49.30 -29.09 8.69
N ARG C 234 48.19 -28.37 8.71
CA ARG C 234 47.71 -27.66 7.52
C ARG C 234 48.59 -26.47 7.19
N ALA C 235 48.64 -25.47 8.07
CA ALA C 235 49.40 -24.26 7.80
C ALA C 235 50.14 -23.71 9.00
N ARG C 236 50.11 -24.39 10.15
CA ARG C 236 50.77 -23.93 11.37
C ARG C 236 50.29 -22.54 11.76
N ILE C 237 49.00 -22.50 12.13
CA ILE C 237 48.27 -21.27 12.40
C ILE C 237 49.09 -20.32 13.26
N TRP C 238 49.08 -19.04 12.91
CA TRP C 238 49.95 -18.03 13.49
C TRP C 238 49.34 -17.29 14.69
N PHE C 239 48.15 -17.67 15.13
CA PHE C 239 47.47 -16.93 16.20
C PHE C 239 48.18 -17.14 17.53
N PRO C 240 48.51 -16.06 18.27
CA PRO C 240 48.99 -16.22 19.64
C PRO C 240 48.17 -17.19 20.47
N MET C 241 48.77 -18.31 20.86
CA MET C 241 48.19 -19.25 21.81
C MET C 241 46.78 -19.67 21.41
N PHE C 242 46.67 -20.30 20.23
CA PHE C 242 45.38 -20.78 19.76
C PHE C 242 45.16 -22.24 20.14
N SER C 243 46.15 -23.10 19.87
CA SER C 243 46.02 -24.51 20.18
C SER C 243 45.94 -24.76 21.69
N PHE C 244 46.65 -23.97 22.48
CA PHE C 244 46.59 -24.14 23.93
C PHE C 244 45.25 -23.72 24.51
N PHE C 245 44.48 -22.92 23.76
CA PHE C 245 43.23 -22.36 24.26
C PHE C 245 42.02 -23.21 23.89
N GLU C 246 41.95 -23.69 22.65
CA GLU C 246 40.78 -24.43 22.16
C GLU C 246 41.04 -25.93 22.07
N CYS C 247 42.08 -26.44 22.72
CA CYS C 247 42.35 -27.88 22.69
C CYS C 247 41.22 -28.67 23.32
N ASN C 248 40.69 -28.18 24.45
CA ASN C 248 39.63 -28.90 25.16
C ASN C 248 38.35 -28.91 24.33
N VAL C 249 37.96 -27.75 23.79
CA VAL C 249 36.69 -27.64 23.09
C VAL C 249 36.77 -28.40 21.78
N ASN C 250 35.80 -29.30 21.56
CA ASN C 250 35.72 -30.09 20.33
C ASN C 250 34.40 -29.80 19.65
N GLY C 251 34.45 -29.56 18.34
CA GLY C 251 33.26 -29.28 17.57
C GLY C 251 32.78 -27.85 17.75
N THR C 252 31.57 -27.60 17.25
CA THR C 252 30.97 -26.28 17.32
C THR C 252 30.27 -26.10 18.66
N VAL C 253 30.44 -24.91 19.23
CA VAL C 253 29.78 -24.61 20.51
C VAL C 253 28.27 -24.50 20.29
N PRO C 254 27.45 -25.23 21.06
CA PRO C 254 26.00 -25.12 20.89
C PRO C 254 25.45 -23.82 21.44
N ASN C 255 24.15 -23.61 21.31
CA ASN C 255 23.53 -22.37 21.75
C ASN C 255 22.50 -22.60 22.84
N GLU C 256 22.83 -23.42 23.83
CA GLU C 256 21.92 -23.67 24.95
C GLU C 256 22.09 -22.58 26.00
N TYR C 257 20.96 -21.97 26.38
CA TYR C 257 20.96 -20.87 27.34
C TYR C 257 20.31 -21.33 28.64
N CYS C 258 20.85 -20.84 29.76
CA CYS C 258 20.37 -21.23 31.08
C CYS C 258 20.37 -19.99 31.98
N TRP C 259 20.20 -20.22 33.29
CA TRP C 259 20.19 -19.17 34.28
C TRP C 259 21.08 -19.61 35.44
N PRO C 260 22.20 -18.93 35.71
CA PRO C 260 23.11 -19.38 36.76
C PRO C 260 22.60 -19.15 38.18
N PHE C 261 21.54 -18.36 38.36
CA PHE C 261 21.01 -18.11 39.68
C PHE C 261 20.04 -19.22 40.07
N SER C 262 20.23 -19.78 41.27
CA SER C 262 19.39 -20.85 41.78
C SER C 262 18.33 -20.34 42.75
N LYS C 263 17.92 -19.08 42.61
CA LYS C 263 16.93 -18.46 43.48
C LYS C 263 15.84 -17.84 42.61
N PRO C 264 14.86 -18.65 42.18
CA PRO C 264 13.75 -18.19 41.33
C PRO C 264 12.88 -17.14 42.01
N ARG D 1 37.54 -31.39 -20.72
CA ARG D 1 38.99 -31.32 -20.84
C ARG D 1 39.46 -29.87 -20.98
N LEU D 2 40.78 -29.69 -21.05
CA LEU D 2 41.38 -28.36 -21.13
C LEU D 2 41.52 -27.98 -22.60
N ASP D 3 40.48 -27.30 -23.12
CA ASP D 3 40.51 -26.86 -24.52
C ASP D 3 41.07 -25.45 -24.61
N PRO D 4 42.05 -25.20 -25.48
CA PRO D 4 42.62 -23.85 -25.61
C PRO D 4 41.68 -22.94 -26.38
N GLU D 5 41.26 -21.86 -25.73
CA GLU D 5 40.37 -20.89 -26.35
C GLU D 5 41.23 -19.69 -26.76
N TYR D 6 41.28 -19.43 -28.07
CA TYR D 6 42.10 -18.35 -28.60
C TYR D 6 41.33 -17.05 -28.83
N TRP D 7 40.01 -17.05 -28.69
CA TRP D 7 39.20 -15.84 -28.86
C TRP D 7 38.84 -15.17 -27.55
N LYS D 8 39.37 -15.66 -26.43
CA LYS D 8 39.10 -15.06 -25.13
C LYS D 8 40.29 -14.29 -24.56
N THR D 9 41.52 -14.66 -24.92
CA THR D 9 42.68 -13.95 -24.42
C THR D 9 42.75 -12.53 -24.96
N ILE D 10 42.24 -12.30 -26.17
CA ILE D 10 42.18 -10.95 -26.72
C ILE D 10 41.23 -10.09 -25.88
N LEU D 11 40.15 -10.70 -25.40
CA LEU D 11 39.27 -9.99 -24.47
C LEU D 11 40.01 -9.60 -23.20
N SER D 12 40.86 -10.51 -22.68
CA SER D 12 41.67 -10.18 -21.52
C SER D 12 42.60 -9.01 -21.82
N CYS D 13 43.23 -9.02 -22.99
CA CYS D 13 44.17 -7.96 -23.35
C CYS D 13 43.45 -6.60 -23.44
N ILE D 14 42.31 -6.57 -24.11
CA ILE D 14 41.60 -5.30 -24.24
C ILE D 14 41.08 -4.85 -22.88
N TYR D 15 40.64 -5.79 -22.03
CA TYR D 15 40.16 -5.44 -20.71
C TYR D 15 41.27 -4.82 -19.86
N VAL D 16 42.45 -5.44 -19.86
CA VAL D 16 43.53 -4.91 -19.06
C VAL D 16 44.01 -3.58 -19.63
N PHE D 17 43.96 -3.41 -20.95
CA PHE D 17 44.34 -2.12 -21.53
C PHE D 17 43.36 -1.02 -21.12
N ILE D 18 42.06 -1.31 -21.13
CA ILE D 18 41.08 -0.32 -20.68
C ILE D 18 41.28 0.00 -19.20
N VAL D 19 41.61 -1.02 -18.39
CA VAL D 19 41.86 -0.78 -16.98
C VAL D 19 43.08 0.13 -16.80
N PHE D 20 44.13 -0.12 -17.58
CA PHE D 20 45.32 0.74 -17.52
C PHE D 20 44.99 2.17 -17.90
N GLY D 21 44.22 2.35 -18.96
CA GLY D 21 43.83 3.70 -19.36
C GLY D 21 42.99 4.40 -18.30
N PHE D 22 42.06 3.68 -17.70
CA PHE D 22 41.24 4.24 -16.64
C PHE D 22 42.09 4.65 -15.45
N THR D 23 43.08 3.83 -15.10
CA THR D 23 43.98 4.18 -14.00
C THR D 23 44.78 5.43 -14.32
N SER D 24 45.29 5.53 -15.55
CA SER D 24 46.06 6.72 -15.92
C SER D 24 45.19 7.96 -15.87
N PHE D 25 43.96 7.87 -16.38
CA PHE D 25 43.07 9.03 -16.36
C PHE D 25 42.70 9.43 -14.94
N ILE D 26 42.45 8.45 -14.06
CA ILE D 26 42.12 8.76 -12.67
C ILE D 26 43.29 9.42 -11.98
N MET D 27 44.51 8.93 -12.21
CA MET D 27 45.68 9.58 -11.65
C MET D 27 45.79 11.02 -12.13
N VAL D 28 45.56 11.24 -13.44
CA VAL D 28 45.67 12.59 -13.99
C VAL D 28 44.68 13.53 -13.33
N ILE D 29 43.41 13.12 -13.24
CA ILE D 29 42.40 14.03 -12.69
C ILE D 29 42.65 14.25 -11.20
N VAL D 30 42.99 13.20 -10.46
CA VAL D 30 43.17 13.32 -9.02
C VAL D 30 44.39 14.17 -8.70
N HIS D 31 45.39 14.20 -9.59
CA HIS D 31 46.57 15.02 -9.34
C HIS D 31 46.23 16.51 -9.26
N GLU D 32 45.08 16.92 -9.78
CA GLU D 32 44.69 18.33 -9.75
C GLU D 32 44.21 18.79 -8.38
N ARG D 33 43.73 17.88 -7.53
CA ARG D 33 43.06 18.27 -6.30
C ARG D 33 43.99 18.98 -5.31
N VAL D 34 45.31 18.90 -5.49
CA VAL D 34 46.25 19.62 -4.65
C VAL D 34 47.22 20.38 -5.56
N PRO D 35 47.29 21.71 -5.46
CA PRO D 35 48.16 22.47 -6.38
C PRO D 35 49.64 22.24 -6.17
N ASP D 36 50.13 22.39 -4.95
CA ASP D 36 51.57 22.42 -4.71
C ASP D 36 52.15 21.03 -4.47
N MET D 37 51.69 20.35 -3.41
CA MET D 37 52.07 19.00 -3.04
C MET D 37 53.59 18.87 -2.80
N GLN D 38 54.34 19.97 -2.87
CA GLN D 38 55.78 19.86 -2.70
C GLN D 38 56.32 20.82 -1.64
N THR D 39 55.45 21.37 -0.80
CA THR D 39 55.94 22.25 0.26
C THR D 39 55.94 21.61 1.64
N TYR D 40 55.12 20.57 1.86
CA TYR D 40 55.00 19.97 3.16
C TYR D 40 56.27 19.19 3.52
N PRO D 41 56.58 19.07 4.81
CA PRO D 41 57.69 18.20 5.22
C PRO D 41 57.25 16.76 5.30
N PRO D 42 58.17 15.80 5.16
CA PRO D 42 57.77 14.40 5.13
C PRO D 42 57.21 13.93 6.47
N LEU D 43 56.29 12.98 6.40
CA LEU D 43 55.73 12.38 7.59
C LEU D 43 56.77 11.50 8.29
N PRO D 44 56.70 11.40 9.61
CA PRO D 44 57.70 10.58 10.32
C PRO D 44 57.53 9.09 10.07
N ASP D 45 58.48 8.47 9.36
CA ASP D 45 58.47 7.02 9.21
C ASP D 45 59.83 6.47 9.60
N ILE D 46 59.83 5.21 10.04
CA ILE D 46 60.99 4.57 10.63
C ILE D 46 62.12 4.43 9.63
N PHE D 47 61.80 4.16 8.36
CA PHE D 47 62.82 3.74 7.40
C PHE D 47 63.39 4.91 6.59
N LEU D 48 62.56 5.85 6.11
CA LEU D 48 63.12 6.93 5.30
C LEU D 48 63.86 7.97 6.14
N ASP D 49 63.73 7.93 7.47
CA ASP D 49 64.51 8.84 8.30
C ASP D 49 65.90 8.32 8.63
N SER D 50 66.12 7.01 8.53
CA SER D 50 67.41 6.43 8.88
C SER D 50 68.40 6.52 7.71
N VAL D 51 68.07 5.90 6.59
CA VAL D 51 68.96 5.86 5.43
C VAL D 51 68.66 7.07 4.53
N PRO D 52 69.68 7.80 4.11
CA PRO D 52 69.44 8.93 3.20
C PRO D 52 69.04 8.47 1.81
N ARG D 53 68.44 9.39 1.08
CA ARG D 53 67.99 9.11 -0.28
C ARG D 53 69.17 8.75 -1.16
N ILE D 54 69.02 7.68 -1.91
CA ILE D 54 69.96 7.24 -2.93
C ILE D 54 69.44 7.71 -4.29
N PRO D 55 70.12 8.65 -4.97
CA PRO D 55 69.60 9.15 -6.26
C PRO D 55 69.37 8.08 -7.31
N TRP D 56 70.17 7.02 -7.34
CA TRP D 56 70.04 5.98 -8.34
C TRP D 56 69.27 4.75 -7.82
N ALA D 57 68.30 4.93 -6.92
CA ALA D 57 67.64 3.79 -6.30
C ALA D 57 66.51 3.20 -7.13
N PHE D 58 65.98 3.94 -8.09
CA PHE D 58 64.83 3.48 -8.87
C PHE D 58 65.22 2.47 -9.94
N ALA D 59 66.40 2.63 -10.54
CA ALA D 59 66.69 1.95 -11.80
C ALA D 59 66.73 0.44 -11.64
N MET D 60 67.48 -0.05 -10.65
CA MET D 60 67.72 -1.49 -10.55
C MET D 60 66.43 -2.25 -10.26
N THR D 61 65.52 -1.68 -9.46
CA THR D 61 64.24 -2.35 -9.23
C THR D 61 63.51 -2.58 -10.55
N GLU D 62 63.48 -1.56 -11.40
CA GLU D 62 62.70 -1.69 -12.63
C GLU D 62 63.39 -2.61 -13.63
N VAL D 63 64.72 -2.56 -13.71
CA VAL D 63 65.37 -3.51 -14.62
C VAL D 63 65.19 -4.93 -14.10
N CYS D 64 65.15 -5.13 -12.77
CA CYS D 64 64.79 -6.43 -12.23
C CYS D 64 63.37 -6.82 -12.61
N GLY D 65 62.47 -5.85 -12.71
CA GLY D 65 61.15 -6.14 -13.26
C GLY D 65 61.24 -6.66 -14.69
N MET D 66 62.12 -6.05 -15.50
CA MET D 66 62.38 -6.58 -16.84
C MET D 66 62.90 -8.02 -16.79
N ILE D 67 63.81 -8.32 -15.87
CA ILE D 67 64.28 -9.70 -15.74
C ILE D 67 63.14 -10.63 -15.38
N LEU D 68 62.26 -10.20 -14.47
CA LEU D 68 61.13 -11.02 -14.08
C LEU D 68 60.24 -11.35 -15.27
N CYS D 69 59.87 -10.34 -16.06
CA CYS D 69 59.02 -10.64 -17.21
C CYS D 69 59.79 -11.43 -18.26
N TYR D 70 61.12 -11.29 -18.31
CA TYR D 70 61.92 -12.08 -19.24
C TYR D 70 61.80 -13.57 -18.91
N ILE D 71 62.05 -13.93 -17.65
CA ILE D 71 61.89 -15.34 -17.26
C ILE D 71 60.44 -15.77 -17.39
N TRP D 72 59.50 -14.86 -17.16
CA TRP D 72 58.09 -15.19 -17.32
C TRP D 72 57.78 -15.59 -18.75
N LEU D 73 58.28 -14.83 -19.73
CA LEU D 73 58.00 -15.17 -21.12
C LEU D 73 58.79 -16.39 -21.58
N LEU D 74 59.99 -16.62 -21.00
CA LEU D 74 60.70 -17.86 -21.27
C LEU D 74 59.91 -19.08 -20.81
N VAL D 75 59.32 -19.01 -19.61
CA VAL D 75 58.47 -20.10 -19.15
C VAL D 75 57.22 -20.19 -20.01
N LEU D 76 56.71 -19.04 -20.47
CA LEU D 76 55.53 -19.02 -21.32
C LEU D 76 55.76 -19.76 -22.63
N LEU D 77 56.93 -19.56 -23.25
CA LEU D 77 57.16 -20.08 -24.59
C LEU D 77 57.14 -21.60 -24.62
N LEU D 78 57.71 -22.25 -23.60
CA LEU D 78 57.86 -23.70 -23.58
C LEU D 78 56.85 -24.39 -22.67
N HIS D 79 55.64 -23.85 -22.58
CA HIS D 79 54.57 -24.52 -21.84
C HIS D 79 53.32 -24.54 -22.71
N LYS D 80 52.56 -25.64 -22.63
CA LYS D 80 51.54 -25.92 -23.62
C LYS D 80 50.30 -25.05 -23.46
N HIS D 81 49.84 -24.81 -22.23
CA HIS D 81 48.63 -24.02 -22.01
C HIS D 81 48.96 -22.53 -21.79
N ARG D 82 49.62 -21.93 -22.78
CA ARG D 82 49.98 -20.51 -22.66
C ARG D 82 48.74 -19.62 -22.67
N SER D 83 47.67 -20.06 -23.34
CA SER D 83 46.44 -19.27 -23.40
C SER D 83 45.85 -19.06 -22.02
N ILE D 84 45.85 -20.08 -21.17
CA ILE D 84 45.23 -19.95 -19.86
C ILE D 84 46.03 -18.99 -18.97
N LEU D 85 47.37 -19.01 -19.08
CA LEU D 85 48.16 -18.03 -18.35
C LEU D 85 47.87 -16.62 -18.84
N LEU D 86 47.77 -16.42 -20.16
CA LEU D 86 47.49 -15.08 -20.65
C LEU D 86 46.07 -14.63 -20.29
N ARG D 87 45.17 -15.57 -20.04
CA ARG D 87 43.83 -15.20 -19.59
C ARG D 87 43.84 -14.81 -18.11
N ARG D 88 44.49 -15.63 -17.29
CA ARG D 88 44.49 -15.41 -15.84
C ARG D 88 45.29 -14.17 -15.46
N LEU D 89 46.46 -13.95 -16.06
CA LEU D 89 47.32 -12.84 -15.64
C LEU D 89 46.62 -11.51 -15.83
N CYS D 90 46.09 -11.26 -17.04
CA CYS D 90 45.38 -10.02 -17.27
C CYS D 90 44.10 -9.94 -16.44
N SER D 91 43.38 -11.06 -16.28
CA SER D 91 42.16 -10.99 -15.48
C SER D 91 42.45 -10.61 -14.03
N LEU D 92 43.62 -10.97 -13.50
CA LEU D 92 43.95 -10.58 -12.13
C LEU D 92 44.51 -9.16 -12.06
N MET D 93 45.35 -8.80 -13.02
CA MET D 93 45.94 -7.46 -13.01
C MET D 93 44.89 -6.38 -13.14
N GLY D 94 43.86 -6.62 -13.97
CA GLY D 94 42.80 -5.65 -14.09
C GLY D 94 42.08 -5.38 -12.78
N THR D 95 41.75 -6.45 -12.05
CA THR D 95 41.06 -6.28 -10.78
C THR D 95 41.95 -5.58 -9.75
N VAL D 96 43.24 -5.96 -9.70
CA VAL D 96 44.12 -5.31 -8.73
C VAL D 96 44.25 -3.83 -9.04
N PHE D 97 44.37 -3.47 -10.32
CA PHE D 97 44.50 -2.06 -10.65
C PHE D 97 43.18 -1.31 -10.46
N LEU D 98 42.04 -1.99 -10.60
CA LEU D 98 40.77 -1.34 -10.25
C LEU D 98 40.72 -1.02 -8.76
N LEU D 99 41.17 -1.95 -7.93
CA LEU D 99 41.25 -1.68 -6.49
C LEU D 99 42.21 -0.52 -6.22
N ARG D 100 43.32 -0.48 -6.95
CA ARG D 100 44.25 0.65 -6.83
C ARG D 100 43.57 1.96 -7.20
N CYS D 101 42.78 1.96 -8.26
CA CYS D 101 42.05 3.17 -8.64
C CYS D 101 41.09 3.61 -7.56
N PHE D 102 40.34 2.67 -6.98
CA PHE D 102 39.37 3.02 -5.95
C PHE D 102 40.04 3.60 -4.72
N THR D 103 41.05 2.92 -4.21
CA THR D 103 41.79 3.44 -3.09
C THR D 103 42.49 4.76 -3.41
N MET D 104 42.94 4.98 -4.65
CA MET D 104 43.54 6.25 -5.02
C MET D 104 42.51 7.38 -5.02
N PHE D 105 41.31 7.10 -5.52
CA PHE D 105 40.25 8.11 -5.53
C PHE D 105 39.80 8.45 -4.11
N VAL D 106 39.71 7.46 -3.23
CA VAL D 106 39.21 7.72 -1.88
C VAL D 106 40.17 8.60 -1.10
N THR D 107 41.45 8.26 -1.11
CA THR D 107 42.44 8.98 -0.32
C THR D 107 43.74 9.09 -1.12
N SER D 108 44.40 10.24 -0.98
CA SER D 108 45.66 10.51 -1.66
C SER D 108 46.76 10.71 -0.62
N LEU D 109 47.84 9.95 -0.75
CA LEU D 109 48.97 10.03 0.18
C LEU D 109 50.25 9.95 -0.64
N SER D 110 51.03 11.02 -0.63
CA SER D 110 52.21 11.13 -1.47
C SER D 110 53.46 11.39 -0.63
N VAL D 111 54.58 11.62 -1.30
CA VAL D 111 55.83 11.96 -0.65
C VAL D 111 56.08 13.45 -0.86
N PRO D 112 56.04 14.26 0.20
CA PRO D 112 56.14 15.72 0.03
C PRO D 112 57.56 16.22 -0.07
N GLY D 113 58.15 16.25 -1.26
CA GLY D 113 59.54 16.66 -1.32
C GLY D 113 60.33 16.07 -2.46
N GLN D 114 59.87 14.97 -3.02
CA GLN D 114 60.56 14.39 -4.16
C GLN D 114 59.94 14.85 -5.48
N HIS D 115 60.81 15.01 -6.49
CA HIS D 115 60.41 15.47 -7.83
C HIS D 115 59.74 16.85 -7.78
N LEU D 116 60.32 17.75 -6.97
CA LEU D 116 59.92 19.17 -6.85
C LEU D 116 60.09 19.94 -8.12
N GLN D 117 60.90 19.44 -9.01
CA GLN D 117 61.21 20.17 -10.21
C GLN D 117 60.34 19.76 -11.39
N CYS D 118 59.32 18.90 -11.24
CA CYS D 118 58.59 18.54 -12.47
C CYS D 118 57.80 19.77 -12.81
N THR D 119 57.80 20.16 -14.07
CA THR D 119 57.17 21.38 -14.51
C THR D 119 55.77 21.05 -15.02
N GLY D 120 55.12 22.05 -15.61
CA GLY D 120 53.78 21.90 -16.12
C GLY D 120 52.71 22.47 -15.21
N LYS D 121 51.95 21.58 -14.56
CA LYS D 121 50.90 21.92 -13.60
C LYS D 121 49.78 22.77 -14.20
N ILE D 122 48.69 22.91 -13.44
CA ILE D 122 47.48 23.65 -13.78
C ILE D 122 47.08 23.49 -15.26
N TYR D 123 46.68 22.27 -15.63
CA TYR D 123 46.06 22.02 -16.94
C TYR D 123 44.54 22.08 -16.80
N GLY D 124 44.04 23.30 -16.64
CA GLY D 124 42.61 23.49 -16.54
C GLY D 124 41.92 23.64 -17.88
N SER D 125 41.32 22.56 -18.38
CA SER D 125 40.61 22.55 -19.65
C SER D 125 39.89 21.21 -19.78
N VAL D 126 39.37 20.92 -20.96
CA VAL D 126 38.86 19.59 -21.30
C VAL D 126 39.85 18.89 -22.22
N TRP D 127 40.61 19.67 -22.99
CA TRP D 127 41.33 19.10 -24.14
C TRP D 127 42.57 18.31 -23.72
N GLU D 128 43.43 18.85 -22.87
CA GLU D 128 44.80 18.36 -22.82
C GLU D 128 45.11 17.41 -21.67
N LYS D 129 44.17 17.17 -20.74
CA LYS D 129 44.44 16.11 -19.77
C LYS D 129 44.45 14.74 -20.45
N LEU D 130 43.66 14.59 -21.51
CA LEU D 130 43.71 13.36 -22.29
C LEU D 130 45.09 13.16 -22.91
N HIS D 131 45.78 14.25 -23.26
CA HIS D 131 47.13 14.13 -23.78
C HIS D 131 48.08 13.56 -22.74
N ARG D 132 48.00 14.07 -21.50
CA ARG D 132 48.83 13.53 -20.43
C ARG D 132 48.47 12.08 -20.14
N ALA D 133 47.19 11.75 -20.14
CA ALA D 133 46.78 10.36 -19.92
C ALA D 133 47.33 9.45 -21.00
N PHE D 134 47.25 9.87 -22.26
CA PHE D 134 47.79 9.07 -23.35
C PHE D 134 49.30 8.94 -23.25
N ALA D 135 49.98 9.99 -22.80
CA ALA D 135 51.43 9.92 -22.64
C ALA D 135 51.82 8.92 -21.56
N ILE D 136 51.20 9.01 -20.40
CA ILE D 136 51.54 8.09 -19.32
C ILE D 136 51.01 6.69 -19.59
N TRP D 137 50.07 6.54 -20.53
CA TRP D 137 49.65 5.23 -20.97
C TRP D 137 50.70 4.64 -21.91
N SER D 138 50.97 5.30 -23.03
CA SER D 138 52.01 4.85 -23.96
C SER D 138 53.37 5.45 -23.60
N GLY D 139 53.69 5.37 -22.31
CA GLY D 139 55.04 5.49 -21.82
C GLY D 139 55.25 4.41 -20.78
N PHE D 140 54.15 3.75 -20.42
CA PHE D 140 54.08 2.60 -19.52
C PHE D 140 54.72 2.86 -18.15
N GLY D 141 55.02 4.11 -17.82
CA GLY D 141 55.37 4.46 -16.45
C GLY D 141 56.80 4.23 -16.02
N MET D 142 57.71 3.85 -16.92
CA MET D 142 59.09 3.67 -16.50
C MET D 142 59.75 5.02 -16.24
N THR D 143 60.83 4.99 -15.46
CA THR D 143 61.67 6.15 -15.27
C THR D 143 62.78 6.25 -16.31
N LEU D 144 63.02 5.20 -17.09
CA LEU D 144 64.00 5.27 -18.17
C LEU D 144 63.42 6.05 -19.35
N THR D 145 62.32 5.57 -19.91
CA THR D 145 61.55 6.36 -20.88
C THR D 145 60.77 7.40 -20.07
N GLY D 146 61.32 8.60 -19.98
CA GLY D 146 60.81 9.58 -19.03
C GLY D 146 59.36 9.98 -19.25
N VAL D 147 58.49 9.45 -18.40
CA VAL D 147 57.10 9.88 -18.30
C VAL D 147 56.82 10.22 -16.84
N HIS D 148 57.25 9.33 -15.94
CA HIS D 148 57.06 9.54 -14.51
C HIS D 148 58.03 10.63 -14.05
N THR D 149 57.54 11.87 -13.99
CA THR D 149 58.39 13.03 -13.70
C THR D 149 58.16 13.62 -12.31
N CYS D 150 56.97 13.67 -11.84
CA CYS D 150 56.72 13.85 -10.44
C CYS D 150 56.16 12.64 -9.70
N GLY D 151 55.60 12.93 -8.53
CA GLY D 151 55.51 11.98 -7.47
C GLY D 151 54.48 10.94 -7.79
N ASP D 152 54.42 9.96 -6.92
CA ASP D 152 53.46 8.88 -7.06
C ASP D 152 52.56 8.87 -5.84
N TYR D 153 51.48 8.09 -5.94
CA TYR D 153 50.43 8.06 -4.95
C TYR D 153 50.47 6.74 -4.20
N MET D 154 49.46 6.54 -3.35
CA MET D 154 49.39 5.32 -2.57
C MET D 154 49.13 4.13 -3.49
N PHE D 155 49.38 2.93 -2.97
CA PHE D 155 49.17 1.67 -3.69
C PHE D 155 50.04 1.64 -4.94
N SER D 156 51.34 1.67 -4.70
CA SER D 156 52.31 1.66 -5.80
C SER D 156 52.09 0.44 -6.68
N GLY D 157 52.10 0.66 -7.99
CA GLY D 157 51.93 -0.44 -8.92
C GLY D 157 53.17 -1.27 -9.15
N HIS D 158 54.35 -0.71 -8.89
CA HIS D 158 55.59 -1.47 -9.06
C HIS D 158 55.62 -2.69 -8.16
N THR D 159 55.27 -2.50 -6.88
CA THR D 159 55.28 -3.62 -5.93
C THR D 159 54.28 -4.69 -6.36
N VAL D 160 53.09 -4.27 -6.77
CA VAL D 160 52.06 -5.22 -7.19
C VAL D 160 52.53 -6.02 -8.39
N VAL D 161 53.10 -5.34 -9.39
CA VAL D 161 53.55 -6.02 -10.59
C VAL D 161 54.67 -7.00 -10.26
N LEU D 162 55.63 -6.56 -9.43
CA LEU D 162 56.76 -7.44 -9.09
C LEU D 162 56.27 -8.69 -8.36
N THR D 163 55.41 -8.50 -7.35
CA THR D 163 54.91 -9.65 -6.59
C THR D 163 54.08 -10.59 -7.46
N MET D 164 53.22 -10.03 -8.31
CA MET D 164 52.38 -10.85 -9.18
C MET D 164 53.24 -11.67 -10.14
N LEU D 165 54.24 -11.03 -10.75
CA LEU D 165 55.13 -11.75 -11.65
C LEU D 165 55.90 -12.84 -10.93
N ASN D 166 56.40 -12.54 -9.72
CA ASN D 166 57.15 -13.54 -8.96
C ASN D 166 56.26 -14.74 -8.64
N PHE D 167 55.03 -14.49 -8.21
CA PHE D 167 54.14 -15.58 -7.85
C PHE D 167 53.78 -16.42 -9.08
N PHE D 168 53.46 -15.77 -10.20
CA PHE D 168 53.12 -16.51 -11.40
C PHE D 168 54.30 -17.33 -11.90
N VAL D 169 55.51 -16.77 -11.84
CA VAL D 169 56.69 -17.52 -12.25
C VAL D 169 56.91 -18.71 -11.34
N THR D 170 56.81 -18.51 -10.03
CA THR D 170 57.13 -19.58 -9.10
C THR D 170 56.05 -20.65 -9.03
N GLU D 171 54.81 -20.37 -9.45
CA GLU D 171 53.79 -21.38 -9.25
C GLU D 171 53.73 -22.30 -10.48
N TYR D 172 54.05 -21.81 -11.68
CA TYR D 172 53.86 -22.57 -12.91
C TYR D 172 55.14 -23.25 -13.40
N THR D 173 55.96 -23.75 -12.48
CA THR D 173 57.10 -24.60 -12.80
C THR D 173 57.04 -25.86 -11.95
N PRO D 174 57.66 -26.95 -12.41
CA PRO D 174 57.65 -28.18 -11.61
C PRO D 174 58.29 -27.99 -10.25
N ARG D 175 57.77 -28.71 -9.26
CA ARG D 175 58.19 -28.51 -7.88
C ARG D 175 59.50 -29.24 -7.59
N SER D 176 60.51 -29.02 -8.42
CA SER D 176 61.82 -29.61 -8.22
C SER D 176 62.96 -28.66 -8.55
N TRP D 177 62.67 -27.41 -8.92
CA TRP D 177 63.67 -26.42 -9.30
C TRP D 177 63.89 -25.37 -8.21
N ASN D 178 63.98 -25.78 -6.94
CA ASN D 178 64.02 -24.82 -5.85
C ASN D 178 65.33 -24.03 -5.78
N PHE D 179 65.76 -23.52 -6.92
CA PHE D 179 66.86 -22.57 -6.96
C PHE D 179 66.44 -21.33 -7.74
N LEU D 180 65.62 -21.51 -8.78
CA LEU D 180 65.05 -20.38 -9.48
C LEU D 180 64.00 -19.68 -8.62
N HIS D 181 63.27 -20.44 -7.80
CA HIS D 181 62.33 -19.82 -6.86
C HIS D 181 63.06 -18.93 -5.87
N THR D 182 64.19 -19.41 -5.33
CA THR D 182 64.97 -18.59 -4.42
C THR D 182 65.50 -17.34 -5.09
N LEU D 183 65.97 -17.48 -6.34
CA LEU D 183 66.44 -16.32 -7.09
C LEU D 183 65.33 -15.31 -7.27
N SER D 184 64.14 -15.77 -7.66
CA SER D 184 63.02 -14.87 -7.86
C SER D 184 62.62 -14.18 -6.55
N TRP D 185 62.64 -14.93 -5.44
CA TRP D 185 62.25 -14.34 -4.17
C TRP D 185 63.24 -13.28 -3.70
N VAL D 186 64.54 -13.59 -3.73
CA VAL D 186 65.51 -12.60 -3.30
C VAL D 186 65.51 -11.41 -4.26
N LEU D 187 65.28 -11.67 -5.55
CA LEU D 187 65.18 -10.60 -6.53
C LEU D 187 64.00 -9.68 -6.21
N ASN D 188 62.85 -10.26 -5.85
CA ASN D 188 61.67 -9.47 -5.53
C ASN D 188 61.88 -8.65 -4.26
N LEU D 189 62.45 -9.26 -3.22
CA LEU D 189 62.72 -8.49 -2.01
C LEU D 189 63.76 -7.41 -2.25
N PHE D 190 64.74 -7.65 -3.12
CA PHE D 190 65.68 -6.60 -3.49
C PHE D 190 64.96 -5.44 -4.17
N GLY D 191 64.06 -5.75 -5.11
CA GLY D 191 63.30 -4.69 -5.76
C GLY D 191 62.46 -3.91 -4.76
N ILE D 192 61.80 -4.61 -3.84
CA ILE D 192 60.97 -3.94 -2.84
C ILE D 192 61.82 -3.02 -1.96
N PHE D 193 62.96 -3.54 -1.48
CA PHE D 193 63.87 -2.72 -0.68
C PHE D 193 64.28 -1.48 -1.44
N PHE D 194 64.69 -1.64 -2.70
CA PHE D 194 65.25 -0.51 -3.43
C PHE D 194 64.17 0.55 -3.71
N ILE D 195 62.97 0.11 -4.11
CA ILE D 195 61.93 1.09 -4.39
C ILE D 195 61.48 1.79 -3.11
N LEU D 196 61.43 1.07 -1.99
CA LEU D 196 61.02 1.70 -0.74
C LEU D 196 62.13 2.58 -0.17
N ALA D 197 63.39 2.34 -0.53
CA ALA D 197 64.50 3.20 -0.15
C ALA D 197 64.71 4.36 -1.11
N ALA D 198 64.05 4.35 -2.26
CA ALA D 198 64.11 5.49 -3.17
C ALA D 198 63.35 6.71 -2.68
N HIS D 199 62.83 6.69 -1.45
CA HIS D 199 62.03 7.78 -0.89
C HIS D 199 60.85 8.11 -1.81
N GLU D 200 60.20 7.06 -2.31
CA GLU D 200 59.13 7.22 -3.28
C GLU D 200 57.77 6.75 -2.77
N HIS D 201 57.74 6.00 -1.67
CA HIS D 201 56.48 5.52 -1.12
C HIS D 201 56.66 5.25 0.37
N TYR D 202 55.54 5.24 1.09
CA TYR D 202 55.57 4.91 2.51
C TYR D 202 55.51 3.41 2.71
N SER D 203 55.91 2.99 3.91
CA SER D 203 55.95 1.56 4.21
C SER D 203 54.56 0.94 4.19
N ILE D 204 53.56 1.67 4.69
CA ILE D 204 52.21 1.14 4.77
C ILE D 204 51.65 0.89 3.38
N ASP D 205 51.95 1.77 2.42
CA ASP D 205 51.44 1.59 1.06
C ASP D 205 52.00 0.33 0.42
N VAL D 206 53.32 0.12 0.54
CA VAL D 206 53.95 -1.06 -0.01
C VAL D 206 53.42 -2.32 0.66
N PHE D 207 53.28 -2.28 1.99
CA PHE D 207 52.79 -3.45 2.71
C PHE D 207 51.36 -3.79 2.30
N ILE D 208 50.50 -2.77 2.16
CA ILE D 208 49.12 -3.00 1.76
C ILE D 208 49.07 -3.57 0.34
N ALA D 209 49.87 -3.01 -0.57
CA ALA D 209 49.87 -3.52 -1.94
C ALA D 209 50.33 -4.97 -1.98
N PHE D 210 51.40 -5.30 -1.25
CA PHE D 210 51.91 -6.67 -1.25
C PHE D 210 50.88 -7.64 -0.68
N TYR D 211 50.28 -7.29 0.46
CA TYR D 211 49.29 -8.16 1.05
C TYR D 211 48.10 -8.35 0.13
N ILE D 212 47.63 -7.28 -0.50
CA ILE D 212 46.44 -7.37 -1.35
C ILE D 212 46.72 -8.25 -2.57
N THR D 213 47.87 -8.04 -3.23
CA THR D 213 48.15 -8.86 -4.41
C THR D 213 48.33 -10.33 -4.02
N THR D 214 49.03 -10.59 -2.91
CA THR D 214 49.20 -11.97 -2.48
C THR D 214 47.87 -12.64 -2.17
N ARG D 215 47.02 -11.96 -1.40
CA ARG D 215 45.73 -12.53 -1.02
C ARG D 215 44.86 -12.76 -2.24
N LEU D 216 44.80 -11.80 -3.16
CA LEU D 216 43.95 -11.96 -4.34
C LEU D 216 44.44 -13.10 -5.21
N PHE D 217 45.75 -13.20 -5.42
CA PHE D 217 46.30 -14.27 -6.24
C PHE D 217 46.00 -15.64 -5.63
N LEU D 218 46.26 -15.79 -4.33
CA LEU D 218 46.02 -17.07 -3.68
C LEU D 218 44.54 -17.42 -3.67
N TYR D 219 43.67 -16.43 -3.44
CA TYR D 219 42.23 -16.68 -3.44
C TYR D 219 41.75 -17.12 -4.82
N TYR D 220 42.23 -16.45 -5.87
CA TYR D 220 41.82 -16.82 -7.21
C TYR D 220 42.28 -18.23 -7.57
N HIS D 221 43.53 -18.56 -7.23
CA HIS D 221 44.03 -19.90 -7.55
C HIS D 221 43.32 -20.98 -6.76
N THR D 222 43.03 -20.71 -5.48
CA THR D 222 42.30 -21.68 -4.67
C THR D 222 40.89 -21.88 -5.22
N LEU D 223 40.23 -20.81 -5.62
CA LEU D 223 38.90 -20.93 -6.21
C LEU D 223 38.94 -21.72 -7.51
N ALA D 224 39.94 -21.46 -8.35
CA ALA D 224 40.04 -22.19 -9.61
C ALA D 224 40.31 -23.68 -9.38
N ASN D 225 41.18 -24.00 -8.43
CA ASN D 225 41.52 -25.40 -8.18
C ASN D 225 40.36 -26.14 -7.53
N THR D 226 39.68 -25.51 -6.58
CA THR D 226 38.56 -26.14 -5.90
C THR D 226 37.40 -26.41 -6.84
N ARG D 227 37.26 -25.60 -7.89
CA ARG D 227 36.18 -25.72 -8.87
C ARG D 227 34.83 -25.50 -8.21
N ALA D 228 34.68 -24.32 -7.61
CA ALA D 228 33.44 -23.90 -6.99
C ALA D 228 32.66 -22.90 -7.82
N TYR D 229 33.12 -22.60 -9.04
CA TYR D 229 32.41 -21.66 -9.90
C TYR D 229 31.10 -22.25 -10.42
N GLN D 230 30.93 -23.56 -10.36
CA GLN D 230 29.69 -24.19 -10.80
C GLN D 230 29.19 -25.25 -9.84
N GLN D 231 29.95 -25.58 -8.79
CA GLN D 231 29.54 -26.64 -7.88
C GLN D 231 28.25 -26.30 -7.16
N SER D 232 28.13 -25.06 -6.70
CA SER D 232 26.93 -24.59 -6.00
C SER D 232 26.99 -23.07 -5.95
N ARG D 233 25.97 -22.48 -5.34
CA ARG D 233 25.93 -21.03 -5.09
C ARG D 233 26.56 -20.75 -3.73
N ARG D 234 27.88 -20.95 -3.67
CA ARG D 234 28.58 -20.88 -2.39
C ARG D 234 28.64 -19.45 -1.86
N ALA D 235 29.31 -18.56 -2.59
CA ALA D 235 29.47 -17.20 -2.13
C ALA D 235 29.28 -16.15 -3.21
N ARG D 236 28.96 -16.55 -4.45
CA ARG D 236 28.72 -15.62 -5.55
C ARG D 236 29.93 -14.69 -5.76
N ILE D 237 31.01 -15.34 -6.22
CA ILE D 237 32.32 -14.72 -6.42
C ILE D 237 32.18 -13.37 -7.10
N TRP D 238 32.81 -12.34 -6.53
CA TRP D 238 32.71 -10.98 -7.03
C TRP D 238 33.82 -10.62 -8.00
N PHE D 239 34.66 -11.57 -8.37
CA PHE D 239 35.75 -11.27 -9.28
C PHE D 239 35.21 -10.82 -10.63
N PRO D 240 35.79 -9.77 -11.23
CA PRO D 240 35.32 -9.32 -12.55
C PRO D 240 35.61 -10.37 -13.62
N MET D 241 34.53 -10.87 -14.23
CA MET D 241 34.61 -11.85 -15.32
C MET D 241 35.41 -13.08 -14.90
N PHE D 242 34.90 -13.78 -13.88
CA PHE D 242 35.53 -14.98 -13.38
C PHE D 242 34.94 -16.24 -14.02
N SER D 243 33.63 -16.43 -13.88
CA SER D 243 32.99 -17.62 -14.44
C SER D 243 33.11 -17.67 -15.95
N PHE D 244 33.15 -16.51 -16.60
CA PHE D 244 33.25 -16.46 -18.06
C PHE D 244 34.59 -17.04 -18.52
N PHE D 245 35.65 -16.80 -17.75
CA PHE D 245 36.99 -17.22 -18.16
C PHE D 245 37.30 -18.67 -17.80
N GLU D 246 36.83 -19.15 -16.65
CA GLU D 246 37.24 -20.45 -16.13
C GLU D 246 36.17 -21.51 -16.24
N CYS D 247 35.08 -21.26 -16.97
CA CYS D 247 34.05 -22.29 -17.12
C CYS D 247 34.48 -23.40 -18.06
N ASN D 248 35.35 -23.09 -19.03
CA ASN D 248 35.81 -24.08 -19.99
C ASN D 248 36.96 -24.93 -19.45
N VAL D 249 37.46 -24.62 -18.25
CA VAL D 249 38.59 -25.34 -17.66
C VAL D 249 38.09 -26.07 -16.42
N ASN D 250 38.37 -27.37 -16.35
CA ASN D 250 37.96 -28.21 -15.24
C ASN D 250 39.19 -28.74 -14.52
N GLY D 251 39.20 -28.64 -13.19
CA GLY D 251 40.30 -29.14 -12.41
C GLY D 251 41.51 -28.21 -12.46
N THR D 252 42.65 -28.77 -12.07
CA THR D 252 43.90 -28.03 -12.00
C THR D 252 44.63 -28.07 -13.33
N VAL D 253 45.34 -26.99 -13.63
CA VAL D 253 46.11 -26.91 -14.87
C VAL D 253 47.43 -27.65 -14.68
N PRO D 254 47.75 -28.59 -15.53
CA PRO D 254 49.01 -29.34 -15.37
C PRO D 254 50.22 -28.53 -15.82
N ASN D 255 51.40 -29.14 -15.80
CA ASN D 255 52.65 -28.46 -16.15
C ASN D 255 53.39 -29.20 -17.25
N GLU D 256 52.68 -29.67 -18.26
CA GLU D 256 53.33 -30.35 -19.38
C GLU D 256 53.93 -29.34 -20.32
N TYR D 257 55.20 -29.54 -20.66
CA TYR D 257 55.97 -28.59 -21.46
C TYR D 257 56.28 -29.19 -22.83
N CYS D 258 56.23 -28.35 -23.86
CA CYS D 258 56.44 -28.75 -25.25
C CYS D 258 57.13 -27.61 -26.01
N TRP D 259 57.20 -27.75 -27.31
CA TRP D 259 57.89 -26.80 -28.19
C TRP D 259 56.98 -26.51 -29.39
N PRO D 260 56.50 -25.28 -29.56
CA PRO D 260 55.65 -24.97 -30.70
C PRO D 260 56.29 -24.69 -32.04
N PHE D 261 57.54 -25.12 -32.22
CA PHE D 261 58.25 -25.02 -33.49
C PHE D 261 58.46 -26.40 -34.05
N SER D 262 58.07 -26.58 -35.31
CA SER D 262 58.22 -27.85 -36.01
C SER D 262 59.54 -27.93 -36.77
N LYS D 263 60.55 -27.17 -36.34
CA LYS D 263 61.86 -27.14 -36.99
C LYS D 263 62.93 -27.36 -35.94
N PRO D 264 63.15 -28.62 -35.52
CA PRO D 264 64.15 -28.96 -34.50
C PRO D 264 65.57 -28.64 -34.95
N ARG E 1 -39.93 -29.51 19.35
CA ARG E 1 -41.36 -29.26 19.43
C ARG E 1 -41.64 -27.78 19.66
N LEU E 2 -42.92 -27.44 19.81
CA LEU E 2 -43.35 -26.05 19.97
C LEU E 2 -43.41 -25.72 21.45
N ASP E 3 -42.35 -25.10 21.96
CA ASP E 3 -42.32 -24.68 23.36
C ASP E 3 -42.80 -23.24 23.49
N PRO E 4 -43.79 -22.97 24.35
CA PRO E 4 -44.30 -21.60 24.51
C PRO E 4 -43.35 -20.76 25.35
N GLU E 5 -42.72 -19.78 24.71
CA GLU E 5 -41.81 -18.87 25.39
C GLU E 5 -42.59 -17.68 25.92
N TYR E 6 -42.54 -17.46 27.23
CA TYR E 6 -43.30 -16.40 27.86
C TYR E 6 -42.49 -15.13 28.09
N TRP E 7 -41.17 -15.17 27.88
CA TRP E 7 -40.31 -14.03 28.11
C TRP E 7 -39.92 -13.30 26.84
N LYS E 8 -40.45 -13.71 25.69
CA LYS E 8 -40.16 -13.04 24.42
C LYS E 8 -41.30 -12.16 23.93
N THR E 9 -42.54 -12.47 24.33
CA THR E 9 -43.68 -11.66 23.90
C THR E 9 -43.59 -10.25 24.42
N ILE E 10 -43.14 -10.08 25.67
CA ILE E 10 -43.02 -8.75 26.25
C ILE E 10 -41.97 -7.94 25.51
N LEU E 11 -40.90 -8.60 25.05
CA LEU E 11 -39.89 -7.92 24.24
C LEU E 11 -40.51 -7.41 22.94
N SER E 12 -41.34 -8.22 22.29
CA SER E 12 -42.02 -7.76 21.08
C SER E 12 -42.95 -6.60 21.38
N CYS E 13 -43.65 -6.65 22.52
CA CYS E 13 -44.57 -5.58 22.87
C CYS E 13 -43.83 -4.26 23.09
N ILE E 14 -42.73 -4.29 23.83
CA ILE E 14 -41.97 -3.07 24.04
C ILE E 14 -41.36 -2.59 22.72
N TYR E 15 -40.95 -3.52 21.85
CA TYR E 15 -40.40 -3.14 20.55
C TYR E 15 -41.44 -2.40 19.71
N VAL E 16 -42.66 -2.94 19.64
CA VAL E 16 -43.67 -2.29 18.81
C VAL E 16 -44.10 -0.97 19.44
N PHE E 17 -44.09 -0.88 20.77
CA PHE E 17 -44.40 0.40 21.41
C PHE E 17 -43.36 1.46 21.08
N ILE E 18 -42.07 1.09 21.12
CA ILE E 18 -41.03 2.03 20.73
C ILE E 18 -41.18 2.41 19.26
N VAL E 19 -41.57 1.46 18.42
CA VAL E 19 -41.79 1.77 17.00
C VAL E 19 -42.90 2.79 16.84
N PHE E 20 -44.01 2.61 17.57
CA PHE E 20 -45.11 3.58 17.51
C PHE E 20 -44.67 4.95 18.00
N GLY E 21 -43.89 4.98 19.08
CA GLY E 21 -43.39 6.26 19.57
C GLY E 21 -42.50 6.97 18.56
N PHE E 22 -41.61 6.22 17.92
CA PHE E 22 -40.75 6.80 16.90
C PHE E 22 -41.57 7.30 15.72
N THR E 23 -42.61 6.56 15.33
CA THR E 23 -43.48 7.01 14.25
C THR E 23 -44.17 8.32 14.60
N SER E 24 -44.69 8.41 15.83
CA SER E 24 -45.36 9.64 16.26
C SER E 24 -44.38 10.81 16.27
N PHE E 25 -43.16 10.59 16.77
CA PHE E 25 -42.17 11.67 16.83
C PHE E 25 -41.77 12.12 15.43
N ILE E 26 -41.60 11.18 14.50
CA ILE E 26 -41.25 11.54 13.13
C ILE E 26 -42.40 12.29 12.47
N MET E 27 -43.63 11.88 12.75
CA MET E 27 -44.79 12.61 12.26
C MET E 27 -44.78 14.05 12.74
N VAL E 28 -44.52 14.24 14.04
CA VAL E 28 -44.49 15.59 14.61
C VAL E 28 -43.39 16.42 13.97
N ILE E 29 -42.21 15.83 13.79
CA ILE E 29 -41.09 16.57 13.19
C ILE E 29 -41.43 16.97 11.76
N VAL E 30 -41.97 16.03 10.98
CA VAL E 30 -42.20 16.28 9.57
C VAL E 30 -43.33 17.29 9.37
N HIS E 31 -44.30 17.33 10.29
CA HIS E 31 -45.39 18.30 10.19
C HIS E 31 -44.92 19.75 10.29
N GLU E 32 -43.62 19.95 10.53
CA GLU E 32 -43.08 21.29 10.67
C GLU E 32 -42.52 21.84 9.36
N ARG E 33 -42.10 20.96 8.44
CA ARG E 33 -41.40 21.41 7.24
C ARG E 33 -42.27 22.26 6.32
N VAL E 34 -43.60 22.25 6.50
CA VAL E 34 -44.50 23.11 5.76
C VAL E 34 -45.45 23.80 6.74
N PRO E 35 -45.44 25.13 6.81
CA PRO E 35 -46.29 25.82 7.81
C PRO E 35 -47.79 25.66 7.57
N ASP E 36 -48.26 26.03 6.39
CA ASP E 36 -49.70 26.07 6.15
C ASP E 36 -50.26 24.70 5.77
N MET E 37 -49.82 24.17 4.63
CA MET E 37 -50.24 22.87 4.11
C MET E 37 -51.77 22.76 4.01
N GLN E 38 -52.48 23.88 3.94
CA GLN E 38 -53.93 23.84 3.81
C GLN E 38 -54.45 24.84 2.78
N THR E 39 -53.57 25.51 2.04
CA THR E 39 -53.98 26.53 1.09
C THR E 39 -53.99 26.03 -0.35
N TYR E 40 -53.16 25.04 -0.67
CA TYR E 40 -53.09 24.56 -2.03
C TYR E 40 -54.40 23.86 -2.40
N PRO E 41 -54.81 23.93 -3.65
CA PRO E 41 -55.94 23.09 -4.09
C PRO E 41 -55.50 21.65 -4.29
N PRO E 42 -56.41 20.68 -4.18
CA PRO E 42 -56.01 19.26 -4.21
C PRO E 42 -55.51 18.82 -5.58
N LEU E 43 -54.60 17.84 -5.57
CA LEU E 43 -54.12 17.26 -6.81
C LEU E 43 -55.23 16.47 -7.49
N PRO E 44 -55.24 16.41 -8.83
CA PRO E 44 -56.32 15.73 -9.53
C PRO E 44 -56.29 14.21 -9.37
N ASP E 45 -57.29 13.67 -8.70
CA ASP E 45 -57.44 12.24 -8.46
C ASP E 45 -58.74 11.77 -9.11
N ILE E 46 -58.88 10.45 -9.26
CA ILE E 46 -60.03 9.90 -9.97
C ILE E 46 -61.24 9.79 -9.05
N PHE E 47 -61.03 9.45 -7.78
CA PHE E 47 -62.15 9.05 -6.91
C PHE E 47 -62.72 10.21 -6.10
N LEU E 48 -61.88 11.07 -5.54
CA LEU E 48 -62.37 12.06 -4.58
C LEU E 48 -63.19 13.17 -5.22
N ASP E 49 -63.21 13.28 -6.55
CA ASP E 49 -63.96 14.35 -7.20
C ASP E 49 -65.38 13.95 -7.54
N SER E 50 -65.64 12.66 -7.77
CA SER E 50 -66.98 12.21 -8.11
C SER E 50 -67.89 12.24 -6.90
N VAL E 51 -67.47 11.61 -5.81
CA VAL E 51 -68.30 11.56 -4.59
C VAL E 51 -68.05 12.83 -3.79
N PRO E 52 -69.09 13.55 -3.39
CA PRO E 52 -68.91 14.73 -2.54
C PRO E 52 -68.50 14.32 -1.13
N ARG E 53 -68.04 15.32 -0.37
CA ARG E 53 -67.55 15.05 0.97
C ARG E 53 -68.68 14.55 1.86
N ILE E 54 -68.46 13.42 2.50
CA ILE E 54 -69.40 12.82 3.45
C ILE E 54 -68.81 13.00 4.85
N PRO E 55 -69.41 13.82 5.71
CA PRO E 55 -68.73 14.19 6.98
C PRO E 55 -68.41 13.02 7.89
N TRP E 56 -69.29 12.03 8.00
CA TRP E 56 -69.14 10.96 8.98
C TRP E 56 -68.45 9.72 8.42
N ALA E 57 -67.60 9.88 7.41
CA ALA E 57 -66.99 8.73 6.75
C ALA E 57 -66.01 7.98 7.66
N PHE E 58 -65.50 8.61 8.71
CA PHE E 58 -64.51 7.96 9.58
C PHE E 58 -65.09 7.01 10.59
N ALA E 59 -66.30 7.27 11.06
CA ALA E 59 -66.78 6.57 12.24
C ALA E 59 -66.86 5.08 11.99
N MET E 60 -67.54 4.67 10.91
CA MET E 60 -67.77 3.24 10.70
C MET E 60 -66.49 2.51 10.38
N THR E 61 -65.56 3.14 9.66
CA THR E 61 -64.27 2.50 9.40
C THR E 61 -63.57 2.15 10.69
N GLU E 62 -63.44 3.12 11.58
CA GLU E 62 -62.74 2.77 12.79
C GLU E 62 -63.57 1.81 13.66
N VAL E 63 -64.90 1.95 13.69
CA VAL E 63 -65.67 1.00 14.50
C VAL E 63 -65.49 -0.43 13.96
N CYS E 64 -65.38 -0.56 12.64
CA CYS E 64 -65.04 -1.85 12.04
C CYS E 64 -63.67 -2.29 12.46
N GLY E 65 -62.77 -1.32 12.63
CA GLY E 65 -61.51 -1.62 13.25
C GLY E 65 -61.67 -2.33 14.59
N MET E 66 -62.48 -1.77 15.49
CA MET E 66 -62.53 -2.49 16.77
C MET E 66 -63.29 -3.81 16.62
N ILE E 67 -64.21 -3.93 15.65
CA ILE E 67 -64.81 -5.25 15.43
C ILE E 67 -63.74 -6.27 15.04
N LEU E 68 -62.81 -5.88 14.15
CA LEU E 68 -61.73 -6.77 13.75
C LEU E 68 -60.88 -7.18 14.94
N CYS E 69 -60.51 -6.24 15.80
CA CYS E 69 -59.73 -6.63 16.98
C CYS E 69 -60.54 -7.51 17.91
N TYR E 70 -61.84 -7.26 17.99
CA TYR E 70 -62.66 -8.07 18.87
C TYR E 70 -62.66 -9.52 18.42
N ILE E 71 -62.93 -9.76 17.13
CA ILE E 71 -62.87 -11.13 16.64
C ILE E 71 -61.45 -11.69 16.79
N TRP E 72 -60.44 -10.83 16.59
CA TRP E 72 -59.06 -11.28 16.73
C TRP E 72 -58.77 -11.78 18.13
N LEU E 73 -59.20 -11.03 19.16
CA LEU E 73 -58.88 -11.46 20.51
C LEU E 73 -59.78 -12.60 20.97
N LEU E 74 -60.98 -12.75 20.41
CA LEU E 74 -61.76 -13.95 20.68
C LEU E 74 -61.09 -15.19 20.11
N VAL E 75 -60.56 -15.11 18.88
CA VAL E 75 -59.79 -16.23 18.35
C VAL E 75 -58.52 -16.44 19.16
N LEU E 76 -57.96 -15.36 19.70
CA LEU E 76 -56.80 -15.46 20.57
C LEU E 76 -57.11 -16.25 21.84
N LEU E 77 -58.27 -16.01 22.43
CA LEU E 77 -58.58 -16.56 23.75
C LEU E 77 -58.60 -18.09 23.74
N LEU E 78 -59.18 -18.68 22.69
CA LEU E 78 -59.46 -20.11 22.66
C LEU E 78 -58.48 -20.90 21.80
N HIS E 79 -57.33 -20.32 21.48
CA HIS E 79 -56.33 -20.99 20.66
C HIS E 79 -55.03 -21.11 21.46
N LYS E 80 -54.44 -22.31 21.42
CA LYS E 80 -53.44 -22.68 22.43
C LYS E 80 -52.11 -21.96 22.22
N HIS E 81 -51.70 -21.72 20.98
CA HIS E 81 -50.49 -20.93 20.73
C HIS E 81 -50.84 -19.45 20.57
N ARG E 82 -51.30 -18.87 21.68
CA ARG E 82 -51.54 -17.43 21.71
C ARG E 82 -50.22 -16.65 21.79
N SER E 83 -49.22 -17.22 22.46
CA SER E 83 -47.94 -16.54 22.59
C SER E 83 -47.28 -16.32 21.24
N ILE E 84 -47.29 -17.34 20.38
CA ILE E 84 -46.70 -17.19 19.06
C ILE E 84 -47.49 -16.17 18.24
N LEU E 85 -48.80 -16.10 18.44
CA LEU E 85 -49.61 -15.13 17.69
C LEU E 85 -49.25 -13.71 18.07
N LEU E 86 -49.16 -13.43 19.37
CA LEU E 86 -48.78 -12.10 19.81
C LEU E 86 -47.30 -11.82 19.55
N ARG E 87 -46.50 -12.86 19.35
CA ARG E 87 -45.10 -12.65 18.98
C ARG E 87 -44.97 -12.28 17.51
N ARG E 88 -45.81 -12.83 16.65
CA ARG E 88 -45.73 -12.53 15.23
C ARG E 88 -46.40 -11.21 14.88
N LEU E 89 -47.55 -10.92 15.51
CA LEU E 89 -48.32 -9.73 15.12
C LEU E 89 -47.53 -8.45 15.34
N CYS E 90 -46.97 -8.29 16.55
CA CYS E 90 -46.20 -7.09 16.84
C CYS E 90 -44.93 -7.03 16.01
N SER E 91 -44.29 -8.17 15.78
CA SER E 91 -43.04 -8.20 15.01
C SER E 91 -43.27 -7.75 13.57
N LEU E 92 -44.44 -8.08 13.01
CA LEU E 92 -44.76 -7.59 11.67
C LEU E 92 -45.18 -6.12 11.70
N MET E 93 -45.98 -5.73 12.69
CA MET E 93 -46.49 -4.36 12.75
C MET E 93 -45.36 -3.36 12.90
N GLY E 94 -44.36 -3.68 13.73
CA GLY E 94 -43.24 -2.77 13.91
C GLY E 94 -42.47 -2.54 12.62
N THR E 95 -42.21 -3.60 11.86
CA THR E 95 -41.50 -3.46 10.60
C THR E 95 -42.29 -2.64 9.60
N VAL E 96 -43.61 -2.90 9.50
CA VAL E 96 -44.42 -2.14 8.55
C VAL E 96 -44.41 -0.66 8.92
N PHE E 97 -44.52 -0.35 10.22
CA PHE E 97 -44.52 1.06 10.60
C PHE E 97 -43.15 1.69 10.45
N LEU E 98 -42.07 0.91 10.56
CA LEU E 98 -40.75 1.47 10.25
C LEU E 98 -40.64 1.84 8.77
N LEU E 99 -41.17 0.98 7.90
CA LEU E 99 -41.22 1.33 6.48
C LEU E 99 -42.07 2.58 6.26
N ARG E 100 -43.17 2.69 7.00
CA ARG E 100 -44.00 3.90 6.92
C ARG E 100 -43.21 5.13 7.33
N CYS E 101 -42.40 5.01 8.39
CA CYS E 101 -41.57 6.14 8.83
C CYS E 101 -40.56 6.54 7.77
N PHE E 102 -39.93 5.56 7.13
CA PHE E 102 -38.95 5.88 6.09
C PHE E 102 -39.61 6.59 4.92
N THR E 103 -40.76 6.07 4.47
CA THR E 103 -41.49 6.73 3.38
C THR E 103 -41.95 8.12 3.80
N MET E 104 -42.34 8.28 5.06
CA MET E 104 -42.71 9.58 5.60
C MET E 104 -41.56 10.57 5.48
N PHE E 105 -40.37 10.15 5.90
CA PHE E 105 -39.22 11.05 5.90
C PHE E 105 -38.80 11.40 4.48
N VAL E 106 -38.88 10.44 3.55
CA VAL E 106 -38.43 10.70 2.19
C VAL E 106 -39.34 11.71 1.51
N THR E 107 -40.65 11.51 1.58
CA THR E 107 -41.59 12.35 0.85
C THR E 107 -42.85 12.55 1.66
N SER E 108 -43.39 13.76 1.63
CA SER E 108 -44.62 14.12 2.31
C SER E 108 -45.71 14.44 1.29
N LEU E 109 -46.87 13.82 1.44
CA LEU E 109 -48.01 14.05 0.56
C LEU E 109 -49.28 13.95 1.37
N SER E 110 -50.01 15.05 1.47
CA SER E 110 -51.22 15.13 2.27
C SER E 110 -52.42 15.48 1.38
N VAL E 111 -53.57 15.66 2.02
CA VAL E 111 -54.78 16.08 1.34
C VAL E 111 -54.95 17.58 1.56
N PRO E 112 -54.95 18.39 0.51
CA PRO E 112 -54.95 19.85 0.70
C PRO E 112 -56.32 20.45 0.96
N GLY E 113 -56.72 20.51 2.23
CA GLY E 113 -57.96 21.20 2.57
C GLY E 113 -58.75 20.66 3.74
N GLN E 114 -58.51 19.41 4.12
CA GLN E 114 -59.21 18.80 5.24
C GLN E 114 -58.52 19.16 6.56
N HIS E 115 -59.34 19.36 7.59
CA HIS E 115 -58.88 19.87 8.88
C HIS E 115 -58.09 21.17 8.72
N LEU E 116 -58.65 22.08 7.90
CA LEU E 116 -58.09 23.42 7.80
C LEU E 116 -58.27 24.23 9.07
N GLN E 117 -59.09 23.74 10.01
CA GLN E 117 -59.35 24.46 11.25
C GLN E 117 -58.52 23.98 12.44
N CYS E 118 -57.56 23.03 12.30
CA CYS E 118 -56.92 22.57 13.55
C CYS E 118 -56.06 23.72 13.99
N THR E 119 -56.05 24.03 15.26
CA THR E 119 -55.32 25.15 15.79
C THR E 119 -53.94 24.70 16.25
N GLY E 120 -53.21 25.60 16.90
CA GLY E 120 -51.87 25.30 17.37
C GLY E 120 -50.78 25.79 16.44
N LYS E 121 -50.09 24.84 15.79
CA LYS E 121 -49.03 25.11 14.82
C LYS E 121 -47.83 25.86 15.40
N ILE E 122 -46.74 25.87 14.64
CA ILE E 122 -45.46 26.51 14.97
C ILE E 122 -45.10 26.35 16.45
N TYR E 123 -44.85 25.11 16.88
CA TYR E 123 -44.26 24.86 18.19
C TYR E 123 -42.74 24.74 18.05
N GLY E 124 -42.09 25.88 17.94
CA GLY E 124 -40.65 25.83 17.81
C GLY E 124 -39.89 25.92 19.12
N SER E 125 -39.55 24.76 19.68
CA SER E 125 -38.69 24.60 20.85
C SER E 125 -38.60 23.11 21.14
N VAL E 126 -37.67 22.74 22.02
CA VAL E 126 -37.43 21.32 22.29
C VAL E 126 -38.46 20.75 23.28
N TRP E 127 -38.95 21.56 24.21
CA TRP E 127 -39.69 21.02 25.34
C TRP E 127 -41.03 20.43 24.92
N GLU E 128 -41.75 21.08 24.01
CA GLU E 128 -43.16 20.76 23.82
C GLU E 128 -43.48 19.84 22.65
N LYS E 129 -42.52 19.60 21.74
CA LYS E 129 -42.77 18.58 20.72
C LYS E 129 -42.92 17.21 21.33
N LEU E 130 -42.18 16.93 22.40
CA LEU E 130 -42.37 15.69 23.15
C LEU E 130 -43.79 15.59 23.69
N HIS E 131 -44.39 16.72 24.07
CA HIS E 131 -45.77 16.70 24.56
C HIS E 131 -46.73 16.30 23.46
N ARG E 132 -46.57 16.86 22.25
CA ARG E 132 -47.39 16.45 21.13
C ARG E 132 -47.20 14.97 20.81
N ALA E 133 -45.94 14.50 20.84
CA ALA E 133 -45.67 13.09 20.56
C ALA E 133 -46.33 12.19 21.59
N PHE E 134 -46.24 12.55 22.87
CA PHE E 134 -46.87 11.75 23.92
C PHE E 134 -48.39 11.78 23.79
N ALA E 135 -48.95 12.91 23.36
CA ALA E 135 -50.40 13.00 23.17
C ALA E 135 -50.86 12.07 22.06
N ILE E 136 -50.22 12.14 20.90
CA ILE E 136 -50.64 11.29 19.79
C ILE E 136 -50.26 9.84 20.03
N TRP E 137 -49.33 9.58 20.96
CA TRP E 137 -49.02 8.20 21.36
C TRP E 137 -50.13 7.66 22.27
N SER E 138 -50.34 8.29 23.42
CA SER E 138 -51.43 7.91 24.31
C SER E 138 -52.72 8.64 23.96
N GLY E 139 -53.03 8.65 22.66
CA GLY E 139 -54.35 8.95 22.16
C GLY E 139 -54.70 7.88 21.15
N PHE E 140 -53.68 7.13 20.75
CA PHE E 140 -53.76 5.96 19.88
C PHE E 140 -54.35 6.26 18.49
N GLY E 141 -54.56 7.54 18.16
CA GLY E 141 -54.82 7.93 16.80
C GLY E 141 -56.27 7.95 16.36
N MET E 142 -57.21 7.52 17.20
CA MET E 142 -58.61 7.55 16.80
C MET E 142 -59.15 8.97 16.74
N THR E 143 -60.17 9.16 15.90
CA THR E 143 -60.89 10.43 15.83
C THR E 143 -62.00 10.54 16.87
N LEU E 144 -62.33 9.44 17.55
CA LEU E 144 -63.30 9.51 18.64
C LEU E 144 -62.68 10.21 19.85
N THR E 145 -61.60 9.65 20.38
CA THR E 145 -60.77 10.35 21.36
C THR E 145 -59.88 11.31 20.58
N GLY E 146 -60.33 12.56 20.48
CA GLY E 146 -59.74 13.50 19.54
C GLY E 146 -58.25 13.75 19.70
N VAL E 147 -57.47 13.16 18.80
CA VAL E 147 -56.04 13.44 18.68
C VAL E 147 -55.75 13.83 17.24
N HIS E 148 -56.33 13.08 16.29
CA HIS E 148 -56.16 13.33 14.86
C HIS E 148 -56.96 14.57 14.49
N THR E 149 -56.38 15.73 14.79
CA THR E 149 -57.07 17.01 14.64
C THR E 149 -56.80 17.70 13.30
N CYS E 150 -55.60 17.62 12.78
CA CYS E 150 -55.38 17.93 11.40
C CYS E 150 -54.92 16.77 10.54
N GLY E 151 -54.33 17.15 9.40
CA GLY E 151 -54.33 16.32 8.23
C GLY E 151 -53.47 15.11 8.44
N ASP E 152 -53.47 14.26 7.44
CA ASP E 152 -52.72 13.03 7.52
C ASP E 152 -51.87 12.91 6.27
N TYR E 153 -50.85 12.08 6.36
CA TYR E 153 -49.77 12.01 5.40
C TYR E 153 -49.90 10.78 4.50
N MET E 154 -48.87 10.56 3.69
CA MET E 154 -48.74 9.36 2.87
C MET E 154 -48.66 8.11 3.75
N PHE E 155 -49.05 6.97 3.17
CA PHE E 155 -48.93 5.66 3.81
C PHE E 155 -49.79 5.59 5.08
N SER E 156 -51.10 5.69 4.88
CA SER E 156 -52.05 5.66 5.99
C SER E 156 -51.89 4.37 6.79
N GLY E 157 -51.93 4.52 8.12
CA GLY E 157 -51.85 3.36 8.99
C GLY E 157 -53.15 2.62 9.18
N HIS E 158 -54.29 3.28 8.95
CA HIS E 158 -55.58 2.62 9.08
C HIS E 158 -55.70 1.45 8.12
N THR E 159 -55.30 1.66 6.87
CA THR E 159 -55.37 0.59 5.87
C THR E 159 -54.48 -0.57 6.27
N VAL E 160 -53.26 -0.27 6.70
CA VAL E 160 -52.32 -1.32 7.10
C VAL E 160 -52.88 -2.13 8.26
N VAL E 161 -53.40 -1.44 9.28
CA VAL E 161 -53.90 -2.14 10.46
C VAL E 161 -55.11 -3.01 10.08
N LEU E 162 -56.03 -2.46 9.29
CA LEU E 162 -57.20 -3.23 8.90
C LEU E 162 -56.83 -4.47 8.12
N THR E 163 -55.96 -4.32 7.12
CA THR E 163 -55.56 -5.46 6.31
C THR E 163 -54.80 -6.50 7.13
N MET E 164 -53.90 -6.04 8.01
CA MET E 164 -53.14 -6.97 8.83
C MET E 164 -54.05 -7.76 9.76
N LEU E 165 -55.00 -7.07 10.39
CA LEU E 165 -55.94 -7.76 11.27
C LEU E 165 -56.79 -8.75 10.49
N ASN E 166 -57.26 -8.37 9.30
CA ASN E 166 -58.08 -9.27 8.49
C ASN E 166 -57.29 -10.51 8.13
N PHE E 167 -56.04 -10.34 7.70
CA PHE E 167 -55.24 -11.50 7.31
C PHE E 167 -54.95 -12.41 8.50
N PHE E 168 -54.58 -11.82 9.65
CA PHE E 168 -54.29 -12.63 10.82
C PHE E 168 -55.54 -13.38 11.30
N VAL E 169 -56.70 -12.73 11.24
CA VAL E 169 -57.94 -13.40 11.62
C VAL E 169 -58.24 -14.53 10.67
N THR E 170 -58.09 -14.31 9.36
CA THR E 170 -58.50 -15.30 8.39
C THR E 170 -57.52 -16.46 8.26
N GLU E 171 -56.26 -16.29 8.70
CA GLU E 171 -55.28 -17.34 8.46
C GLU E 171 -55.21 -18.33 9.62
N TYR E 172 -55.55 -17.90 10.84
CA TYR E 172 -55.45 -18.74 12.04
C TYR E 172 -56.81 -19.28 12.49
N THR E 173 -57.67 -19.66 11.56
CA THR E 173 -58.86 -20.44 11.86
C THR E 173 -58.90 -21.67 10.96
N PRO E 174 -59.56 -22.75 11.39
CA PRO E 174 -59.61 -23.96 10.56
C PRO E 174 -60.25 -23.69 9.21
N ARG E 175 -59.77 -24.41 8.19
CA ARG E 175 -60.15 -24.13 6.82
C ARG E 175 -61.52 -24.74 6.49
N SER E 176 -62.52 -24.47 7.33
CA SER E 176 -63.87 -24.95 7.08
C SER E 176 -64.95 -23.93 7.45
N TRP E 177 -64.56 -22.72 7.85
CA TRP E 177 -65.49 -21.67 8.27
C TRP E 177 -65.66 -20.58 7.20
N ASN E 178 -65.80 -20.95 5.93
CA ASN E 178 -65.76 -19.93 4.87
C ASN E 178 -67.02 -19.07 4.85
N PHE E 179 -67.38 -18.56 6.02
CA PHE E 179 -68.40 -17.52 6.10
C PHE E 179 -67.86 -16.35 6.92
N LEU E 180 -67.06 -16.65 7.93
CA LEU E 180 -66.38 -15.61 8.68
C LEU E 180 -65.28 -14.95 7.84
N HIS E 181 -64.61 -15.74 7.00
CA HIS E 181 -63.60 -15.17 6.11
C HIS E 181 -64.25 -14.18 5.14
N THR E 182 -65.39 -14.56 4.55
CA THR E 182 -66.09 -13.65 3.66
C THR E 182 -66.56 -12.39 4.39
N LEU E 183 -67.06 -12.56 5.61
CA LEU E 183 -67.50 -11.41 6.40
C LEU E 183 -66.33 -10.47 6.67
N SER E 184 -65.18 -11.03 7.07
CA SER E 184 -64.01 -10.19 7.32
C SER E 184 -63.56 -9.49 6.06
N TRP E 185 -63.61 -10.17 4.92
CA TRP E 185 -63.18 -9.56 3.67
C TRP E 185 -64.08 -8.40 3.27
N VAL E 186 -65.40 -8.61 3.29
CA VAL E 186 -66.31 -7.52 2.92
C VAL E 186 -66.20 -6.39 3.92
N LEU E 187 -65.98 -6.71 5.20
CA LEU E 187 -65.81 -5.69 6.21
C LEU E 187 -64.56 -4.84 5.94
N ASN E 188 -63.45 -5.49 5.61
CA ASN E 188 -62.21 -4.76 5.33
C ASN E 188 -62.35 -3.91 4.07
N LEU E 189 -63.00 -4.43 3.03
CA LEU E 189 -63.21 -3.63 1.82
C LEU E 189 -64.14 -2.46 2.09
N PHE E 190 -65.16 -2.65 2.94
CA PHE E 190 -66.01 -1.53 3.32
C PHE E 190 -65.21 -0.46 4.06
N GLY E 191 -64.37 -0.86 4.99
CA GLY E 191 -63.52 0.10 5.67
C GLY E 191 -62.60 0.84 4.73
N ILE E 192 -62.01 0.12 3.78
CA ILE E 192 -61.12 0.74 2.80
C ILE E 192 -61.89 1.76 1.95
N PHE E 193 -63.07 1.37 1.47
CA PHE E 193 -63.89 2.28 0.68
C PHE E 193 -64.20 3.53 1.49
N PHE E 194 -64.57 3.36 2.76
CA PHE E 194 -64.98 4.52 3.55
C PHE E 194 -63.82 5.46 3.83
N ILE E 195 -62.64 4.92 4.15
CA ILE E 195 -61.51 5.81 4.40
C ILE E 195 -61.09 6.51 3.12
N LEU E 196 -61.14 5.81 1.98
CA LEU E 196 -60.84 6.45 0.71
C LEU E 196 -61.85 7.55 0.39
N ALA E 197 -63.13 7.30 0.68
CA ALA E 197 -64.18 8.27 0.43
C ALA E 197 -64.23 9.37 1.47
N ALA E 198 -63.41 9.29 2.52
CA ALA E 198 -63.31 10.36 3.50
C ALA E 198 -62.50 11.55 2.98
N HIS E 199 -61.96 11.45 1.77
CA HIS E 199 -61.03 12.45 1.22
C HIS E 199 -59.94 12.80 2.21
N GLU E 200 -59.16 11.80 2.56
CA GLU E 200 -58.02 12.13 3.40
C GLU E 200 -56.74 11.51 2.90
N HIS E 201 -56.81 10.61 1.91
CA HIS E 201 -55.63 9.96 1.35
C HIS E 201 -55.86 9.78 -0.13
N TYR E 202 -54.76 9.66 -0.87
CA TYR E 202 -54.86 9.46 -2.31
C TYR E 202 -54.90 7.98 -2.62
N SER E 203 -55.43 7.66 -3.81
CA SER E 203 -55.63 6.25 -4.16
C SER E 203 -54.30 5.50 -4.20
N ILE E 204 -53.25 6.15 -4.69
CA ILE E 204 -51.94 5.49 -4.75
C ILE E 204 -51.42 5.18 -3.35
N ASP E 205 -51.68 6.07 -2.38
CA ASP E 205 -51.19 5.84 -1.02
C ASP E 205 -51.81 4.58 -0.43
N VAL E 206 -53.15 4.49 -0.48
CA VAL E 206 -53.84 3.32 0.04
C VAL E 206 -53.44 2.07 -0.72
N PHE E 207 -53.31 2.19 -2.05
CA PHE E 207 -52.97 1.02 -2.85
C PHE E 207 -51.61 0.45 -2.48
N ILE E 208 -50.59 1.32 -2.40
CA ILE E 208 -49.26 0.83 -2.06
C ILE E 208 -49.22 0.35 -0.61
N ALA E 209 -49.98 0.98 0.29
CA ALA E 209 -50.01 0.49 1.67
C ALA E 209 -50.58 -0.92 1.73
N PHE E 210 -51.70 -1.15 1.03
CA PHE E 210 -52.31 -2.48 0.99
C PHE E 210 -51.38 -3.50 0.39
N TYR E 211 -50.74 -3.15 -0.74
CA TYR E 211 -49.82 -4.09 -1.38
C TYR E 211 -48.65 -4.41 -0.46
N ILE E 212 -48.11 -3.39 0.22
CA ILE E 212 -46.94 -3.62 1.08
C ILE E 212 -47.30 -4.52 2.25
N THR E 213 -48.43 -4.26 2.91
CA THR E 213 -48.77 -5.11 4.04
C THR E 213 -49.06 -6.53 3.59
N THR E 214 -49.76 -6.71 2.47
CA THR E 214 -50.05 -8.05 1.98
C THR E 214 -48.75 -8.79 1.65
N ARG E 215 -47.86 -8.13 0.92
CA ARG E 215 -46.62 -8.80 0.52
C ARG E 215 -45.77 -9.15 1.73
N LEU E 216 -45.63 -8.22 2.68
CA LEU E 216 -44.81 -8.51 3.86
C LEU E 216 -45.40 -9.65 4.67
N PHE E 217 -46.72 -9.66 4.87
CA PHE E 217 -47.35 -10.72 5.64
C PHE E 217 -47.15 -12.08 4.97
N LEU E 218 -47.42 -12.15 3.66
CA LEU E 218 -47.26 -13.42 2.96
C LEU E 218 -45.81 -13.88 2.94
N TYR E 219 -44.87 -12.95 2.76
CA TYR E 219 -43.45 -13.30 2.76
C TYR E 219 -43.03 -13.84 4.12
N TYR E 220 -43.46 -13.19 5.20
CA TYR E 220 -43.10 -13.66 6.53
C TYR E 220 -43.67 -15.03 6.80
N HIS E 221 -44.94 -15.25 6.44
CA HIS E 221 -45.54 -16.56 6.70
C HIS E 221 -44.90 -17.66 5.85
N THR E 222 -44.57 -17.35 4.59
CA THR E 222 -43.91 -18.33 3.75
C THR E 222 -42.52 -18.68 4.30
N LEU E 223 -41.78 -17.67 4.75
CA LEU E 223 -40.46 -17.94 5.34
C LEU E 223 -40.58 -18.77 6.60
N ALA E 224 -41.58 -18.48 7.44
CA ALA E 224 -41.76 -19.25 8.66
C ALA E 224 -42.15 -20.69 8.37
N ASN E 225 -43.03 -20.91 7.40
CA ASN E 225 -43.47 -22.27 7.09
C ASN E 225 -42.35 -23.07 6.43
N THR E 226 -41.60 -22.43 5.52
CA THR E 226 -40.51 -23.13 4.83
C THR E 226 -39.41 -23.53 5.78
N ARG E 227 -39.21 -22.78 6.86
CA ARG E 227 -38.16 -23.03 7.84
C ARG E 227 -36.77 -22.89 7.19
N ALA E 228 -36.54 -21.72 6.62
CA ALA E 228 -35.27 -21.39 6.00
C ALA E 228 -34.40 -20.49 6.88
N TYR E 229 -34.83 -20.19 8.10
CA TYR E 229 -34.03 -19.36 8.99
C TYR E 229 -32.78 -20.09 9.48
N GLN E 230 -32.74 -21.42 9.36
CA GLN E 230 -31.57 -22.18 9.77
C GLN E 230 -31.17 -23.24 8.75
N GLN E 231 -31.95 -23.43 7.68
CA GLN E 231 -31.64 -24.49 6.73
C GLN E 231 -30.30 -24.22 6.03
N SER E 232 -30.07 -22.98 5.62
CA SER E 232 -28.83 -22.60 4.95
C SER E 232 -28.76 -21.07 4.97
N ARG E 233 -27.67 -20.54 4.42
CA ARG E 233 -27.50 -19.10 4.25
C ARG E 233 -28.09 -18.70 2.90
N ARG E 234 -29.42 -18.80 2.81
CA ARG E 234 -30.10 -18.64 1.53
C ARG E 234 -30.10 -17.18 1.07
N ALA E 235 -30.73 -16.29 1.85
CA ALA E 235 -30.96 -14.94 1.36
C ALA E 235 -30.73 -13.86 2.42
N ARG E 236 -30.10 -14.20 3.54
CA ARG E 236 -29.81 -13.26 4.64
C ARG E 236 -31.01 -12.36 4.94
N ILE E 237 -32.05 -13.01 5.46
CA ILE E 237 -33.33 -12.36 5.72
C ILE E 237 -33.12 -11.04 6.47
N TRP E 238 -33.72 -9.98 5.95
CA TRP E 238 -33.55 -8.63 6.49
C TRP E 238 -34.63 -8.24 7.48
N PHE E 239 -35.55 -9.14 7.80
CA PHE E 239 -36.61 -8.80 8.73
C PHE E 239 -36.05 -8.48 10.12
N PRO E 240 -36.45 -7.37 10.72
CA PRO E 240 -35.94 -7.04 12.07
C PRO E 240 -36.36 -8.07 13.10
N MET E 241 -35.38 -8.67 13.76
CA MET E 241 -35.60 -9.66 14.83
C MET E 241 -36.49 -10.80 14.34
N PHE E 242 -36.04 -11.47 13.28
CA PHE E 242 -36.73 -12.62 12.73
C PHE E 242 -36.19 -13.93 13.27
N SER E 243 -34.89 -14.18 13.08
CA SER E 243 -34.30 -15.44 13.53
C SER E 243 -34.34 -15.57 15.05
N PHE E 244 -34.24 -14.45 15.77
CA PHE E 244 -34.29 -14.50 17.23
C PHE E 244 -35.67 -14.83 17.76
N PHE E 245 -36.68 -14.85 16.90
CA PHE E 245 -38.07 -15.07 17.29
C PHE E 245 -38.60 -16.44 16.91
N GLU E 246 -38.27 -16.93 15.71
CA GLU E 246 -38.80 -18.18 15.20
C GLU E 246 -37.82 -19.34 15.30
N CYS E 247 -36.68 -19.16 15.97
CA CYS E 247 -35.73 -20.25 16.10
C CYS E 247 -36.27 -21.37 16.99
N ASN E 248 -37.08 -21.02 17.99
CA ASN E 248 -37.64 -22.02 18.89
C ASN E 248 -38.84 -22.75 18.29
N VAL E 249 -39.31 -22.35 17.12
CA VAL E 249 -40.48 -22.94 16.48
C VAL E 249 -40.04 -23.63 15.21
N ASN E 250 -40.41 -24.90 15.06
CA ASN E 250 -40.04 -25.69 13.89
C ASN E 250 -41.31 -26.10 13.16
N GLY E 251 -41.32 -25.93 11.85
CA GLY E 251 -42.47 -26.30 11.05
C GLY E 251 -43.62 -25.30 11.18
N THR E 252 -44.80 -25.74 10.77
CA THR E 252 -45.98 -24.89 10.75
C THR E 252 -46.74 -25.00 12.07
N VAL E 253 -47.24 -23.87 12.53
CA VAL E 253 -48.01 -23.85 13.79
C VAL E 253 -49.38 -24.48 13.55
N PRO E 254 -49.77 -25.42 14.36
CA PRO E 254 -51.09 -26.07 14.20
C PRO E 254 -52.24 -25.15 14.60
N ASN E 255 -53.46 -25.65 14.54
CA ASN E 255 -54.66 -24.84 14.82
C ASN E 255 -55.54 -25.54 15.85
N GLU E 256 -54.93 -26.05 16.91
CA GLU E 256 -55.68 -26.69 17.98
C GLU E 256 -56.24 -25.65 18.94
N TYR E 257 -57.49 -25.87 19.35
CA TYR E 257 -58.21 -24.97 20.23
C TYR E 257 -58.41 -25.61 21.60
N CYS E 258 -58.32 -24.80 22.64
CA CYS E 258 -58.46 -25.25 24.03
C CYS E 258 -59.10 -24.13 24.84
N TRP E 259 -59.16 -24.32 26.16
CA TRP E 259 -59.77 -23.39 27.10
C TRP E 259 -58.86 -23.24 28.33
N PRO E 260 -58.28 -22.07 28.58
CA PRO E 260 -57.42 -21.90 29.73
C PRO E 260 -58.03 -21.67 31.10
N PHE E 261 -59.31 -22.01 31.25
CA PHE E 261 -60.02 -21.92 32.51
C PHE E 261 -60.34 -23.32 32.99
N SER E 262 -59.96 -23.60 34.23
CA SER E 262 -60.22 -24.89 34.87
C SER E 262 -61.53 -24.90 35.63
N LYS E 263 -62.48 -24.04 35.24
CA LYS E 263 -63.78 -23.94 35.90
C LYS E 263 -64.87 -24.03 34.85
N PRO E 264 -65.18 -25.25 34.37
CA PRO E 264 -66.22 -25.45 33.34
C PRO E 264 -67.61 -25.04 33.81
N ARG F 1 -36.38 -29.02 -26.38
CA ARG F 1 -35.34 -28.37 -27.18
C ARG F 1 -35.73 -26.93 -27.48
N LEU F 2 -34.72 -26.05 -27.59
CA LEU F 2 -34.94 -24.64 -27.85
C LEU F 2 -35.24 -24.45 -29.33
N ASP F 3 -36.50 -24.25 -29.67
CA ASP F 3 -36.91 -24.03 -31.05
C ASP F 3 -37.15 -22.53 -31.23
N PRO F 4 -36.34 -21.83 -32.02
CA PRO F 4 -36.55 -20.39 -32.22
C PRO F 4 -37.79 -20.10 -33.04
N GLU F 5 -38.84 -19.60 -32.39
CA GLU F 5 -40.09 -19.29 -33.08
C GLU F 5 -40.00 -17.86 -33.61
N TYR F 6 -39.82 -17.72 -34.92
CA TYR F 6 -39.67 -16.42 -35.55
C TYR F 6 -40.99 -15.75 -35.88
N TRP F 7 -42.11 -16.45 -35.73
CA TRP F 7 -43.42 -15.88 -35.99
C TRP F 7 -44.08 -15.31 -34.74
N LYS F 8 -43.43 -15.41 -33.58
CA LYS F 8 -43.95 -14.84 -32.36
C LYS F 8 -43.27 -13.53 -31.97
N THR F 9 -42.04 -13.30 -32.42
CA THR F 9 -41.35 -12.07 -32.11
C THR F 9 -42.06 -10.86 -32.72
N ILE F 10 -42.59 -11.02 -33.95
CA ILE F 10 -43.31 -9.94 -34.60
C ILE F 10 -44.56 -9.59 -33.79
N LEU F 11 -45.25 -10.60 -33.27
CA LEU F 11 -46.42 -10.34 -32.43
C LEU F 11 -46.02 -9.55 -31.18
N SER F 12 -44.90 -9.91 -30.56
CA SER F 12 -44.46 -9.21 -29.36
C SER F 12 -44.11 -7.75 -29.68
N CYS F 13 -43.42 -7.53 -30.80
CA CYS F 13 -43.08 -6.16 -31.17
C CYS F 13 -44.32 -5.33 -31.47
N ILE F 14 -45.29 -5.93 -32.16
CA ILE F 14 -46.54 -5.22 -32.44
C ILE F 14 -47.26 -4.89 -31.14
N TYR F 15 -47.29 -5.84 -30.21
CA TYR F 15 -47.93 -5.61 -28.92
C TYR F 15 -47.26 -4.48 -28.17
N VAL F 16 -45.92 -4.45 -28.17
CA VAL F 16 -45.20 -3.36 -27.51
C VAL F 16 -45.51 -2.02 -28.16
N PHE F 17 -45.59 -2.01 -29.50
CA PHE F 17 -45.87 -0.75 -30.20
C PHE F 17 -47.27 -0.23 -29.87
N ILE F 18 -48.28 -1.10 -29.87
CA ILE F 18 -49.61 -0.62 -29.54
C ILE F 18 -49.68 -0.23 -28.06
N VAL F 19 -48.90 -0.91 -27.21
CA VAL F 19 -48.84 -0.52 -25.81
C VAL F 19 -48.27 0.90 -25.67
N PHE F 20 -47.21 1.20 -26.42
CA PHE F 20 -46.62 2.54 -26.36
C PHE F 20 -47.61 3.59 -26.88
N GLY F 21 -48.31 3.27 -27.97
CA GLY F 21 -49.32 4.19 -28.46
C GLY F 21 -50.43 4.44 -27.46
N PHE F 22 -50.88 3.37 -26.81
CA PHE F 22 -51.90 3.49 -25.77
C PHE F 22 -51.39 4.33 -24.61
N THR F 23 -50.12 4.16 -24.23
CA THR F 23 -49.55 4.98 -23.17
C THR F 23 -49.53 6.45 -23.55
N SER F 24 -49.14 6.75 -24.79
CA SER F 24 -49.16 8.13 -25.26
C SER F 24 -50.58 8.70 -25.22
N PHE F 25 -51.56 7.90 -25.65
CA PHE F 25 -52.93 8.40 -25.69
C PHE F 25 -53.45 8.66 -24.27
N ILE F 26 -53.15 7.75 -23.33
CA ILE F 26 -53.57 7.95 -21.95
C ILE F 26 -52.91 9.18 -21.35
N MET F 27 -51.63 9.39 -21.65
CA MET F 27 -50.98 10.62 -21.20
C MET F 27 -51.66 11.84 -21.81
N VAL F 28 -52.12 11.71 -23.06
CA VAL F 28 -52.84 12.80 -23.72
C VAL F 28 -54.10 13.14 -22.95
N ILE F 29 -54.84 12.12 -22.52
CA ILE F 29 -55.99 12.37 -21.66
C ILE F 29 -55.54 13.02 -20.35
N VAL F 30 -54.43 12.55 -19.79
CA VAL F 30 -54.09 12.88 -18.41
C VAL F 30 -53.71 14.36 -18.29
N HIS F 31 -52.92 14.89 -19.24
CA HIS F 31 -52.37 16.22 -18.99
C HIS F 31 -53.29 17.35 -19.43
N GLU F 32 -54.61 17.12 -19.43
CA GLU F 32 -55.56 18.20 -19.65
C GLU F 32 -56.61 18.33 -18.57
N ARG F 33 -56.63 17.42 -17.57
CA ARG F 33 -57.69 17.42 -16.59
C ARG F 33 -57.60 18.59 -15.61
N VAL F 34 -56.40 19.13 -15.41
CA VAL F 34 -56.24 20.38 -14.66
C VAL F 34 -55.46 21.37 -15.53
N PRO F 35 -55.95 22.60 -15.69
CA PRO F 35 -55.37 23.48 -16.72
C PRO F 35 -53.92 23.85 -16.49
N ASP F 36 -53.60 24.39 -15.32
CA ASP F 36 -52.31 25.04 -15.16
C ASP F 36 -51.16 24.06 -14.95
N MET F 37 -51.22 23.30 -13.85
CA MET F 37 -50.16 22.40 -13.42
C MET F 37 -48.82 23.11 -13.21
N GLN F 38 -48.83 24.44 -13.12
CA GLN F 38 -47.59 25.20 -13.02
C GLN F 38 -47.60 26.31 -11.98
N THR F 39 -48.76 26.69 -11.44
CA THR F 39 -48.87 27.69 -10.38
C THR F 39 -48.71 27.11 -8.98
N TYR F 40 -48.77 25.79 -8.84
CA TYR F 40 -48.68 25.19 -7.53
C TYR F 40 -47.26 25.34 -6.98
N PRO F 41 -47.10 25.31 -5.66
CA PRO F 41 -45.76 25.25 -5.08
C PRO F 41 -45.30 23.81 -4.94
N PRO F 42 -43.99 23.56 -5.08
CA PRO F 42 -43.51 22.17 -5.05
C PRO F 42 -43.71 21.52 -3.70
N LEU F 43 -44.00 20.22 -3.73
CA LEU F 43 -44.14 19.45 -2.50
C LEU F 43 -42.78 19.27 -1.84
N PRO F 44 -42.74 19.23 -0.50
CA PRO F 44 -41.46 19.16 0.22
C PRO F 44 -40.88 17.75 0.20
N ASP F 45 -39.68 17.62 -0.36
CA ASP F 45 -38.90 16.38 -0.31
C ASP F 45 -37.52 16.67 0.26
N ILE F 46 -36.71 15.63 0.36
CA ILE F 46 -35.37 15.77 0.92
C ILE F 46 -34.32 16.01 -0.16
N PHE F 47 -34.52 15.48 -1.36
CA PHE F 47 -33.53 15.60 -2.42
C PHE F 47 -33.86 16.68 -3.45
N LEU F 48 -35.05 17.27 -3.39
CA LEU F 48 -35.41 18.36 -4.27
C LEU F 48 -35.22 19.73 -3.63
N ASP F 49 -34.73 19.77 -2.40
CA ASP F 49 -34.47 21.03 -1.70
C ASP F 49 -33.00 21.30 -1.45
N SER F 50 -32.18 20.26 -1.30
CA SER F 50 -30.76 20.45 -1.04
C SER F 50 -30.01 20.79 -2.32
N VAL F 51 -30.06 19.89 -3.30
CA VAL F 51 -29.32 20.07 -4.55
C VAL F 51 -30.08 21.01 -5.48
N PRO F 52 -29.45 22.09 -5.95
CA PRO F 52 -30.13 22.99 -6.89
C PRO F 52 -30.26 22.35 -8.27
N ARG F 53 -31.11 22.96 -9.08
CA ARG F 53 -31.38 22.43 -10.42
C ARG F 53 -30.15 22.54 -11.31
N ILE F 54 -29.93 21.51 -12.11
CA ILE F 54 -28.86 21.46 -13.09
C ILE F 54 -29.51 21.36 -14.47
N PRO F 55 -29.22 22.28 -15.40
CA PRO F 55 -29.95 22.30 -16.68
C PRO F 55 -29.45 21.33 -17.74
N TRP F 56 -28.28 20.71 -17.54
CA TRP F 56 -27.79 19.70 -18.46
C TRP F 56 -27.86 18.31 -17.84
N ALA F 57 -28.60 18.12 -16.76
CA ALA F 57 -28.63 16.81 -16.13
C ALA F 57 -29.66 15.87 -16.73
N PHE F 58 -30.54 16.36 -17.61
CA PHE F 58 -31.55 15.52 -18.22
C PHE F 58 -31.11 14.86 -19.52
N ALA F 59 -29.97 15.23 -20.08
CA ALA F 59 -29.54 14.52 -21.28
C ALA F 59 -28.47 13.47 -21.01
N MET F 60 -27.72 13.55 -19.89
CA MET F 60 -26.78 12.49 -19.53
C MET F 60 -27.49 11.17 -19.20
N THR F 61 -28.63 11.22 -18.51
CA THR F 61 -29.41 10.01 -18.31
C THR F 61 -29.74 9.35 -19.64
N GLU F 62 -30.19 10.14 -20.61
CA GLU F 62 -30.52 9.53 -21.88
C GLU F 62 -29.27 9.02 -22.58
N VAL F 63 -28.16 9.76 -22.52
CA VAL F 63 -26.91 9.29 -23.12
C VAL F 63 -26.55 7.93 -22.57
N CYS F 64 -26.66 7.77 -21.25
CA CYS F 64 -26.50 6.45 -20.65
C CYS F 64 -27.51 5.45 -21.19
N GLY F 65 -28.73 5.92 -21.49
CA GLY F 65 -29.72 5.03 -22.07
C GLY F 65 -29.30 4.49 -23.43
N MET F 66 -28.79 5.38 -24.30
CA MET F 66 -28.31 4.90 -25.60
C MET F 66 -27.08 4.02 -25.45
N ILE F 67 -26.20 4.33 -24.50
CA ILE F 67 -25.05 3.45 -24.27
C ILE F 67 -25.52 2.05 -23.89
N LEU F 68 -26.45 1.96 -22.95
CA LEU F 68 -26.94 0.66 -22.50
C LEU F 68 -27.68 -0.07 -23.61
N CYS F 69 -28.47 0.64 -24.41
CA CYS F 69 -29.18 -0.04 -25.49
C CYS F 69 -28.21 -0.55 -26.55
N TYR F 70 -27.16 0.22 -26.85
CA TYR F 70 -26.16 -0.25 -27.79
C TYR F 70 -25.44 -1.49 -27.27
N ILE F 71 -25.11 -1.51 -25.98
CA ILE F 71 -24.50 -2.69 -25.38
C ILE F 71 -25.44 -3.89 -25.47
N TRP F 72 -26.73 -3.65 -25.24
CA TRP F 72 -27.71 -4.73 -25.30
C TRP F 72 -27.84 -5.28 -26.72
N LEU F 73 -27.82 -4.40 -27.73
CA LEU F 73 -27.86 -4.89 -29.11
C LEU F 73 -26.58 -5.67 -29.45
N LEU F 74 -25.43 -5.22 -28.95
CA LEU F 74 -24.20 -5.97 -29.16
C LEU F 74 -24.29 -7.36 -28.56
N VAL F 75 -24.86 -7.46 -27.36
CA VAL F 75 -25.05 -8.77 -26.73
C VAL F 75 -26.04 -9.60 -27.55
N LEU F 76 -27.07 -8.95 -28.10
CA LEU F 76 -28.09 -9.67 -28.84
C LEU F 76 -27.51 -10.26 -30.13
N LEU F 77 -26.59 -9.54 -30.77
CA LEU F 77 -26.10 -9.97 -32.08
C LEU F 77 -25.37 -11.30 -32.00
N LEU F 78 -24.54 -11.49 -30.98
CA LEU F 78 -23.66 -12.66 -30.88
C LEU F 78 -24.26 -13.79 -30.06
N HIS F 79 -25.59 -13.86 -29.96
CA HIS F 79 -26.26 -14.86 -29.15
C HIS F 79 -26.96 -15.89 -30.03
N LYS F 80 -26.87 -17.16 -29.64
CA LYS F 80 -27.55 -18.23 -30.37
C LYS F 80 -29.06 -18.05 -30.33
N HIS F 81 -29.61 -17.89 -29.14
CA HIS F 81 -31.06 -17.82 -28.95
C HIS F 81 -31.52 -16.36 -28.83
N ARG F 82 -31.33 -15.63 -29.92
CA ARG F 82 -31.70 -14.22 -29.95
C ARG F 82 -33.21 -14.03 -29.87
N SER F 83 -33.97 -14.91 -30.53
CA SER F 83 -35.42 -14.75 -30.60
C SER F 83 -36.05 -14.84 -29.21
N ILE F 84 -35.56 -15.76 -28.38
CA ILE F 84 -36.12 -15.91 -27.04
C ILE F 84 -35.88 -14.65 -26.21
N LEU F 85 -34.66 -14.08 -26.30
CA LEU F 85 -34.37 -12.87 -25.56
C LEU F 85 -35.25 -11.70 -26.02
N LEU F 86 -35.37 -11.53 -27.34
CA LEU F 86 -36.18 -10.43 -27.85
C LEU F 86 -37.65 -10.64 -27.54
N ARG F 87 -38.03 -11.90 -27.36
CA ARG F 87 -39.39 -12.23 -27.00
C ARG F 87 -39.68 -11.86 -25.54
N ARG F 88 -38.78 -12.26 -24.63
CA ARG F 88 -38.95 -11.97 -23.23
C ARG F 88 -38.88 -10.47 -22.94
N LEU F 89 -37.96 -9.76 -23.58
CA LEU F 89 -37.80 -8.34 -23.29
C LEU F 89 -39.07 -7.57 -23.59
N CYS F 90 -39.63 -7.78 -24.79
CA CYS F 90 -40.86 -7.09 -25.16
C CYS F 90 -42.01 -7.51 -24.26
N SER F 91 -42.08 -8.81 -23.91
CA SER F 91 -43.15 -9.22 -23.02
C SER F 91 -43.06 -8.53 -21.66
N LEU F 92 -41.85 -8.30 -21.17
CA LEU F 92 -41.69 -7.59 -19.90
C LEU F 92 -42.09 -6.13 -20.02
N MET F 93 -41.59 -5.45 -21.06
CA MET F 93 -41.87 -4.02 -21.21
C MET F 93 -43.36 -3.77 -21.39
N GLY F 94 -44.06 -4.67 -22.06
CA GLY F 94 -45.50 -4.48 -22.24
C GLY F 94 -46.23 -4.43 -20.90
N THR F 95 -45.96 -5.40 -20.03
CA THR F 95 -46.61 -5.42 -18.72
C THR F 95 -46.19 -4.22 -17.88
N VAL F 96 -44.91 -3.86 -17.91
CA VAL F 96 -44.45 -2.74 -17.11
C VAL F 96 -45.14 -1.45 -17.55
N PHE F 97 -45.26 -1.23 -18.86
CA PHE F 97 -45.90 -0.01 -19.32
C PHE F 97 -47.41 -0.06 -19.18
N LEU F 98 -48.03 -1.24 -19.14
CA LEU F 98 -49.43 -1.31 -18.74
C LEU F 98 -49.61 -0.88 -17.30
N LEU F 99 -48.71 -1.32 -16.41
CA LEU F 99 -48.74 -0.84 -15.04
C LEU F 99 -48.55 0.67 -14.97
N ARG F 100 -47.67 1.20 -15.81
CA ARG F 100 -47.47 2.65 -15.86
C ARG F 100 -48.74 3.36 -16.31
N CYS F 101 -49.42 2.82 -17.31
CA CYS F 101 -50.69 3.39 -17.74
C CYS F 101 -51.70 3.41 -16.62
N PHE F 102 -51.82 2.29 -15.90
CA PHE F 102 -52.77 2.22 -14.80
C PHE F 102 -52.45 3.24 -13.72
N THR F 103 -51.18 3.30 -13.29
CA THR F 103 -50.84 4.18 -12.19
C THR F 103 -50.89 5.66 -12.59
N MET F 104 -50.72 5.96 -13.88
CA MET F 104 -50.92 7.33 -14.32
C MET F 104 -52.39 7.67 -14.44
N PHE F 105 -53.23 6.69 -14.78
CA PHE F 105 -54.66 6.95 -14.86
C PHE F 105 -55.27 7.18 -13.49
N VAL F 106 -54.86 6.39 -12.49
CA VAL F 106 -55.48 6.51 -11.16
C VAL F 106 -55.15 7.87 -10.54
N THR F 107 -53.91 8.32 -10.65
CA THR F 107 -53.54 9.59 -10.05
C THR F 107 -52.51 10.30 -10.92
N SER F 108 -52.55 11.63 -10.88
CA SER F 108 -51.62 12.47 -11.61
C SER F 108 -50.77 13.25 -10.61
N LEU F 109 -49.45 13.07 -10.70
CA LEU F 109 -48.51 13.71 -9.78
C LEU F 109 -47.37 14.29 -10.60
N SER F 110 -47.20 15.60 -10.55
CA SER F 110 -46.27 16.31 -11.41
C SER F 110 -45.31 17.15 -10.57
N VAL F 111 -44.41 17.85 -11.25
CA VAL F 111 -43.45 18.75 -10.63
C VAL F 111 -43.94 20.18 -10.87
N PRO F 112 -44.31 20.93 -9.84
CA PRO F 112 -44.94 22.24 -10.05
C PRO F 112 -43.94 23.36 -10.32
N GLY F 113 -43.55 23.58 -11.57
CA GLY F 113 -42.68 24.70 -11.85
C GLY F 113 -41.76 24.54 -13.03
N GLN F 114 -41.42 23.31 -13.38
CA GLN F 114 -40.51 23.07 -14.49
C GLN F 114 -41.28 23.01 -15.81
N HIS F 115 -40.62 23.50 -16.87
CA HIS F 115 -41.21 23.57 -18.21
C HIS F 115 -42.53 24.34 -18.21
N LEU F 116 -42.56 25.45 -17.48
CA LEU F 116 -43.74 26.30 -17.41
C LEU F 116 -43.95 27.12 -18.67
N GLN F 117 -42.95 27.20 -19.53
CA GLN F 117 -43.02 28.01 -20.73
C GLN F 117 -43.53 27.23 -21.94
N CYS F 118 -43.85 25.95 -21.77
CA CYS F 118 -44.28 25.11 -22.88
C CYS F 118 -45.65 25.59 -23.36
N THR F 119 -45.81 25.72 -24.68
CA THR F 119 -46.99 26.34 -25.26
C THR F 119 -48.08 25.29 -25.51
N GLY F 120 -49.17 25.70 -26.15
CA GLY F 120 -50.27 24.80 -26.43
C GLY F 120 -51.45 25.01 -25.52
N LYS F 121 -51.77 23.99 -24.71
CA LYS F 121 -52.88 24.02 -23.75
C LYS F 121 -54.24 24.22 -24.44
N ILE F 122 -55.31 24.14 -23.63
CA ILE F 122 -56.71 24.25 -24.05
C ILE F 122 -56.93 23.62 -25.43
N TYR F 123 -56.53 22.36 -25.57
CA TYR F 123 -56.69 21.63 -26.84
C TYR F 123 -57.93 20.75 -26.82
N GLY F 124 -59.10 21.36 -26.61
CA GLY F 124 -60.31 20.59 -26.46
C GLY F 124 -61.01 20.22 -27.77
N SER F 125 -60.81 19.00 -28.25
CA SER F 125 -61.50 18.46 -29.42
C SER F 125 -61.14 16.99 -29.56
N VAL F 126 -61.53 16.33 -30.66
CA VAL F 126 -61.19 14.93 -30.87
C VAL F 126 -60.12 14.81 -31.94
N TRP F 127 -60.15 15.72 -32.92
CA TRP F 127 -59.35 15.56 -34.13
C TRP F 127 -57.85 15.57 -33.85
N GLU F 128 -57.36 16.57 -33.11
CA GLU F 128 -55.92 16.78 -33.02
C GLU F 128 -55.29 16.16 -31.78
N LYS F 129 -56.08 15.45 -30.96
CA LYS F 129 -55.51 14.60 -29.92
C LYS F 129 -54.62 13.51 -30.51
N LEU F 130 -55.11 12.85 -31.56
CA LEU F 130 -54.29 11.89 -32.27
C LEU F 130 -53.03 12.54 -32.83
N HIS F 131 -53.09 13.85 -33.12
CA HIS F 131 -51.92 14.55 -33.63
C HIS F 131 -50.78 14.57 -32.60
N ARG F 132 -51.05 15.09 -31.39
CA ARG F 132 -50.01 15.02 -30.37
C ARG F 132 -49.69 13.59 -29.93
N ALA F 133 -50.68 12.69 -29.99
CA ALA F 133 -50.39 11.29 -29.68
C ALA F 133 -49.35 10.72 -30.64
N PHE F 134 -49.56 10.95 -31.95
CA PHE F 134 -48.61 10.45 -32.95
C PHE F 134 -47.27 11.16 -32.83
N ALA F 135 -47.28 12.45 -32.50
CA ALA F 135 -46.03 13.17 -32.30
C ALA F 135 -45.20 12.55 -31.18
N ILE F 136 -45.84 12.34 -30.02
CA ILE F 136 -45.12 11.76 -28.88
C ILE F 136 -44.71 10.32 -29.19
N TRP F 137 -45.54 9.58 -29.92
CA TRP F 137 -45.19 8.21 -30.27
C TRP F 137 -43.98 8.17 -31.19
N SER F 138 -44.09 8.77 -32.37
CA SER F 138 -42.96 8.84 -33.28
C SER F 138 -42.12 10.09 -33.04
N GLY F 139 -41.82 10.33 -31.76
CA GLY F 139 -40.74 11.19 -31.34
C GLY F 139 -39.98 10.44 -30.26
N PHE F 140 -40.57 9.33 -29.82
CA PHE F 140 -40.02 8.40 -28.85
C PHE F 140 -39.73 9.05 -27.49
N GLY F 141 -40.17 10.28 -27.29
CA GLY F 141 -40.13 10.87 -25.96
C GLY F 141 -38.79 11.41 -25.49
N MET F 142 -37.78 11.47 -26.34
CA MET F 142 -36.53 12.06 -25.88
C MET F 142 -36.66 13.58 -25.74
N THR F 143 -35.79 14.14 -24.91
CA THR F 143 -35.67 15.59 -24.80
C THR F 143 -34.72 16.17 -25.84
N LEU F 144 -33.87 15.35 -26.44
CA LEU F 144 -33.01 15.83 -27.52
C LEU F 144 -33.84 16.13 -28.77
N THR F 145 -34.52 15.12 -29.30
CA THR F 145 -35.54 15.33 -30.32
C THR F 145 -36.76 15.89 -29.60
N GLY F 146 -36.93 17.21 -29.64
CA GLY F 146 -37.88 17.87 -28.76
C GLY F 146 -39.31 17.41 -28.89
N VAL F 147 -39.75 16.61 -27.92
CA VAL F 147 -41.15 16.26 -27.73
C VAL F 147 -41.54 16.58 -26.30
N HIS F 148 -40.65 16.23 -25.37
CA HIS F 148 -40.87 16.44 -23.94
C HIS F 148 -40.74 17.93 -23.65
N THR F 149 -41.81 18.66 -23.99
CA THR F 149 -41.80 20.11 -23.85
C THR F 149 -42.36 20.56 -22.50
N CYS F 150 -43.41 19.91 -22.01
CA CYS F 150 -43.97 20.22 -20.69
C CYS F 150 -43.49 19.15 -19.70
N GLY F 151 -44.05 19.15 -18.48
CA GLY F 151 -43.57 18.29 -17.42
C GLY F 151 -43.96 16.83 -17.58
N ASP F 152 -43.42 15.99 -16.68
CA ASP F 152 -43.67 14.56 -16.66
C ASP F 152 -44.39 14.17 -15.38
N TYR F 153 -44.88 12.93 -15.35
CA TYR F 153 -45.86 12.50 -14.35
C TYR F 153 -45.42 11.26 -13.58
N MET F 154 -46.34 10.65 -12.85
CA MET F 154 -46.04 9.53 -11.96
C MET F 154 -45.40 8.38 -12.73
N PHE F 155 -44.54 7.63 -12.02
CA PHE F 155 -43.93 6.39 -12.52
C PHE F 155 -43.15 6.65 -13.83
N SER F 156 -42.05 7.39 -13.65
CA SER F 156 -41.20 7.76 -14.77
C SER F 156 -40.72 6.53 -15.52
N GLY F 157 -40.78 6.60 -16.85
CA GLY F 157 -40.38 5.48 -17.69
C GLY F 157 -38.90 5.44 -18.01
N HIS F 158 -38.20 6.55 -17.82
CA HIS F 158 -36.76 6.57 -18.07
C HIS F 158 -36.03 5.60 -17.15
N THR F 159 -36.36 5.64 -15.86
CA THR F 159 -35.75 4.72 -14.91
C THR F 159 -36.16 3.29 -15.23
N VAL F 160 -37.40 3.09 -15.68
CA VAL F 160 -37.86 1.76 -16.06
C VAL F 160 -36.98 1.19 -17.17
N VAL F 161 -36.77 1.97 -18.23
CA VAL F 161 -35.98 1.49 -19.36
C VAL F 161 -34.54 1.25 -18.93
N LEU F 162 -33.97 2.18 -18.16
CA LEU F 162 -32.58 2.02 -17.72
C LEU F 162 -32.41 0.76 -16.87
N THR F 163 -33.31 0.55 -15.91
CA THR F 163 -33.20 -0.62 -15.04
C THR F 163 -33.42 -1.91 -15.80
N MET F 164 -34.41 -1.94 -16.70
CA MET F 164 -34.67 -3.16 -17.47
C MET F 164 -33.48 -3.52 -18.34
N LEU F 165 -32.92 -2.52 -19.03
CA LEU F 165 -31.76 -2.80 -19.88
C LEU F 165 -30.55 -3.22 -19.05
N ASN F 166 -30.35 -2.58 -17.90
CA ASN F 166 -29.23 -2.96 -17.05
C ASN F 166 -29.35 -4.40 -16.57
N PHE F 167 -30.54 -4.78 -16.10
CA PHE F 167 -30.72 -6.14 -15.58
C PHE F 167 -30.64 -7.16 -16.71
N PHE F 168 -31.15 -6.83 -17.89
CA PHE F 168 -31.03 -7.75 -19.01
C PHE F 168 -29.58 -7.93 -19.43
N VAL F 169 -28.79 -6.85 -19.41
CA VAL F 169 -27.38 -6.95 -19.75
C VAL F 169 -26.63 -7.80 -18.72
N THR F 170 -26.89 -7.57 -17.43
CA THR F 170 -26.21 -8.38 -16.43
C THR F 170 -26.69 -9.84 -16.41
N GLU F 171 -27.91 -10.09 -16.89
CA GLU F 171 -28.47 -11.44 -16.79
C GLU F 171 -27.89 -12.39 -17.83
N TYR F 172 -27.86 -11.97 -19.09
CA TYR F 172 -27.57 -12.86 -20.21
C TYR F 172 -26.14 -12.70 -20.73
N THR F 173 -25.19 -12.52 -19.84
CA THR F 173 -23.77 -12.64 -20.12
C THR F 173 -23.17 -13.71 -19.21
N PRO F 174 -22.09 -14.38 -19.61
CA PRO F 174 -21.53 -15.45 -18.78
C PRO F 174 -21.13 -14.94 -17.41
N ARG F 175 -21.31 -15.78 -16.39
CA ARG F 175 -21.12 -15.34 -15.02
C ARG F 175 -19.65 -15.29 -14.65
N SER F 176 -18.86 -14.63 -15.50
CA SER F 176 -17.48 -14.27 -15.18
C SER F 176 -17.16 -12.88 -15.71
N TRP F 177 -18.16 -12.13 -16.15
CA TRP F 177 -17.97 -10.83 -16.80
C TRP F 177 -18.34 -9.68 -15.87
N ASN F 178 -18.27 -9.88 -14.56
CA ASN F 178 -18.78 -8.85 -13.66
C ASN F 178 -17.79 -7.71 -13.49
N PHE F 179 -17.29 -7.22 -14.62
CA PHE F 179 -16.68 -5.91 -14.78
C PHE F 179 -17.51 -5.03 -15.70
N LEU F 180 -18.11 -5.63 -16.73
CA LEU F 180 -19.18 -4.97 -17.47
C LEU F 180 -20.41 -4.77 -16.58
N HIS F 181 -20.67 -5.71 -15.67
CA HIS F 181 -21.79 -5.56 -14.74
C HIS F 181 -21.60 -4.34 -13.85
N THR F 182 -20.38 -4.11 -13.37
CA THR F 182 -20.11 -2.91 -12.58
C THR F 182 -20.36 -1.65 -13.40
N LEU F 183 -19.95 -1.65 -14.66
CA LEU F 183 -20.19 -0.49 -15.51
C LEU F 183 -21.68 -0.25 -15.71
N SER F 184 -22.45 -1.32 -15.93
CA SER F 184 -23.88 -1.16 -16.13
C SER F 184 -24.57 -0.66 -14.86
N TRP F 185 -24.17 -1.19 -13.70
CA TRP F 185 -24.73 -0.70 -12.44
C TRP F 185 -24.40 0.76 -12.22
N VAL F 186 -23.16 1.16 -12.51
CA VAL F 186 -22.77 2.56 -12.37
C VAL F 186 -23.58 3.43 -13.31
N LEU F 187 -23.80 2.97 -14.54
CA LEU F 187 -24.61 3.73 -15.48
C LEU F 187 -26.04 3.90 -14.99
N ASN F 188 -26.63 2.83 -14.46
CA ASN F 188 -27.99 2.92 -13.94
C ASN F 188 -28.06 3.88 -12.76
N LEU F 189 -27.10 3.80 -11.85
CA LEU F 189 -27.08 4.70 -10.69
C LEU F 189 -26.93 6.15 -11.13
N PHE F 190 -26.05 6.42 -12.09
CA PHE F 190 -25.87 7.78 -12.57
C PHE F 190 -27.12 8.30 -13.26
N GLY F 191 -27.79 7.45 -14.05
CA GLY F 191 -29.03 7.85 -14.67
C GLY F 191 -30.09 8.20 -13.64
N ILE F 192 -30.22 7.38 -12.60
CA ILE F 192 -31.19 7.66 -11.54
C ILE F 192 -30.84 8.97 -10.84
N PHE F 193 -29.57 9.16 -10.51
CA PHE F 193 -29.15 10.35 -9.78
C PHE F 193 -29.41 11.61 -10.61
N PHE F 194 -29.12 11.55 -11.91
CA PHE F 194 -29.35 12.72 -12.75
C PHE F 194 -30.83 12.97 -12.97
N ILE F 195 -31.65 11.92 -13.06
CA ILE F 195 -33.09 12.11 -13.13
C ILE F 195 -33.58 12.82 -11.87
N LEU F 196 -33.09 12.39 -10.71
CA LEU F 196 -33.50 13.02 -9.46
C LEU F 196 -33.03 14.47 -9.38
N ALA F 197 -31.80 14.74 -9.81
CA ALA F 197 -31.21 16.08 -9.70
C ALA F 197 -31.64 17.01 -10.83
N ALA F 198 -32.37 16.51 -11.83
CA ALA F 198 -32.89 17.36 -12.89
C ALA F 198 -34.22 18.01 -12.53
N HIS F 199 -34.70 17.79 -11.31
CA HIS F 199 -36.00 18.32 -10.87
C HIS F 199 -37.12 17.91 -11.81
N GLU F 200 -37.08 16.66 -12.25
CA GLU F 200 -38.09 16.12 -13.15
C GLU F 200 -39.07 15.17 -12.48
N HIS F 201 -38.68 14.53 -11.38
CA HIS F 201 -39.54 13.59 -10.69
C HIS F 201 -39.19 13.56 -9.22
N TYR F 202 -40.17 13.17 -8.41
CA TYR F 202 -39.97 13.07 -6.97
C TYR F 202 -39.20 11.80 -6.62
N SER F 203 -38.69 11.75 -5.40
CA SER F 203 -37.87 10.62 -4.98
C SER F 203 -38.68 9.32 -4.94
N ILE F 204 -39.91 9.38 -4.42
CA ILE F 204 -40.72 8.18 -4.33
C ILE F 204 -41.06 7.65 -5.72
N ASP F 205 -41.20 8.55 -6.70
CA ASP F 205 -41.40 8.14 -8.09
C ASP F 205 -40.29 7.19 -8.54
N VAL F 206 -39.05 7.64 -8.38
CA VAL F 206 -37.90 6.85 -8.82
C VAL F 206 -37.81 5.56 -8.02
N PHE F 207 -38.03 5.64 -6.71
CA PHE F 207 -37.87 4.44 -5.88
C PHE F 207 -38.89 3.37 -6.26
N ILE F 208 -40.16 3.74 -6.41
CA ILE F 208 -41.15 2.73 -6.78
C ILE F 208 -40.91 2.24 -8.19
N ALA F 209 -40.45 3.09 -9.10
CA ALA F 209 -40.14 2.62 -10.45
C ALA F 209 -39.05 1.55 -10.41
N PHE F 210 -37.95 1.85 -9.72
CA PHE F 210 -36.84 0.90 -9.64
C PHE F 210 -37.27 -0.40 -8.98
N TYR F 211 -38.02 -0.29 -7.87
CA TYR F 211 -38.43 -1.50 -7.16
C TYR F 211 -39.36 -2.36 -8.00
N ILE F 212 -40.33 -1.74 -8.68
CA ILE F 212 -41.28 -2.53 -9.46
C ILE F 212 -40.60 -3.19 -10.64
N THR F 213 -39.65 -2.49 -11.30
CA THR F 213 -38.94 -3.13 -12.41
C THR F 213 -38.11 -4.30 -11.91
N THR F 214 -37.37 -4.12 -10.82
CA THR F 214 -36.55 -5.21 -10.30
C THR F 214 -37.41 -6.40 -9.91
N ARG F 215 -38.51 -6.15 -9.21
CA ARG F 215 -39.38 -7.23 -8.76
C ARG F 215 -39.98 -7.98 -9.93
N LEU F 216 -40.54 -7.27 -10.91
CA LEU F 216 -41.15 -7.94 -12.05
C LEU F 216 -40.11 -8.73 -12.83
N PHE F 217 -38.92 -8.17 -13.05
CA PHE F 217 -37.89 -8.86 -13.80
C PHE F 217 -37.47 -10.16 -13.10
N LEU F 218 -37.15 -10.06 -11.81
CA LEU F 218 -36.68 -11.25 -11.08
C LEU F 218 -37.79 -12.30 -10.97
N TYR F 219 -39.02 -11.86 -10.72
CA TYR F 219 -40.12 -12.81 -10.59
C TYR F 219 -40.38 -13.53 -11.91
N TYR F 220 -40.34 -12.81 -13.03
CA TYR F 220 -40.55 -13.45 -14.32
C TYR F 220 -39.42 -14.43 -14.62
N HIS F 221 -38.18 -14.07 -14.32
CA HIS F 221 -37.09 -15.00 -14.55
C HIS F 221 -37.21 -16.25 -13.70
N THR F 222 -37.57 -16.11 -12.43
CA THR F 222 -37.76 -17.28 -11.58
C THR F 222 -38.89 -18.16 -12.10
N LEU F 223 -40.01 -17.55 -12.50
CA LEU F 223 -41.13 -18.31 -13.03
C LEU F 223 -40.74 -19.07 -14.29
N ALA F 224 -40.01 -18.41 -15.20
CA ALA F 224 -39.61 -19.08 -16.43
C ALA F 224 -38.63 -20.20 -16.16
N ASN F 225 -37.68 -19.99 -15.23
CA ASN F 225 -36.69 -21.03 -14.95
C ASN F 225 -37.31 -22.23 -14.26
N THR F 226 -38.30 -22.01 -13.39
CA THR F 226 -38.94 -23.11 -12.69
C THR F 226 -39.98 -23.84 -13.53
N ARG F 227 -40.15 -23.46 -14.79
CA ARG F 227 -41.09 -24.08 -15.73
C ARG F 227 -42.44 -24.37 -15.07
N ALA F 228 -42.96 -23.36 -14.39
CA ALA F 228 -44.23 -23.47 -13.66
C ALA F 228 -45.44 -23.10 -14.52
N TYR F 229 -45.24 -22.80 -15.80
CA TYR F 229 -46.36 -22.43 -16.66
C TYR F 229 -47.29 -23.61 -16.91
N GLN F 230 -46.79 -24.83 -16.86
CA GLN F 230 -47.60 -26.01 -17.10
C GLN F 230 -47.39 -27.11 -16.07
N GLN F 231 -46.50 -26.93 -15.10
CA GLN F 231 -46.27 -27.96 -14.09
C GLN F 231 -47.53 -28.24 -13.29
N SER F 232 -48.23 -27.19 -12.87
CA SER F 232 -49.47 -27.33 -12.12
C SER F 232 -50.20 -25.99 -12.13
N ARG F 233 -51.46 -26.01 -11.71
CA ARG F 233 -52.25 -24.78 -11.57
C ARG F 233 -51.87 -24.10 -10.27
N ARG F 234 -50.68 -23.50 -10.28
CA ARG F 234 -50.11 -22.93 -9.06
C ARG F 234 -50.87 -21.67 -8.64
N ALA F 235 -50.86 -20.64 -9.48
CA ALA F 235 -51.46 -19.37 -9.09
C ALA F 235 -52.22 -18.69 -10.23
N ARG F 236 -52.36 -19.33 -11.40
CA ARG F 236 -53.02 -18.73 -12.56
C ARG F 236 -52.37 -17.39 -12.92
N ILE F 237 -51.12 -17.51 -13.38
CA ILE F 237 -50.20 -16.40 -13.62
C ILE F 237 -50.90 -15.25 -14.33
N TRP F 238 -50.63 -14.03 -13.87
CA TRP F 238 -51.34 -12.83 -14.31
C TRP F 238 -50.62 -12.08 -15.42
N PHE F 239 -49.61 -12.68 -16.04
CA PHE F 239 -48.84 -12.01 -17.09
C PHE F 239 -49.61 -12.04 -18.41
N PRO F 240 -49.89 -10.88 -19.03
CA PRO F 240 -50.37 -10.88 -20.41
C PRO F 240 -49.62 -11.84 -21.32
N MET F 241 -50.31 -12.87 -21.80
CA MET F 241 -49.79 -13.78 -22.81
C MET F 241 -48.43 -14.35 -22.42
N PHE F 242 -48.41 -15.09 -21.32
CA PHE F 242 -47.17 -15.73 -20.86
C PHE F 242 -47.08 -17.18 -21.31
N SER F 243 -48.17 -17.95 -21.16
CA SER F 243 -48.16 -19.34 -21.60
C SER F 243 -48.05 -19.46 -23.10
N PHE F 244 -48.62 -18.52 -23.85
CA PHE F 244 -48.50 -18.54 -25.31
C PHE F 244 -47.06 -18.32 -25.75
N PHE F 245 -46.32 -17.52 -25.00
CA PHE F 245 -45.03 -17.03 -25.44
C PHE F 245 -43.88 -17.96 -25.05
N GLU F 246 -43.98 -18.64 -23.91
CA GLU F 246 -42.87 -19.43 -23.37
C GLU F 246 -43.14 -20.93 -23.40
N CYS F 247 -44.22 -21.38 -24.05
CA CYS F 247 -44.56 -22.80 -24.01
C CYS F 247 -43.59 -23.65 -24.82
N ASN F 248 -43.06 -23.13 -25.93
CA ASN F 248 -42.25 -23.93 -26.84
C ASN F 248 -40.83 -24.15 -26.34
N VAL F 249 -40.39 -23.47 -25.28
CA VAL F 249 -39.05 -23.60 -24.75
C VAL F 249 -39.13 -24.27 -23.37
N ASN F 250 -38.31 -25.29 -23.16
CA ASN F 250 -38.29 -26.04 -21.92
C ASN F 250 -36.93 -25.88 -21.25
N GLY F 251 -36.95 -25.69 -19.94
CA GLY F 251 -35.72 -25.56 -19.19
C GLY F 251 -35.13 -24.16 -19.25
N THR F 252 -33.91 -24.06 -18.75
CA THR F 252 -33.19 -22.79 -18.69
C THR F 252 -32.42 -22.56 -19.97
N VAL F 253 -32.47 -21.32 -20.47
CA VAL F 253 -31.75 -20.96 -21.69
C VAL F 253 -30.26 -20.98 -21.41
N PRO F 254 -29.46 -21.70 -22.20
CA PRO F 254 -28.01 -21.74 -21.95
C PRO F 254 -27.30 -20.46 -22.38
N ASN F 255 -25.97 -20.46 -22.28
CA ASN F 255 -25.19 -19.29 -22.64
C ASN F 255 -24.21 -19.59 -23.76
N GLU F 256 -24.70 -20.26 -24.81
CA GLU F 256 -23.88 -20.55 -25.99
C GLU F 256 -23.97 -19.39 -26.96
N TYR F 257 -22.81 -18.88 -27.36
CA TYR F 257 -22.72 -17.73 -28.26
C TYR F 257 -22.10 -18.17 -29.58
N CYS F 258 -22.57 -17.55 -30.68
CA CYS F 258 -22.12 -17.91 -32.02
C CYS F 258 -21.97 -16.63 -32.84
N TRP F 259 -21.81 -16.80 -34.15
CA TRP F 259 -21.67 -15.69 -35.08
C TRP F 259 -22.59 -15.95 -36.27
N PRO F 260 -23.61 -15.11 -36.49
CA PRO F 260 -24.56 -15.40 -37.57
C PRO F 260 -24.01 -15.13 -38.97
N PHE F 261 -22.93 -14.37 -39.09
CA PHE F 261 -22.36 -14.08 -40.40
C PHE F 261 -21.50 -15.25 -40.87
N SER F 262 -21.72 -15.68 -42.11
CA SER F 262 -20.98 -16.79 -42.71
C SER F 262 -19.85 -16.31 -43.61
N LYS F 263 -19.33 -15.12 -43.37
CA LYS F 263 -18.25 -14.54 -44.18
C LYS F 263 -17.12 -14.11 -43.25
N PRO F 264 -16.23 -15.05 -42.87
CA PRO F 264 -15.11 -14.76 -41.97
C PRO F 264 -14.12 -13.77 -42.57
#